data_5UTZ
#
_entry.id   5UTZ
#
_cell.length_a   86.010
_cell.length_b   145.730
_cell.length_c   107.320
_cell.angle_alpha   90.00
_cell.angle_beta   95.38
_cell.angle_gamma   90.00
#
_symmetry.space_group_name_H-M   'P 1 21 1'
#
loop_
_entity.id
_entity.type
_entity.pdbx_description
1 polymer 'Fab 5111 heavy chain'
2 polymer 'Fab 5111 light chain'
3 polymer Interleukin-2
4 non-polymer GLYCEROL
5 water water
#
loop_
_entity_poly.entity_id
_entity_poly.type
_entity_poly.pdbx_seq_one_letter_code
_entity_poly.pdbx_strand_id
1 'polypeptide(L)'
;(PCA)LQLQESGPGLVKPSQTLSLTCTVSGGSISSGGYYWSWIRQHPGKGLEWIGYIYYSGSTYYNPSLKSRVTISVDTS
KNQFSLKLSSVTAADTAVYYCARTPTVTGDWFDPWGRGTLVTVSSASTKGPSVFPLAPSSKSTSGGTAALGCLVKDYFPE
PVTVSWNSGALTSGVHTFPAVLQSSGLYSLSSVVTVPSSSLGTQTYICNVNHKPSNTKVDKKVEPKSC
;
H,B,F,J
2 'polypeptide(L)'
;NFMLTQPHSVSESPGKTVTISCTRSSGSIASNYVQWYQQRPGSSPTTVIYEDNQRPSGVPDRFSGSIDSSSNSASLTISG
LKTEDEADYYCQSYDSSNVVFGGGTKLTVLGQPKAAPSVTLFPPSSEELQANKATLVCLISDFYPGAVTVAWKADSSPVK
AGVETTTPSKQSNNKYAASSYLSLTPEQWKSHRSYSCQVTHEGSTVEKTVAPTECS
;
L,C,G,K
3 'polypeptide(L)'
;APTSSSTKKTQLQLEHLLLDLQMILNGINNYKNPKLTRMLTFKFYMPKKATELKHLQCLEEELKPLEEVLNLAQSKNFHL
RPRDLISNINVIVLELKGSETTFMCEYADETATIVEFLNRWITFCQSIISTLT
;
D,A,E,I
#
# COMPACT_ATOMS: atom_id res chain seq x y z
N LEU A 2 -8.24 44.10 7.92
CA LEU A 2 -8.44 42.66 7.87
C LEU A 2 -9.50 42.24 8.87
N GLN A 3 -10.54 41.58 8.38
CA GLN A 3 -11.64 41.12 9.23
C GLN A 3 -12.02 39.68 8.86
N LEU A 4 -12.32 38.88 9.87
CA LEU A 4 -12.73 37.50 9.67
C LEU A 4 -14.16 37.29 10.13
N GLN A 5 -14.92 36.51 9.38
CA GLN A 5 -16.32 36.25 9.72
C GLN A 5 -16.69 34.79 9.58
N GLU A 6 -17.10 34.19 10.70
CA GLU A 6 -17.55 32.79 10.70
C GLU A 6 -18.97 32.68 10.17
N SER A 7 -19.24 31.59 9.44
CA SER A 7 -20.58 31.31 8.94
C SER A 7 -20.98 29.89 9.26
N GLY A 8 -22.05 29.74 10.03
CA GLY A 8 -22.53 28.42 10.43
C GLY A 8 -24.04 28.33 10.44
N PRO A 9 -24.58 27.16 10.81
CA PRO A 9 -26.01 26.92 10.80
C PRO A 9 -26.72 27.51 12.02
N GLY A 10 -25.98 27.71 13.11
CA GLY A 10 -26.56 28.22 14.34
C GLY A 10 -27.23 27.13 15.14
N LEU A 11 -27.99 26.28 14.47
CA LEU A 11 -28.69 25.17 15.11
C LEU A 11 -28.48 23.87 14.32
N VAL A 12 -27.94 22.87 14.99
CA VAL A 12 -27.67 21.57 14.35
C VAL A 12 -28.00 20.42 15.31
N LYS A 13 -28.59 19.36 14.78
CA LYS A 13 -28.93 18.20 15.60
C LYS A 13 -27.72 17.29 15.79
N PRO A 14 -27.65 16.61 16.94
CA PRO A 14 -26.58 15.65 17.25
C PRO A 14 -26.37 14.59 16.18
N SER A 15 -25.16 14.04 16.12
CA SER A 15 -24.74 13.00 15.16
C SER A 15 -24.59 13.54 13.73
N GLN A 16 -25.02 14.77 13.50
CA GLN A 16 -24.83 15.40 12.20
C GLN A 16 -23.43 15.99 12.09
N THR A 17 -23.05 16.42 10.89
CA THR A 17 -21.74 17.02 10.68
C THR A 17 -21.85 18.54 10.62
N LEU A 18 -21.12 19.22 11.51
CA LEU A 18 -21.11 20.68 11.55
C LEU A 18 -20.22 21.26 10.46
N SER A 19 -20.78 22.12 9.62
CA SER A 19 -20.01 22.76 8.56
C SER A 19 -19.92 24.27 8.77
N LEU A 20 -18.70 24.74 8.99
CA LEU A 20 -18.44 26.17 9.19
C LEU A 20 -17.58 26.71 8.05
N THR A 21 -17.64 28.02 7.84
CA THR A 21 -16.82 28.67 6.82
C THR A 21 -16.41 30.06 7.28
N CYS A 22 -15.11 30.36 7.18
CA CYS A 22 -14.61 31.67 7.53
C CYS A 22 -14.32 32.47 6.28
N THR A 23 -14.77 33.72 6.26
CA THR A 23 -14.56 34.58 5.10
C THR A 23 -13.60 35.73 5.43
N VAL A 24 -12.50 35.80 4.70
CA VAL A 24 -11.53 36.86 4.88
C VAL A 24 -11.85 38.07 4.02
N SER A 25 -12.04 39.21 4.67
CA SER A 25 -12.33 40.46 3.96
C SER A 25 -11.32 41.52 4.37
N GLY A 26 -11.00 42.43 3.45
CA GLY A 26 -10.02 43.46 3.72
C GLY A 26 -8.63 42.86 3.79
N GLY A 27 -8.52 41.65 3.26
CA GLY A 27 -7.27 40.90 3.24
C GLY A 27 -7.47 39.66 2.38
N SER A 28 -6.40 38.89 2.20
CA SER A 28 -6.48 37.68 1.39
C SER A 28 -5.62 36.57 1.96
N ILE A 29 -5.89 35.35 1.51
CA ILE A 29 -5.07 34.19 1.85
C ILE A 29 -4.02 34.04 0.74
N SER A 30 -3.15 35.04 0.65
CA SER A 30 -2.22 35.15 -0.47
C SER A 30 -0.74 35.00 -0.10
N SER A 31 -0.45 34.74 1.17
CA SER A 31 0.93 34.58 1.60
C SER A 31 1.11 33.38 2.51
N GLY A 32 2.34 32.86 2.54
CA GLY A 32 2.65 31.71 3.39
C GLY A 32 3.05 32.14 4.79
N GLY A 33 2.85 33.41 5.08
CA GLY A 33 3.18 33.97 6.38
C GLY A 33 2.26 33.56 7.50
N TYR A 34 1.14 32.94 7.19
CA TYR A 34 0.13 32.68 8.19
C TYR A 34 -0.53 31.29 8.11
N TYR A 35 -0.99 30.82 9.27
CA TYR A 35 -1.89 29.67 9.35
C TYR A 35 -3.31 30.21 9.52
N TRP A 36 -4.29 29.46 9.04
CA TRP A 36 -5.68 29.89 9.18
C TRP A 36 -6.47 28.90 10.06
N SER A 37 -6.86 29.38 11.24
CA SER A 37 -7.27 28.49 12.32
C SER A 37 -8.75 28.52 12.68
N TRP A 38 -9.17 27.49 13.39
CA TRP A 38 -10.50 27.40 13.96
C TRP A 38 -10.38 27.15 15.46
N ILE A 39 -11.08 27.97 16.25
CA ILE A 39 -11.07 27.82 17.70
C ILE A 39 -12.52 27.84 18.20
N ARG A 40 -12.81 27.08 19.24
CA ARG A 40 -14.17 27.04 19.78
C ARG A 40 -14.16 27.24 21.29
N GLN A 41 -15.33 27.59 21.84
CA GLN A 41 -15.47 27.85 23.26
C GLN A 41 -16.83 27.41 23.76
N HIS A 42 -16.87 26.31 24.50
CA HIS A 42 -18.10 25.84 25.10
C HIS A 42 -18.59 26.88 26.11
N PRO A 43 -19.90 27.18 26.10
CA PRO A 43 -20.50 28.20 26.97
C PRO A 43 -20.10 28.05 28.43
N GLY A 44 -19.41 29.06 28.96
CA GLY A 44 -18.97 29.06 30.34
C GLY A 44 -17.68 28.29 30.58
N LYS A 45 -17.08 27.81 29.51
CA LYS A 45 -15.80 27.09 29.61
C LYS A 45 -14.71 27.87 28.89
N GLY A 46 -13.53 27.26 28.78
CA GLY A 46 -12.39 27.94 28.20
C GLY A 46 -12.24 27.76 26.70
N LEU A 47 -11.16 28.32 26.16
CA LEU A 47 -10.90 28.23 24.73
C LEU A 47 -10.23 26.91 24.37
N GLU A 48 -10.59 26.36 23.22
CA GLU A 48 -10.00 25.12 22.75
C GLU A 48 -9.65 25.22 21.28
N TRP A 49 -8.37 25.00 20.97
CA TRP A 49 -7.90 25.00 19.60
C TRP A 49 -8.41 23.77 18.87
N ILE A 50 -8.93 23.97 17.66
CA ILE A 50 -9.45 22.87 16.86
C ILE A 50 -8.41 22.44 15.83
N GLY A 51 -7.93 23.42 15.07
CA GLY A 51 -6.87 23.17 14.11
C GLY A 51 -6.65 24.35 13.18
N TYR A 52 -5.58 24.32 12.40
CA TYR A 52 -5.41 25.31 11.34
C TYR A 52 -4.85 24.72 10.06
N ILE A 53 -4.94 25.51 9.00
CA ILE A 53 -4.51 25.07 7.68
C ILE A 53 -3.57 26.10 7.05
N TYR A 54 -2.61 25.60 6.27
CA TYR A 54 -1.69 26.44 5.52
C TYR A 54 -2.30 26.62 4.13
N TYR A 55 -1.96 27.72 3.45
CA TYR A 55 -2.60 28.01 2.17
C TYR A 55 -2.20 27.01 1.08
N SER A 56 -1.23 26.15 1.41
CA SER A 56 -0.88 25.02 0.56
C SER A 56 -1.97 23.97 0.59
N GLY A 57 -2.63 23.86 1.74
CA GLY A 57 -3.68 22.88 1.93
C GLY A 57 -3.40 21.96 3.09
N SER A 58 -2.14 21.98 3.54
CA SER A 58 -1.69 21.14 4.65
C SER A 58 -2.37 21.53 5.96
N THR A 59 -2.82 20.53 6.71
CA THR A 59 -3.60 20.77 7.91
C THR A 59 -2.90 20.32 9.19
N TYR A 60 -3.23 20.97 10.30
CA TYR A 60 -2.70 20.64 11.60
C TYR A 60 -3.82 20.67 12.62
N TYR A 61 -4.07 19.54 13.29
CA TYR A 61 -5.23 19.42 14.16
C TYR A 61 -4.89 19.21 15.63
N ASN A 62 -5.88 19.43 16.48
CA ASN A 62 -5.80 19.09 17.89
C ASN A 62 -5.93 17.57 18.03
N PRO A 63 -4.98 16.94 18.73
CA PRO A 63 -4.94 15.48 18.92
C PRO A 63 -6.25 14.92 19.46
N SER A 64 -6.94 15.69 20.29
CA SER A 64 -8.19 15.24 20.89
C SER A 64 -9.38 15.37 19.94
N LEU A 65 -9.20 16.13 18.86
CA LEU A 65 -10.28 16.36 17.90
C LEU A 65 -9.93 15.92 16.49
N LYS A 66 -8.69 15.46 16.31
CA LYS A 66 -8.17 15.10 14.99
C LYS A 66 -9.07 14.15 14.22
N SER A 67 -9.62 13.16 14.93
CA SER A 67 -10.41 12.11 14.30
C SER A 67 -11.80 12.58 13.87
N ARG A 68 -12.21 13.76 14.32
CA ARG A 68 -13.56 14.26 14.01
C ARG A 68 -13.54 15.51 13.13
N VAL A 69 -12.39 16.14 12.99
CA VAL A 69 -12.31 17.40 12.24
C VAL A 69 -11.69 17.24 10.85
N THR A 70 -12.04 18.17 9.96
CA THR A 70 -11.45 18.24 8.63
C THR A 70 -11.46 19.69 8.17
N ILE A 71 -10.29 20.24 7.87
CA ILE A 71 -10.19 21.64 7.46
C ILE A 71 -9.71 21.78 6.02
N SER A 72 -10.40 22.62 5.26
CA SER A 72 -10.03 22.89 3.87
C SER A 72 -9.92 24.39 3.64
N VAL A 73 -9.26 24.77 2.55
CA VAL A 73 -9.05 26.18 2.24
C VAL A 73 -9.40 26.50 0.78
N ASP A 74 -9.94 27.69 0.54
CA ASP A 74 -10.30 28.13 -0.80
C ASP A 74 -9.66 29.49 -1.08
N THR A 75 -8.44 29.46 -1.63
CA THR A 75 -7.68 30.68 -1.88
C THR A 75 -8.35 31.58 -2.93
N SER A 76 -9.15 30.97 -3.80
CA SER A 76 -9.83 31.72 -4.85
C SER A 76 -10.90 32.65 -4.27
N LYS A 77 -11.63 32.15 -3.29
CA LYS A 77 -12.69 32.91 -2.66
C LYS A 77 -12.24 33.51 -1.32
N ASN A 78 -10.97 33.26 -0.98
CA ASN A 78 -10.39 33.72 0.28
C ASN A 78 -11.17 33.22 1.48
N GLN A 79 -11.56 31.96 1.45
CA GLN A 79 -12.29 31.34 2.55
C GLN A 79 -11.63 30.03 2.96
N PHE A 80 -11.77 29.69 4.24
CA PHE A 80 -11.38 28.36 4.69
C PHE A 80 -12.47 27.82 5.60
N SER A 81 -12.70 26.51 5.53
CA SER A 81 -13.88 25.91 6.16
C SER A 81 -13.51 24.78 7.12
N LEU A 82 -14.47 24.42 7.97
CA LEU A 82 -14.27 23.35 8.95
C LEU A 82 -15.45 22.37 8.95
N LYS A 83 -15.14 21.08 9.09
CA LYS A 83 -16.18 20.07 9.23
C LYS A 83 -15.97 19.23 10.48
N LEU A 84 -16.97 19.24 11.36
CA LEU A 84 -16.90 18.50 12.62
C LEU A 84 -17.98 17.43 12.63
N SER A 85 -17.58 16.18 12.48
CA SER A 85 -18.52 15.07 12.31
C SER A 85 -19.07 14.54 13.63
N SER A 86 -20.28 13.98 13.55
CA SER A 86 -20.94 13.32 14.69
C SER A 86 -20.96 14.19 15.94
N VAL A 87 -21.61 15.34 15.84
CA VAL A 87 -21.64 16.29 16.94
C VAL A 87 -22.57 15.85 18.07
N THR A 88 -22.28 16.32 19.28
CA THR A 88 -23.14 16.10 20.43
C THR A 88 -23.35 17.42 21.16
N ALA A 89 -24.04 17.37 22.29
CA ALA A 89 -24.29 18.57 23.10
C ALA A 89 -22.98 19.15 23.62
N ALA A 90 -21.94 18.32 23.67
CA ALA A 90 -20.62 18.76 24.10
C ALA A 90 -19.96 19.65 23.05
N ASP A 91 -20.49 19.60 21.83
CA ASP A 91 -19.94 20.38 20.73
C ASP A 91 -20.63 21.74 20.58
N THR A 92 -21.66 21.97 21.38
CA THR A 92 -22.27 23.30 21.44
C THR A 92 -21.24 24.30 21.93
N ALA A 93 -20.96 25.31 21.11
CA ALA A 93 -19.94 26.29 21.43
C ALA A 93 -20.00 27.50 20.51
N VAL A 94 -19.29 28.55 20.89
CA VAL A 94 -19.03 29.66 19.98
C VAL A 94 -17.75 29.35 19.21
N TYR A 95 -17.88 29.21 17.89
CA TYR A 95 -16.74 28.84 17.06
C TYR A 95 -16.08 30.05 16.42
N TYR A 96 -14.78 30.19 16.67
CA TYR A 96 -13.99 31.29 16.12
C TYR A 96 -13.08 30.84 15.00
N CYS A 97 -12.95 31.66 13.97
CA CYS A 97 -11.87 31.51 13.02
C CYS A 97 -10.86 32.60 13.29
N ALA A 98 -9.58 32.30 13.15
CA ALA A 98 -8.54 33.28 13.47
C ALA A 98 -7.30 33.09 12.61
N ARG A 99 -6.40 34.06 12.69
CA ARG A 99 -5.16 34.02 11.92
C ARG A 99 -3.96 33.97 12.86
N THR A 100 -2.96 33.18 12.50
CA THR A 100 -1.75 33.07 13.30
C THR A 100 -0.52 32.97 12.40
N PRO A 101 0.56 33.70 12.76
CA PRO A 101 1.80 33.65 11.99
C PRO A 101 2.42 32.26 11.96
N THR A 102 3.17 31.98 10.91
CA THR A 102 3.93 30.74 10.81
C THR A 102 5.33 30.94 11.36
N VAL A 103 5.99 29.84 11.70
CA VAL A 103 7.39 29.85 12.13
C VAL A 103 7.62 30.55 13.47
N THR A 104 7.26 31.83 13.55
CA THR A 104 7.49 32.63 14.75
C THR A 104 6.79 32.07 15.99
N GLY A 105 5.68 31.37 15.77
CA GLY A 105 4.93 30.79 16.87
C GLY A 105 3.44 30.96 16.68
N ASP A 106 2.66 30.25 17.47
CA ASP A 106 1.21 30.31 17.36
C ASP A 106 0.63 31.46 18.20
N TRP A 107 0.12 32.47 17.51
CA TRP A 107 -0.49 33.62 18.16
C TRP A 107 -1.64 34.14 17.32
N PHE A 108 -2.85 34.09 17.88
CA PHE A 108 -4.05 34.36 17.10
C PHE A 108 -4.43 35.84 17.07
N ASP A 109 -4.22 36.46 15.91
CA ASP A 109 -4.59 37.85 15.68
C ASP A 109 -4.77 38.10 14.19
N PRO A 110 -5.96 38.56 13.78
CA PRO A 110 -7.09 38.83 14.67
C PRO A 110 -8.03 37.64 14.80
N TRP A 111 -9.09 37.81 15.60
CA TRP A 111 -10.12 36.81 15.72
C TRP A 111 -11.35 37.24 14.92
N GLY A 112 -12.18 36.29 14.54
CA GLY A 112 -13.46 36.61 13.94
C GLY A 112 -14.44 37.02 15.02
N ARG A 113 -15.66 37.34 14.64
CA ARG A 113 -16.67 37.72 15.62
C ARG A 113 -17.14 36.50 16.41
N GLY A 114 -16.97 35.32 15.83
CA GLY A 114 -17.41 34.09 16.47
C GLY A 114 -18.89 33.86 16.21
N THR A 115 -19.26 32.60 15.99
CA THR A 115 -20.67 32.26 15.79
C THR A 115 -21.09 31.17 16.78
N LEU A 116 -22.24 31.37 17.40
CA LEU A 116 -22.76 30.39 18.35
C LEU A 116 -23.43 29.23 17.64
N VAL A 117 -22.95 28.02 17.90
CA VAL A 117 -23.57 26.81 17.37
C VAL A 117 -24.27 26.05 18.48
N THR A 118 -25.57 25.86 18.32
CA THR A 118 -26.36 25.16 19.34
C THR A 118 -26.69 23.76 18.83
N VAL A 119 -26.19 22.75 19.55
CA VAL A 119 -26.45 21.37 19.18
C VAL A 119 -27.51 20.76 20.08
N SER A 120 -28.70 20.56 19.52
CA SER A 120 -29.79 19.94 20.26
C SER A 120 -30.82 19.32 19.31
N SER A 121 -31.43 18.22 19.75
CA SER A 121 -32.50 17.58 19.00
C SER A 121 -33.68 17.34 19.91
N ALA A 122 -34.05 18.37 20.67
CA ALA A 122 -35.11 18.25 21.66
C ALA A 122 -36.42 18.87 21.19
N SER A 123 -37.47 18.05 21.15
CA SER A 123 -38.80 18.54 20.83
C SER A 123 -39.35 19.35 22.00
N THR A 124 -40.42 20.09 21.76
CA THR A 124 -41.07 20.85 22.83
C THR A 124 -41.59 19.90 23.90
N LYS A 125 -41.15 20.11 25.14
CA LYS A 125 -41.58 19.26 26.25
C LYS A 125 -41.90 20.06 27.49
N GLY A 126 -43.04 19.77 28.12
CA GLY A 126 -43.42 20.41 29.35
C GLY A 126 -42.64 19.86 30.52
N PRO A 127 -42.42 20.67 31.55
CA PRO A 127 -41.64 20.25 32.71
C PRO A 127 -42.43 19.39 33.70
N SER A 128 -41.70 18.58 34.48
CA SER A 128 -42.28 17.92 35.62
C SER A 128 -41.88 18.72 36.87
N VAL A 129 -42.85 19.01 37.72
CA VAL A 129 -42.58 19.82 38.90
C VAL A 129 -42.59 18.99 40.18
N PHE A 130 -41.49 19.05 40.91
CA PHE A 130 -41.35 18.33 42.16
C PHE A 130 -41.14 19.31 43.30
N PRO A 131 -41.81 19.08 44.44
CA PRO A 131 -41.69 19.98 45.59
C PRO A 131 -40.37 19.80 46.34
N LEU A 132 -39.76 20.92 46.72
CA LEU A 132 -38.56 20.88 47.55
C LEU A 132 -38.93 21.25 48.97
N ALA A 133 -39.27 20.23 49.76
CA ALA A 133 -39.76 20.41 51.12
C ALA A 133 -38.71 21.03 52.02
N PRO A 134 -39.14 21.89 52.97
CA PRO A 134 -38.25 22.57 53.91
C PRO A 134 -37.66 21.64 54.99
N SER A 135 -36.88 22.21 55.89
CA SER A 135 -36.22 21.46 56.96
C SER A 135 -37.20 20.72 57.86
N SER A 136 -36.69 19.81 58.68
CA SER A 136 -37.52 19.01 59.56
C SER A 136 -37.60 19.55 60.99
N LYS A 137 -37.06 20.75 61.21
CA LYS A 137 -37.06 21.31 62.55
C LYS A 137 -37.68 22.71 62.61
N SER A 138 -37.86 23.21 63.83
CA SER A 138 -38.39 24.55 64.04
C SER A 138 -37.47 25.35 64.95
N THR A 139 -36.70 26.26 64.35
CA THR A 139 -35.76 27.08 65.10
C THR A 139 -36.36 28.44 65.45
N SER A 140 -36.21 28.83 66.72
CA SER A 140 -36.81 30.06 67.22
C SER A 140 -36.31 31.29 66.47
N GLY A 141 -37.21 31.91 65.71
CA GLY A 141 -36.87 33.07 64.91
C GLY A 141 -35.91 32.73 63.78
N GLY A 142 -36.00 31.50 63.31
CA GLY A 142 -35.16 31.04 62.22
C GLY A 142 -35.93 31.00 60.92
N THR A 143 -35.22 30.87 59.81
CA THR A 143 -35.86 30.80 58.50
C THR A 143 -35.73 29.40 57.90
N ALA A 144 -36.62 29.09 56.96
CA ALA A 144 -36.61 27.79 56.31
C ALA A 144 -36.65 27.96 54.80
N ALA A 145 -35.94 27.10 54.10
CA ALA A 145 -35.89 27.18 52.65
C ALA A 145 -36.75 26.09 52.02
N LEU A 146 -37.73 26.52 51.23
CA LEU A 146 -38.57 25.60 50.47
C LEU A 146 -38.56 26.02 49.01
N GLY A 147 -38.89 25.10 48.11
CA GLY A 147 -38.86 25.44 46.70
C GLY A 147 -39.54 24.47 45.76
N CYS A 148 -39.40 24.73 44.47
CA CYS A 148 -39.94 23.87 43.42
C CYS A 148 -38.85 23.52 42.42
N LEU A 149 -38.79 22.24 42.05
CA LEU A 149 -37.86 21.81 41.03
C LEU A 149 -38.59 21.70 39.69
N VAL A 150 -38.25 22.57 38.75
CA VAL A 150 -38.84 22.55 37.43
C VAL A 150 -37.92 21.73 36.52
N LYS A 151 -38.31 20.50 36.26
CA LYS A 151 -37.39 19.50 35.71
C LYS A 151 -37.72 19.10 34.27
N ASP A 152 -36.67 19.04 33.44
CA ASP A 152 -36.75 18.52 32.07
C ASP A 152 -37.81 19.20 31.21
N TYR A 153 -37.52 20.43 30.78
CA TYR A 153 -38.42 21.14 29.87
C TYR A 153 -37.66 21.72 28.69
N PHE A 154 -38.38 22.00 27.61
CA PHE A 154 -37.80 22.62 26.43
C PHE A 154 -38.87 23.24 25.55
N PRO A 155 -38.60 24.45 25.03
CA PRO A 155 -37.40 25.23 25.34
C PRO A 155 -37.64 26.26 26.44
N GLU A 156 -36.68 27.17 26.63
CA GLU A 156 -36.88 28.31 27.51
C GLU A 156 -37.95 29.22 26.91
N PRO A 157 -38.60 30.04 27.75
CA PRO A 157 -38.40 30.16 29.21
C PRO A 157 -39.46 29.45 30.04
N VAL A 158 -39.26 29.48 31.36
CA VAL A 158 -40.27 29.04 32.31
C VAL A 158 -40.46 30.12 33.36
N THR A 159 -41.71 30.53 33.56
CA THR A 159 -42.02 31.52 34.59
C THR A 159 -42.50 30.80 35.84
N VAL A 160 -42.03 31.27 37.00
CA VAL A 160 -42.45 30.70 38.27
C VAL A 160 -42.93 31.78 39.22
N SER A 161 -44.16 31.63 39.70
CA SER A 161 -44.70 32.52 40.71
C SER A 161 -45.12 31.73 41.94
N TRP A 162 -45.32 32.43 43.06
CA TRP A 162 -45.75 31.78 44.29
C TRP A 162 -47.04 32.37 44.82
N ASN A 163 -47.99 31.48 45.16
CA ASN A 163 -49.31 31.87 45.62
C ASN A 163 -49.99 32.83 44.66
N SER A 164 -49.90 32.51 43.36
CA SER A 164 -50.50 33.30 42.28
C SER A 164 -49.95 34.73 42.24
N GLY A 165 -48.75 34.92 42.78
CA GLY A 165 -48.11 36.22 42.77
C GLY A 165 -48.23 36.97 44.08
N ALA A 166 -48.90 36.37 45.05
CA ALA A 166 -49.09 37.00 46.36
C ALA A 166 -47.81 36.93 47.19
N LEU A 167 -46.96 35.96 46.88
CA LEU A 167 -45.70 35.79 47.60
C LEU A 167 -44.51 36.15 46.72
N THR A 168 -43.81 37.23 47.07
CA THR A 168 -42.67 37.70 46.29
C THR A 168 -41.42 37.88 47.14
N SER A 169 -41.61 38.21 48.41
CA SER A 169 -40.49 38.40 49.33
C SER A 169 -39.76 37.09 49.61
N GLY A 170 -38.45 37.11 49.43
CA GLY A 170 -37.61 35.95 49.68
C GLY A 170 -37.63 34.93 48.55
N VAL A 171 -38.26 35.31 47.43
CA VAL A 171 -38.33 34.42 46.28
C VAL A 171 -37.10 34.57 45.38
N HIS A 172 -36.43 33.45 45.13
CA HIS A 172 -35.26 33.45 44.25
C HIS A 172 -35.39 32.33 43.23
N THR A 173 -35.64 32.70 41.98
CA THR A 173 -35.70 31.72 40.90
C THR A 173 -34.38 31.70 40.16
N PHE A 174 -33.68 30.58 40.23
CA PHE A 174 -32.34 30.46 39.67
C PHE A 174 -32.39 30.17 38.18
N PRO A 175 -31.42 30.72 37.43
CA PRO A 175 -31.29 30.43 36.00
C PRO A 175 -31.17 28.93 35.76
N ALA A 176 -31.76 28.45 34.67
CA ALA A 176 -31.84 27.02 34.39
C ALA A 176 -30.48 26.41 34.07
N VAL A 177 -30.39 25.09 34.22
CA VAL A 177 -29.21 24.36 33.82
C VAL A 177 -29.53 23.59 32.55
N LEU A 178 -28.58 23.52 31.63
CA LEU A 178 -28.77 22.78 30.40
C LEU A 178 -28.19 21.38 30.54
N GLN A 179 -29.08 20.39 30.65
N GLN A 179 -29.07 20.39 30.68
CA GLN A 179 -28.67 19.00 30.82
CA GLN A 179 -28.66 19.00 30.83
C GLN A 179 -28.07 18.46 29.52
C GLN A 179 -28.07 18.47 29.53
N SER A 180 -27.32 17.37 29.62
CA SER A 180 -26.70 16.74 28.45
C SER A 180 -27.76 16.21 27.49
N SER A 181 -28.95 15.94 28.02
CA SER A 181 -30.07 15.45 27.22
C SER A 181 -30.62 16.56 26.31
N GLY A 182 -30.24 17.79 26.59
CA GLY A 182 -30.71 18.93 25.81
C GLY A 182 -31.88 19.62 26.47
N LEU A 183 -32.32 19.09 27.60
CA LEU A 183 -33.46 19.65 28.32
C LEU A 183 -33.01 20.55 29.45
N TYR A 184 -33.85 21.51 29.81
CA TYR A 184 -33.54 22.47 30.86
C TYR A 184 -34.14 22.08 32.20
N SER A 185 -33.52 22.57 33.28
CA SER A 185 -34.07 22.42 34.61
C SER A 185 -33.66 23.59 35.49
N LEU A 186 -34.64 24.20 36.17
CA LEU A 186 -34.34 25.27 37.11
C LEU A 186 -35.02 25.01 38.45
N SER A 187 -34.72 25.87 39.43
CA SER A 187 -35.34 25.77 40.74
C SER A 187 -35.69 27.17 41.25
N SER A 188 -36.83 27.26 41.92
CA SER A 188 -37.23 28.50 42.56
C SER A 188 -37.46 28.24 44.03
N VAL A 189 -36.79 29.01 44.89
CA VAL A 189 -36.95 28.84 46.32
C VAL A 189 -37.42 30.09 47.03
N VAL A 190 -38.12 29.90 48.13
CA VAL A 190 -38.56 31.00 48.98
C VAL A 190 -38.03 30.81 50.40
N THR A 191 -37.49 31.88 50.95
CA THR A 191 -37.05 31.87 52.35
C THR A 191 -38.16 32.44 53.22
N VAL A 192 -38.74 31.58 54.05
CA VAL A 192 -39.89 31.94 54.87
C VAL A 192 -39.59 31.74 56.34
N PRO A 193 -40.36 32.40 57.22
CA PRO A 193 -40.21 32.10 58.65
C PRO A 193 -40.56 30.65 58.94
N SER A 194 -39.76 29.99 59.78
CA SER A 194 -39.98 28.59 60.11
C SER A 194 -41.24 28.42 60.96
N SER A 195 -41.61 29.47 61.68
CA SER A 195 -42.80 29.46 62.52
C SER A 195 -44.08 29.38 61.70
N SER A 196 -44.00 29.74 60.43
CA SER A 196 -45.16 29.74 59.55
C SER A 196 -45.33 28.42 58.82
N LEU A 197 -44.46 27.46 59.12
CA LEU A 197 -44.53 26.15 58.47
C LEU A 197 -45.72 25.34 58.99
N GLY A 198 -46.44 24.72 58.07
CA GLY A 198 -47.60 23.90 58.40
C GLY A 198 -48.90 24.70 58.44
N THR A 199 -48.82 25.92 58.96
CA THR A 199 -50.01 26.78 59.06
C THR A 199 -50.19 27.60 57.80
N GLN A 200 -49.09 27.89 57.12
CA GLN A 200 -49.12 28.68 55.90
C GLN A 200 -49.02 27.79 54.67
N THR A 201 -49.82 28.09 53.66
CA THR A 201 -49.82 27.33 52.41
C THR A 201 -48.87 27.93 51.38
N TYR A 202 -47.95 27.12 50.88
CA TYR A 202 -47.02 27.55 49.85
C TYR A 202 -47.22 26.76 48.57
N ILE A 203 -47.54 27.45 47.49
CA ILE A 203 -47.81 26.83 46.20
C ILE A 203 -47.06 27.54 45.10
N CYS A 204 -46.26 26.81 44.32
CA CYS A 204 -45.57 27.39 43.18
C CYS A 204 -46.38 27.20 41.91
N ASN A 205 -46.46 28.27 41.11
CA ASN A 205 -47.19 28.22 39.85
C ASN A 205 -46.24 28.23 38.67
N VAL A 206 -46.06 27.07 38.04
CA VAL A 206 -45.14 26.95 36.92
C VAL A 206 -45.85 27.08 35.60
N ASN A 207 -45.38 27.99 34.76
CA ASN A 207 -45.98 28.20 33.44
C ASN A 207 -44.94 28.05 32.34
N HIS A 208 -45.19 27.12 31.42
CA HIS A 208 -44.30 26.89 30.29
C HIS A 208 -45.09 27.00 28.99
N LYS A 209 -45.19 28.22 28.48
CA LYS A 209 -46.00 28.51 27.29
C LYS A 209 -45.70 27.69 26.02
N PRO A 210 -44.41 27.40 25.72
CA PRO A 210 -44.15 26.62 24.51
C PRO A 210 -44.87 25.26 24.47
N SER A 211 -45.11 24.67 25.64
CA SER A 211 -45.78 23.38 25.70
C SER A 211 -47.18 23.52 26.30
N ASN A 212 -47.62 24.75 26.49
CA ASN A 212 -48.93 25.05 27.09
C ASN A 212 -49.09 24.34 28.43
N THR A 213 -48.01 24.29 29.20
CA THR A 213 -48.02 23.59 30.48
C THR A 213 -48.20 24.53 31.66
N LYS A 214 -49.24 24.27 32.45
CA LYS A 214 -49.48 25.03 33.67
C LYS A 214 -49.65 24.07 34.84
N VAL A 215 -48.72 24.15 35.79
CA VAL A 215 -48.69 23.22 36.92
C VAL A 215 -48.61 23.96 38.24
N ASP A 216 -49.53 23.67 39.14
CA ASP A 216 -49.49 24.21 40.50
C ASP A 216 -49.14 23.13 41.49
N LYS A 217 -47.96 23.24 42.10
CA LYS A 217 -47.49 22.24 43.04
C LYS A 217 -47.42 22.80 44.46
N LYS A 218 -48.18 22.19 45.36
CA LYS A 218 -48.17 22.60 46.77
C LYS A 218 -46.95 22.02 47.49
N VAL A 219 -46.21 22.88 48.17
CA VAL A 219 -45.02 22.46 48.89
C VAL A 219 -45.28 22.40 50.40
N GLU A 220 -45.44 21.19 50.92
CA GLU A 220 -45.71 21.00 52.34
C GLU A 220 -44.42 20.64 53.07
N PRO A 221 -44.34 20.95 54.37
CA PRO A 221 -43.17 20.60 55.19
C PRO A 221 -42.92 19.09 55.23
N LYS A 222 -41.67 18.70 55.50
CA LYS A 222 -41.34 17.28 55.56
C LYS A 222 -42.08 16.60 56.71
N SER A 223 -42.23 15.30 56.60
CA SER A 223 -42.99 14.53 57.58
C SER A 223 -42.19 14.38 58.87
N CYS A 224 -40.87 14.52 58.76
CA CYS A 224 -39.98 14.40 59.90
C CYS A 224 -40.16 15.58 60.86
N ASN B 1 2.58 17.30 24.13
CA ASN B 1 1.32 17.88 24.60
C ASN B 1 1.37 18.18 26.09
N PHE B 2 0.70 19.24 26.50
CA PHE B 2 0.70 19.65 27.90
C PHE B 2 -0.56 20.41 28.29
N MET B 3 -0.63 20.81 29.55
CA MET B 3 -1.74 21.63 30.05
C MET B 3 -1.21 22.94 30.63
N LEU B 4 -2.02 23.98 30.53
CA LEU B 4 -1.70 25.24 31.18
C LEU B 4 -2.71 25.52 32.29
N THR B 5 -2.24 25.51 33.52
CA THR B 5 -3.14 25.66 34.67
C THR B 5 -3.14 27.09 35.20
N GLN B 6 -4.30 27.73 35.12
CA GLN B 6 -4.48 29.07 35.67
C GLN B 6 -5.40 29.00 36.89
N PRO B 7 -5.25 29.96 37.82
CA PRO B 7 -6.26 30.06 38.88
C PRO B 7 -7.60 30.42 38.27
N HIS B 8 -8.68 29.87 38.83
N HIS B 8 -8.68 29.87 38.85
CA HIS B 8 -10.01 30.10 38.31
CA HIS B 8 -10.04 30.07 38.37
C HIS B 8 -10.39 31.57 38.39
C HIS B 8 -10.46 31.54 38.44
N SER B 9 -9.97 32.23 39.47
CA SER B 9 -10.25 33.65 39.65
C SER B 9 -9.18 34.35 40.47
N VAL B 10 -8.96 35.62 40.15
CA VAL B 10 -8.12 36.50 40.94
C VAL B 10 -8.87 37.82 41.09
N SER B 11 -8.60 38.55 42.15
CA SER B 11 -9.31 39.80 42.39
C SER B 11 -8.55 40.77 43.28
N GLU B 12 -8.65 42.05 42.95
CA GLU B 12 -8.08 43.10 43.79
C GLU B 12 -8.86 44.40 43.60
N SER B 13 -8.71 45.31 44.58
CA SER B 13 -9.35 46.61 44.51
C SER B 13 -8.64 47.49 43.50
N PRO B 14 -9.36 48.48 42.92
CA PRO B 14 -8.77 49.40 41.94
C PRO B 14 -7.49 50.08 42.41
N GLY B 15 -6.54 50.23 41.50
CA GLY B 15 -5.27 50.87 41.80
C GLY B 15 -4.18 49.93 42.28
N LYS B 16 -4.57 48.74 42.71
CA LYS B 16 -3.59 47.76 43.19
C LYS B 16 -3.05 46.92 42.05
N THR B 17 -2.22 45.93 42.39
CA THR B 17 -1.58 45.09 41.38
C THR B 17 -1.96 43.62 41.55
N VAL B 18 -2.36 42.99 40.46
CA VAL B 18 -2.77 41.59 40.48
C VAL B 18 -1.91 40.77 39.51
N THR B 19 -1.71 39.50 39.83
CA THR B 19 -0.89 38.62 38.99
C THR B 19 -1.60 37.30 38.70
N ILE B 20 -1.64 36.94 37.43
CA ILE B 20 -2.27 35.69 37.01
C ILE B 20 -1.21 34.71 36.50
N SER B 21 -1.08 33.58 37.18
CA SER B 21 -0.06 32.60 36.83
C SER B 21 -0.56 31.60 35.78
N CYS B 22 0.38 31.08 35.00
CA CYS B 22 0.07 30.09 33.97
C CYS B 22 1.13 28.99 33.98
N THR B 23 0.82 27.87 34.64
CA THR B 23 1.79 26.80 34.84
C THR B 23 1.69 25.72 33.77
N ARG B 24 2.84 25.41 33.17
CA ARG B 24 2.92 24.37 32.15
C ARG B 24 3.22 23.01 32.79
N SER B 25 2.42 22.02 32.44
CA SER B 25 2.52 20.70 33.07
C SER B 25 3.68 19.87 32.51
N SER B 26 3.95 20.01 31.22
CA SER B 26 4.98 19.21 30.58
C SER B 26 5.82 20.05 29.63
N GLY B 27 7.14 19.87 29.67
CA GLY B 27 8.04 20.63 28.83
C GLY B 27 8.39 21.98 29.42
N SER B 28 9.48 22.57 28.94
CA SER B 28 9.92 23.88 29.42
C SER B 28 9.06 24.99 28.82
N ILE B 29 8.62 25.91 29.68
CA ILE B 29 7.75 26.99 29.25
C ILE B 29 8.52 28.10 28.53
N ALA B 30 9.85 28.09 28.69
CA ALA B 30 10.70 29.07 28.02
C ALA B 30 11.03 28.61 26.60
N SER B 31 10.57 27.42 26.24
CA SER B 31 10.82 26.85 24.92
C SER B 31 9.81 27.34 23.90
N ASN B 32 8.66 27.80 24.37
CA ASN B 32 7.61 28.29 23.49
C ASN B 32 7.04 29.62 23.99
N TYR B 33 6.76 30.54 23.06
CA TYR B 33 6.20 31.84 23.40
C TYR B 33 4.85 31.70 24.11
N VAL B 34 4.61 32.56 25.09
CA VAL B 34 3.35 32.56 25.80
C VAL B 34 2.53 33.81 25.50
N GLN B 35 1.27 33.61 25.10
CA GLN B 35 0.38 34.71 24.79
C GLN B 35 -0.70 34.88 25.86
N TRP B 36 -1.18 36.10 26.02
CA TRP B 36 -2.27 36.38 26.95
C TRP B 36 -3.43 37.06 26.23
N TYR B 37 -4.61 36.45 26.32
CA TYR B 37 -5.79 37.01 25.67
C TYR B 37 -6.78 37.55 26.70
N GLN B 38 -7.36 38.71 26.42
CA GLN B 38 -8.42 39.26 27.23
C GLN B 38 -9.75 39.05 26.54
N GLN B 39 -10.73 38.55 27.27
CA GLN B 39 -12.06 38.33 26.70
C GLN B 39 -13.17 38.92 27.55
N ARG B 40 -13.88 39.88 26.99
CA ARG B 40 -15.07 40.44 27.63
C ARG B 40 -16.26 39.53 27.32
N PRO B 41 -17.24 39.48 28.23
CA PRO B 41 -18.40 38.60 28.05
C PRO B 41 -19.15 38.87 26.74
N GLY B 42 -19.37 37.81 25.97
CA GLY B 42 -20.09 37.90 24.71
C GLY B 42 -19.26 38.48 23.59
N SER B 43 -17.97 38.67 23.83
CA SER B 43 -17.07 39.27 22.85
C SER B 43 -15.92 38.34 22.48
N SER B 44 -15.24 38.65 21.38
CA SER B 44 -14.08 37.88 20.94
C SER B 44 -12.86 38.24 21.77
N PRO B 45 -11.90 37.29 21.89
CA PRO B 45 -10.67 37.57 22.63
C PRO B 45 -9.76 38.56 21.89
N THR B 46 -9.05 39.39 22.65
CA THR B 46 -8.05 40.28 22.08
C THR B 46 -6.72 40.06 22.78
N THR B 47 -5.63 40.48 22.14
CA THR B 47 -4.30 40.26 22.70
C THR B 47 -3.90 41.41 23.61
N VAL B 48 -3.42 41.09 24.80
CA VAL B 48 -2.84 42.08 25.69
C VAL B 48 -1.34 41.87 25.81
N ILE B 49 -0.92 40.62 25.71
CA ILE B 49 0.49 40.26 25.73
C ILE B 49 0.77 39.10 24.75
N TYR B 50 1.72 39.31 23.85
CA TYR B 50 2.16 38.24 22.97
C TYR B 50 3.66 38.05 23.12
N GLU B 51 4.15 36.87 22.77
CA GLU B 51 5.57 36.55 22.86
C GLU B 51 6.16 36.87 24.23
N ASP B 52 5.66 36.17 25.24
CA ASP B 52 6.13 36.30 26.63
C ASP B 52 5.85 37.67 27.25
N ASN B 53 6.37 38.73 26.65
CA ASN B 53 6.28 40.05 27.27
C ASN B 53 6.00 41.22 26.32
N GLN B 54 5.83 40.93 25.03
CA GLN B 54 5.57 41.99 24.07
C GLN B 54 4.14 42.53 24.20
N ARG B 55 4.00 43.83 23.98
CA ARG B 55 2.72 44.49 24.15
C ARG B 55 2.29 45.23 22.88
N PRO B 56 1.13 44.84 22.32
CA PRO B 56 0.55 45.45 21.12
C PRO B 56 0.23 46.93 21.30
N SER B 57 0.35 47.71 20.23
CA SER B 57 0.02 49.12 20.29
C SER B 57 -1.46 49.30 20.60
N GLY B 58 -1.75 50.06 21.66
CA GLY B 58 -3.12 50.25 22.10
C GLY B 58 -3.37 49.67 23.49
N VAL B 59 -2.55 48.69 23.86
CA VAL B 59 -2.64 48.08 25.18
C VAL B 59 -1.88 48.91 26.21
N PRO B 60 -2.55 49.30 27.30
CA PRO B 60 -1.95 50.14 28.33
C PRO B 60 -0.68 49.54 28.91
N ASP B 61 0.21 50.39 29.41
CA ASP B 61 1.49 49.93 29.96
C ASP B 61 1.32 49.14 31.24
N ARG B 62 0.11 49.17 31.80
CA ARG B 62 -0.20 48.43 33.02
C ARG B 62 -0.03 46.93 32.82
N PHE B 63 -0.19 46.48 31.58
CA PHE B 63 -0.06 45.07 31.25
C PHE B 63 1.38 44.70 30.93
N SER B 64 1.87 43.64 31.57
CA SER B 64 3.22 43.15 31.33
C SER B 64 3.28 41.63 31.53
N GLY B 65 4.13 40.97 30.75
CA GLY B 65 4.26 39.53 30.84
C GLY B 65 5.65 39.11 31.25
N SER B 66 5.73 37.95 31.92
CA SER B 66 7.01 37.41 32.36
C SER B 66 7.03 35.89 32.33
N ILE B 67 8.21 35.31 32.39
CA ILE B 67 8.36 33.86 32.38
C ILE B 67 9.23 33.41 33.55
N ASP B 68 8.76 32.41 34.30
CA ASP B 68 9.53 31.88 35.42
C ASP B 68 9.91 30.43 35.15
N SER B 69 11.18 30.22 34.84
CA SER B 69 11.67 28.88 34.51
C SER B 69 11.65 27.95 35.72
N SER B 70 11.86 28.51 36.91
CA SER B 70 11.91 27.75 38.15
C SER B 70 10.60 27.02 38.44
N SER B 71 9.50 27.75 38.37
CA SER B 71 8.19 27.16 38.66
C SER B 71 7.50 26.73 37.39
N ASN B 72 8.22 26.83 36.27
CA ASN B 72 7.70 26.47 34.95
C ASN B 72 6.39 27.18 34.64
N SER B 73 6.33 28.47 34.92
CA SER B 73 5.08 29.21 34.77
C SER B 73 5.23 30.52 34.00
N ALA B 74 4.09 31.03 33.53
CA ALA B 74 4.03 32.32 32.88
C ALA B 74 3.07 33.23 33.65
N SER B 75 3.45 34.50 33.82
CA SER B 75 2.65 35.40 34.65
C SER B 75 2.24 36.66 33.92
N LEU B 76 0.97 37.02 34.08
CA LEU B 76 0.43 38.27 33.60
C LEU B 76 0.22 39.21 34.77
N THR B 77 0.87 40.37 34.74
CA THR B 77 0.79 41.31 35.84
C THR B 77 0.13 42.61 35.41
N ILE B 78 -0.84 43.04 36.19
CA ILE B 78 -1.55 44.29 35.91
C ILE B 78 -1.42 45.24 37.09
N SER B 79 -0.81 46.40 36.85
CA SER B 79 -0.63 47.38 37.90
C SER B 79 -1.65 48.51 37.74
N GLY B 80 -1.99 49.17 38.84
CA GLY B 80 -2.99 50.21 38.80
C GLY B 80 -4.30 49.68 38.24
N LEU B 81 -4.87 48.68 38.90
CA LEU B 81 -6.05 47.99 38.39
C LEU B 81 -7.20 48.95 38.07
N LYS B 82 -7.80 48.76 36.91
CA LYS B 82 -8.94 49.56 36.48
C LYS B 82 -10.14 48.66 36.23
N THR B 83 -11.33 49.23 36.30
CA THR B 83 -12.56 48.47 36.10
C THR B 83 -12.63 47.87 34.70
N GLU B 84 -11.96 48.49 33.73
CA GLU B 84 -11.95 47.98 32.37
C GLU B 84 -11.14 46.68 32.29
N ASP B 85 -10.27 46.47 33.26
CA ASP B 85 -9.44 45.27 33.29
C ASP B 85 -10.22 44.05 33.74
N GLU B 86 -11.42 44.28 34.30
CA GLU B 86 -12.27 43.18 34.72
C GLU B 86 -12.75 42.38 33.52
N ALA B 87 -12.23 41.16 33.39
CA ALA B 87 -12.55 40.29 32.28
C ALA B 87 -12.00 38.89 32.52
N ASP B 88 -12.15 38.02 31.53
CA ASP B 88 -11.51 36.71 31.58
C ASP B 88 -10.16 36.80 30.87
N TYR B 89 -9.15 36.12 31.42
CA TYR B 89 -7.83 36.15 30.83
C TYR B 89 -7.31 34.74 30.57
N TYR B 90 -6.87 34.51 29.34
CA TYR B 90 -6.37 33.20 28.93
C TYR B 90 -4.90 33.26 28.54
N CYS B 91 -4.09 32.42 29.16
CA CYS B 91 -2.71 32.24 28.71
C CYS B 91 -2.71 31.20 27.61
N GLN B 92 -1.81 31.35 26.65
CA GLN B 92 -1.76 30.43 25.53
C GLN B 92 -0.33 30.23 25.03
N SER B 93 0.04 28.97 24.85
CA SER B 93 1.34 28.62 24.28
C SER B 93 1.14 27.55 23.22
N TYR B 94 2.24 26.94 22.78
CA TYR B 94 2.17 25.95 21.73
C TYR B 94 3.22 24.86 21.91
N ASP B 95 3.13 23.83 21.09
CA ASP B 95 3.99 22.66 21.20
C ASP B 95 4.24 22.10 19.81
N SER B 96 5.06 21.07 19.72
CA SER B 96 5.22 20.35 18.46
C SER B 96 3.95 19.56 18.19
N SER B 97 3.20 19.28 19.26
CA SER B 97 1.97 18.50 19.18
C SER B 97 0.75 19.32 18.82
N ASN B 98 0.49 20.39 19.57
CA ASN B 98 -0.67 21.24 19.33
C ASN B 98 -0.63 22.60 20.01
N VAL B 99 -1.70 23.35 19.87
CA VAL B 99 -1.86 24.65 20.54
C VAL B 99 -2.59 24.45 21.85
N VAL B 100 -2.06 25.01 22.93
CA VAL B 100 -2.63 24.81 24.26
C VAL B 100 -3.09 26.11 24.90
N PHE B 101 -4.39 26.16 25.26
CA PHE B 101 -4.94 27.26 26.02
C PHE B 101 -4.99 26.93 27.50
N GLY B 102 -4.92 27.96 28.33
CA GLY B 102 -5.12 27.78 29.77
C GLY B 102 -6.60 27.62 30.06
N GLY B 103 -6.93 27.27 31.29
CA GLY B 103 -8.31 27.06 31.68
C GLY B 103 -9.07 28.37 31.79
N GLY B 104 -8.34 29.48 31.83
CA GLY B 104 -8.95 30.79 31.93
C GLY B 104 -9.04 31.29 33.35
N THR B 105 -8.90 32.60 33.51
CA THR B 105 -8.98 33.23 34.82
C THR B 105 -9.89 34.44 34.80
N LYS B 106 -10.88 34.45 35.68
CA LYS B 106 -11.77 35.60 35.80
C LYS B 106 -11.17 36.62 36.74
N LEU B 107 -10.76 37.76 36.18
CA LEU B 107 -10.25 38.85 36.99
C LEU B 107 -11.40 39.75 37.43
N THR B 108 -11.52 39.95 38.73
CA THR B 108 -12.56 40.81 39.28
C THR B 108 -11.96 42.05 39.92
N VAL B 109 -12.44 43.22 39.49
CA VAL B 109 -12.05 44.47 40.13
C VAL B 109 -13.08 44.82 41.17
N LEU B 110 -12.70 44.67 42.44
CA LEU B 110 -13.63 44.79 43.57
C LEU B 110 -14.32 46.14 43.63
N GLY B 111 -15.64 46.11 43.50
CA GLY B 111 -16.47 47.31 43.63
C GLY B 111 -17.26 47.25 44.92
N GLN B 112 -17.31 46.05 45.50
CA GLN B 112 -17.98 45.82 46.77
C GLN B 112 -17.18 44.79 47.57
N PRO B 113 -17.35 44.77 48.91
CA PRO B 113 -16.63 43.80 49.75
C PRO B 113 -16.96 42.36 49.35
N LYS B 114 -15.98 41.46 49.47
CA LYS B 114 -16.18 40.07 49.12
C LYS B 114 -17.28 39.44 49.95
N ALA B 115 -18.12 38.62 49.31
CA ALA B 115 -19.22 37.96 50.01
C ALA B 115 -19.16 36.45 49.81
N ALA B 116 -19.23 35.73 50.91
CA ALA B 116 -19.27 34.27 50.87
C ALA B 116 -20.64 33.80 50.37
N PRO B 117 -20.66 32.71 49.59
CA PRO B 117 -21.92 32.21 49.03
C PRO B 117 -22.84 31.59 50.08
N SER B 118 -24.15 31.76 49.88
CA SER B 118 -25.13 31.07 50.70
C SER B 118 -25.57 29.82 49.97
N VAL B 119 -25.41 28.67 50.62
CA VAL B 119 -25.66 27.39 49.97
C VAL B 119 -26.84 26.65 50.60
N THR B 120 -27.76 26.19 49.76
CA THR B 120 -28.91 25.41 50.20
C THR B 120 -28.98 24.12 49.40
N LEU B 121 -28.97 22.99 50.10
CA LEU B 121 -28.96 21.70 49.43
C LEU B 121 -30.25 20.93 49.70
N PHE B 122 -30.93 20.55 48.63
CA PHE B 122 -32.17 19.79 48.74
C PHE B 122 -31.95 18.33 48.36
N PRO B 123 -32.48 17.41 49.19
CA PRO B 123 -32.46 15.98 48.86
C PRO B 123 -33.52 15.67 47.82
N PRO B 124 -33.43 14.49 47.16
CA PRO B 124 -34.47 14.10 46.21
C PRO B 124 -35.85 14.08 46.84
N SER B 125 -36.84 14.64 46.16
CA SER B 125 -38.20 14.68 46.69
C SER B 125 -38.82 13.29 46.70
N SER B 126 -39.79 13.08 47.58
CA SER B 126 -40.50 11.82 47.66
C SER B 126 -41.22 11.53 46.34
N GLU B 127 -41.73 12.58 45.71
CA GLU B 127 -42.44 12.45 44.44
C GLU B 127 -41.53 12.01 43.31
N GLU B 128 -40.30 12.50 43.30
CA GLU B 128 -39.34 12.15 42.26
C GLU B 128 -38.82 10.72 42.44
N LEU B 129 -38.61 10.33 43.70
CA LEU B 129 -38.13 8.98 44.01
C LEU B 129 -39.12 7.92 43.59
N GLN B 130 -40.41 8.22 43.74
CA GLN B 130 -41.47 7.30 43.29
C GLN B 130 -41.53 7.21 41.78
N ALA B 131 -40.95 8.21 41.11
CA ALA B 131 -40.88 8.20 39.66
C ALA B 131 -39.59 7.55 39.18
N ASN B 132 -38.95 6.83 40.10
CA ASN B 132 -37.70 6.10 39.83
C ASN B 132 -36.61 7.04 39.32
N LYS B 133 -36.56 8.23 39.90
CA LYS B 133 -35.52 9.20 39.58
C LYS B 133 -35.08 9.91 40.86
N ALA B 134 -33.96 10.62 40.80
CA ALA B 134 -33.44 11.33 41.96
C ALA B 134 -32.56 12.50 41.54
N THR B 135 -32.86 13.69 42.05
CA THR B 135 -32.08 14.87 41.75
C THR B 135 -31.74 15.65 43.02
N LEU B 136 -30.46 15.86 43.25
CA LEU B 136 -30.01 16.70 44.36
C LEU B 136 -29.77 18.11 43.86
N VAL B 137 -30.44 19.08 44.49
CA VAL B 137 -30.39 20.45 44.03
C VAL B 137 -29.59 21.35 44.98
N CYS B 138 -28.41 21.76 44.53
CA CYS B 138 -27.57 22.65 45.33
C CYS B 138 -27.68 24.09 44.83
N LEU B 139 -28.26 24.95 45.64
CA LEU B 139 -28.47 26.34 45.24
C LEU B 139 -27.47 27.28 45.92
N ILE B 140 -26.77 28.04 45.09
CA ILE B 140 -25.69 28.91 45.54
C ILE B 140 -25.99 30.36 45.20
N SER B 141 -25.95 31.26 46.18
CA SER B 141 -26.34 32.65 45.95
C SER B 141 -25.56 33.66 46.78
N ASP B 142 -25.67 34.92 46.37
CA ASP B 142 -25.11 36.06 47.08
C ASP B 142 -23.61 35.98 47.31
N PHE B 143 -22.86 35.53 46.30
CA PHE B 143 -21.41 35.52 46.41
C PHE B 143 -20.73 36.50 45.46
N TYR B 144 -19.59 37.00 45.89
CA TYR B 144 -18.79 37.95 45.12
C TYR B 144 -17.32 37.80 45.53
N PRO B 145 -16.41 37.70 44.54
CA PRO B 145 -16.63 37.75 43.08
C PRO B 145 -17.40 36.55 42.52
N GLY B 146 -17.85 36.66 41.28
CA GLY B 146 -18.68 35.66 40.65
C GLY B 146 -17.93 34.48 40.08
N ALA B 147 -17.25 33.73 40.94
CA ALA B 147 -16.53 32.55 40.51
C ALA B 147 -16.45 31.54 41.66
N VAL B 148 -17.07 30.39 41.46
CA VAL B 148 -17.01 29.32 42.45
C VAL B 148 -16.75 27.97 41.78
N THR B 149 -16.26 27.03 42.58
CA THR B 149 -16.10 25.66 42.12
C THR B 149 -16.97 24.73 42.95
N VAL B 150 -17.68 23.82 42.30
CA VAL B 150 -18.59 22.92 42.99
C VAL B 150 -18.13 21.47 42.88
N ALA B 151 -18.00 20.81 44.03
CA ALA B 151 -17.63 19.41 44.07
C ALA B 151 -18.62 18.62 44.92
N TRP B 152 -19.06 17.48 44.40
CA TRP B 152 -20.02 16.65 45.13
C TRP B 152 -19.31 15.48 45.81
N LYS B 153 -19.82 15.11 46.98
CA LYS B 153 -19.26 14.00 47.75
C LYS B 153 -20.32 12.99 48.19
N ALA B 154 -20.12 11.73 47.81
CA ALA B 154 -20.92 10.64 48.36
C ALA B 154 -20.23 10.11 49.61
N ASP B 155 -20.85 10.32 50.78
CA ASP B 155 -20.21 10.09 52.06
C ASP B 155 -18.93 10.90 52.15
N SER B 156 -17.80 10.27 51.83
CA SER B 156 -16.52 10.96 51.78
C SER B 156 -15.86 10.79 50.42
N SER B 157 -16.51 10.04 49.54
CA SER B 157 -15.96 9.78 48.21
C SER B 157 -16.46 10.81 47.20
N PRO B 158 -15.56 11.29 46.34
CA PRO B 158 -15.86 12.28 45.30
C PRO B 158 -16.82 11.75 44.24
N VAL B 159 -17.72 12.62 43.76
CA VAL B 159 -18.62 12.26 42.68
C VAL B 159 -18.50 13.27 41.54
N LYS B 160 -18.18 12.78 40.35
CA LYS B 160 -18.01 13.65 39.20
C LYS B 160 -19.10 13.38 38.17
N ALA B 161 -19.59 12.15 38.14
CA ALA B 161 -20.60 11.73 37.18
C ALA B 161 -22.00 12.19 37.61
N GLY B 162 -22.79 12.66 36.66
CA GLY B 162 -24.15 13.06 36.92
C GLY B 162 -24.25 14.47 37.45
N VAL B 163 -23.16 15.22 37.33
CA VAL B 163 -23.11 16.59 37.85
C VAL B 163 -23.25 17.62 36.73
N GLU B 164 -24.23 18.51 36.89
CA GLU B 164 -24.41 19.64 35.98
C GLU B 164 -24.43 20.94 36.78
N THR B 165 -23.51 21.84 36.46
CA THR B 165 -23.40 23.10 37.20
C THR B 165 -23.53 24.31 36.28
N THR B 166 -24.34 25.27 36.69
CA THR B 166 -24.52 26.49 35.90
C THR B 166 -23.35 27.42 36.09
N THR B 167 -23.12 28.29 35.11
CA THR B 167 -22.15 29.36 35.25
C THR B 167 -22.80 30.52 35.99
N PRO B 168 -22.07 31.10 36.97
CA PRO B 168 -22.61 32.17 37.82
C PRO B 168 -23.10 33.38 37.01
N SER B 169 -24.23 33.95 37.44
CA SER B 169 -24.81 35.10 36.77
C SER B 169 -25.13 36.19 37.78
N LYS B 170 -25.00 37.44 37.37
CA LYS B 170 -25.23 38.59 38.24
C LYS B 170 -26.68 38.66 38.72
N GLN B 171 -26.86 39.00 39.99
CA GLN B 171 -28.18 39.22 40.56
C GLN B 171 -28.54 40.70 40.49
N SER B 172 -29.60 41.09 41.17
CA SER B 172 -30.00 42.49 41.23
C SER B 172 -29.01 43.29 42.09
N ASN B 173 -28.53 42.66 43.16
CA ASN B 173 -27.60 43.29 44.09
C ASN B 173 -26.15 43.19 43.63
N ASN B 174 -25.96 42.92 42.34
CA ASN B 174 -24.64 42.82 41.72
C ASN B 174 -23.78 41.69 42.28
N LYS B 175 -24.38 40.84 43.10
CA LYS B 175 -23.74 39.59 43.50
C LYS B 175 -24.09 38.52 42.48
N TYR B 176 -23.68 37.28 42.76
CA TYR B 176 -23.87 36.21 41.78
C TYR B 176 -24.66 35.03 42.34
N ALA B 177 -25.30 34.29 41.43
CA ALA B 177 -26.05 33.10 41.81
C ALA B 177 -25.69 31.95 40.87
N ALA B 178 -25.74 30.74 41.41
CA ALA B 178 -25.46 29.55 40.62
C ALA B 178 -26.14 28.34 41.25
N SER B 179 -26.27 27.26 40.48
CA SER B 179 -26.88 26.04 40.97
C SER B 179 -26.20 24.80 40.41
N SER B 180 -26.16 23.75 41.21
CA SER B 180 -25.54 22.49 40.81
C SER B 180 -26.50 21.33 41.02
N TYR B 181 -26.62 20.47 40.02
CA TYR B 181 -27.53 19.34 40.09
C TYR B 181 -26.80 18.00 40.02
N LEU B 182 -27.05 17.15 40.99
CA LEU B 182 -26.49 15.80 40.99
C LEU B 182 -27.56 14.77 40.64
N SER B 183 -27.52 14.27 39.42
CA SER B 183 -28.48 13.25 38.99
C SER B 183 -28.11 11.88 39.54
N LEU B 184 -29.06 11.23 40.18
CA LEU B 184 -28.83 9.94 40.81
C LEU B 184 -29.97 8.97 40.55
N THR B 185 -29.67 7.69 40.65
CA THR B 185 -30.72 6.67 40.71
C THR B 185 -31.13 6.56 42.17
N PRO B 186 -32.41 6.22 42.43
CA PRO B 186 -32.89 6.06 43.80
C PRO B 186 -32.03 5.08 44.60
N GLU B 187 -31.52 4.07 43.92
CA GLU B 187 -30.66 3.07 44.54
C GLU B 187 -29.34 3.68 45.00
N GLN B 188 -28.73 4.50 44.15
CA GLN B 188 -27.49 5.19 44.51
C GLN B 188 -27.69 6.13 45.70
N TRP B 189 -28.84 6.81 45.72
CA TRP B 189 -29.19 7.74 46.79
C TRP B 189 -29.32 7.03 48.13
N LYS B 190 -30.00 5.89 48.12
CA LYS B 190 -30.24 5.13 49.35
C LYS B 190 -29.02 4.34 49.78
N SER B 191 -28.08 4.13 48.86
CA SER B 191 -26.93 3.28 49.14
C SER B 191 -25.85 4.02 49.92
N HIS B 192 -26.05 5.32 50.11
CA HIS B 192 -25.08 6.12 50.84
C HIS B 192 -25.69 6.73 52.10
N ARG B 193 -24.83 6.96 53.09
CA ARG B 193 -25.26 7.54 54.37
C ARG B 193 -25.63 9.01 54.21
N SER B 194 -24.91 9.69 53.32
CA SER B 194 -25.15 11.10 53.07
C SER B 194 -24.48 11.56 51.78
N TYR B 195 -24.99 12.64 51.20
CA TYR B 195 -24.37 13.28 50.05
C TYR B 195 -24.08 14.74 50.40
N SER B 196 -23.00 15.28 49.86
CA SER B 196 -22.59 16.64 50.20
C SER B 196 -22.34 17.51 48.97
N CYS B 197 -22.68 18.79 49.11
CA CYS B 197 -22.38 19.78 48.10
C CYS B 197 -21.33 20.76 48.63
N GLN B 198 -20.14 20.71 48.03
CA GLN B 198 -19.04 21.55 48.49
C GLN B 198 -18.77 22.69 47.53
N VAL B 199 -19.02 23.91 48.01
CA VAL B 199 -18.80 25.11 47.20
C VAL B 199 -17.56 25.86 47.64
N THR B 200 -16.58 25.94 46.76
CA THR B 200 -15.33 26.65 47.06
C THR B 200 -15.34 28.04 46.45
N HIS B 201 -15.11 29.05 47.29
CA HIS B 201 -15.14 30.44 46.86
C HIS B 201 -14.00 31.22 47.50
N GLU B 202 -13.12 31.78 46.67
CA GLU B 202 -11.96 32.55 47.12
C GLU B 202 -11.11 31.75 48.09
N GLY B 203 -10.98 30.45 47.84
CA GLY B 203 -10.16 29.59 48.68
C GLY B 203 -10.90 28.98 49.84
N SER B 204 -12.07 29.52 50.15
CA SER B 204 -12.88 29.04 51.27
C SER B 204 -13.99 28.11 50.77
N THR B 205 -14.24 27.04 51.52
CA THR B 205 -15.22 26.05 51.12
C THR B 205 -16.45 26.04 52.02
N VAL B 206 -17.62 26.20 51.41
CA VAL B 206 -18.88 26.11 52.13
C VAL B 206 -19.56 24.79 51.79
N GLU B 207 -19.90 24.01 52.81
CA GLU B 207 -20.42 22.67 52.61
C GLU B 207 -21.81 22.45 53.20
N LYS B 208 -22.68 21.82 52.43
CA LYS B 208 -24.00 21.39 52.92
C LYS B 208 -24.18 19.89 52.71
N THR B 209 -24.92 19.26 53.61
CA THR B 209 -25.06 17.80 53.57
C THR B 209 -26.51 17.36 53.79
N VAL B 210 -26.96 16.42 52.97
CA VAL B 210 -28.29 15.83 53.11
C VAL B 210 -28.21 14.32 53.22
N ALA B 211 -29.18 13.71 53.88
CA ALA B 211 -29.19 12.26 54.09
C ALA B 211 -30.53 11.64 53.71
N PRO B 212 -30.51 10.39 53.23
CA PRO B 212 -31.73 9.69 52.82
C PRO B 212 -32.54 9.18 53.99
N THR B 213 -33.29 10.08 54.64
CA THR B 213 -34.12 9.71 55.78
C THR B 213 -35.59 9.81 55.42
N GLU B 214 -36.21 8.67 55.14
CA GLU B 214 -37.63 8.65 54.79
C GLU B 214 -38.51 8.47 56.01
N CYS B 215 -39.56 9.26 56.09
CA CYS B 215 -40.51 9.20 57.20
C CYS B 215 -41.81 9.87 56.81
N SER C 5 -6.30 10.90 -11.58
CA SER C 5 -7.46 11.56 -12.18
C SER C 5 -7.05 12.50 -13.30
N SER C 6 -7.68 13.67 -13.35
CA SER C 6 -7.38 14.66 -14.38
C SER C 6 -5.95 15.19 -14.23
N THR C 7 -5.44 15.78 -15.31
CA THR C 7 -4.09 16.35 -15.31
C THR C 7 -4.00 17.50 -14.30
N LYS C 8 -5.13 18.15 -14.06
CA LYS C 8 -5.20 19.27 -13.13
C LYS C 8 -4.96 18.83 -11.70
N LYS C 9 -5.42 17.64 -11.34
CA LYS C 9 -5.24 17.12 -9.98
C LYS C 9 -3.77 16.91 -9.64
N THR C 10 -3.01 16.37 -10.59
CA THR C 10 -1.58 16.17 -10.42
C THR C 10 -0.90 17.52 -10.23
N GLN C 11 -1.31 18.49 -11.03
CA GLN C 11 -0.79 19.85 -10.95
C GLN C 11 -1.09 20.47 -9.59
N LEU C 12 -2.28 20.20 -9.06
CA LEU C 12 -2.68 20.72 -7.75
C LEU C 12 -1.88 20.09 -6.63
N GLN C 13 -1.62 18.79 -6.75
CA GLN C 13 -0.85 18.05 -5.74
C GLN C 13 0.61 18.50 -5.70
N LEU C 14 1.15 18.85 -6.87
CA LEU C 14 2.54 19.26 -6.97
C LEU C 14 2.78 20.62 -6.34
N GLU C 15 1.89 21.56 -6.58
CA GLU C 15 2.02 22.90 -6.02
C GLU C 15 1.79 22.88 -4.52
N HIS C 16 0.94 21.97 -4.06
CA HIS C 16 0.74 21.73 -2.63
C HIS C 16 2.06 21.29 -2.01
N LEU C 17 2.71 20.31 -2.64
CA LEU C 17 4.02 19.84 -2.23
C LEU C 17 5.05 20.97 -2.31
N LEU C 18 5.04 21.67 -3.44
CA LEU C 18 5.95 22.78 -3.68
C LEU C 18 5.89 23.83 -2.57
N LEU C 19 4.69 24.26 -2.24
CA LEU C 19 4.50 25.30 -1.23
C LEU C 19 4.98 24.86 0.15
N ASP C 20 4.76 23.59 0.48
CA ASP C 20 5.19 23.05 1.77
C ASP C 20 6.71 23.00 1.86
N LEU C 21 7.36 22.63 0.77
CA LEU C 21 8.81 22.61 0.70
C LEU C 21 9.37 24.02 0.79
N GLN C 22 8.67 24.96 0.16
CA GLN C 22 9.08 26.36 0.17
C GLN C 22 8.87 26.98 1.54
N MET C 23 7.88 26.49 2.27
CA MET C 23 7.63 26.95 3.62
C MET C 23 8.81 26.63 4.53
N ILE C 24 9.33 25.42 4.40
CA ILE C 24 10.50 25.00 5.16
C ILE C 24 11.71 25.84 4.78
N LEU C 25 11.93 26.00 3.48
CA LEU C 25 13.05 26.77 2.97
C LEU C 25 13.01 28.23 3.43
N ASN C 26 11.87 28.89 3.25
CA ASN C 26 11.72 30.28 3.63
C ASN C 26 11.84 30.49 5.13
N GLY C 27 11.39 29.50 5.90
CA GLY C 27 11.51 29.53 7.35
C GLY C 27 12.96 29.46 7.79
N ILE C 28 13.73 28.63 7.10
CA ILE C 28 15.14 28.44 7.43
C ILE C 28 15.99 29.66 7.05
N ASN C 29 15.73 30.22 5.88
CA ASN C 29 16.49 31.38 5.39
C ASN C 29 16.31 32.60 6.29
N ASN C 30 15.09 32.83 6.75
CA ASN C 30 14.79 33.97 7.62
C ASN C 30 15.13 33.69 9.08
N TYR C 31 15.48 32.44 9.38
CA TYR C 31 15.88 32.05 10.73
C TYR C 31 17.22 32.68 11.09
N LYS C 32 17.29 33.27 12.29
CA LYS C 32 18.50 33.90 12.78
C LYS C 32 18.84 33.36 14.16
N ASN C 33 19.86 32.51 14.22
CA ASN C 33 20.25 31.86 15.47
C ASN C 33 21.74 31.58 15.51
N PRO C 34 22.36 31.68 16.69
CA PRO C 34 23.79 31.38 16.83
C PRO C 34 24.13 29.93 16.54
N LYS C 35 23.35 29.01 17.09
CA LYS C 35 23.60 27.57 16.92
C LYS C 35 22.83 27.00 15.73
N LEU C 36 22.45 27.89 14.81
CA LEU C 36 21.71 27.51 13.62
C LEU C 36 22.54 26.62 12.68
N THR C 37 23.86 26.75 12.77
CA THR C 37 24.77 26.05 11.86
C THR C 37 24.67 24.52 12.00
N ARG C 38 24.23 24.07 13.18
CA ARG C 38 24.03 22.65 13.45
C ARG C 38 23.07 22.00 12.45
N MET C 39 22.03 22.75 12.10
CA MET C 39 21.00 22.28 11.18
C MET C 39 21.46 22.21 9.73
N LEU C 40 22.41 23.07 9.38
CA LEU C 40 22.85 23.20 8.00
C LEU C 40 23.97 22.24 7.59
N THR C 41 24.74 21.78 8.56
CA THR C 41 25.87 20.91 8.27
C THR C 41 25.42 19.49 7.90
N PHE C 42 24.23 19.11 8.37
CA PHE C 42 23.70 17.77 8.11
C PHE C 42 23.57 17.48 6.63
N LYS C 43 24.04 16.31 6.22
CA LYS C 43 24.02 15.93 4.81
C LYS C 43 22.77 15.15 4.44
N PHE C 44 22.21 15.48 3.28
CA PHE C 44 21.01 14.82 2.77
C PHE C 44 21.35 14.08 1.49
N TYR C 45 20.74 12.92 1.29
CA TYR C 45 20.99 12.15 0.08
C TYR C 45 20.19 12.74 -1.07
N MET C 46 20.83 12.87 -2.23
CA MET C 46 20.24 13.52 -3.38
C MET C 46 19.95 12.54 -4.51
N PRO C 47 18.89 12.81 -5.29
CA PRO C 47 18.57 11.95 -6.44
C PRO C 47 19.55 12.20 -7.58
N LYS C 48 19.94 11.14 -8.28
CA LYS C 48 20.80 11.27 -9.44
C LYS C 48 20.08 12.02 -10.56
N LYS C 49 18.87 11.56 -10.88
CA LYS C 49 18.04 12.22 -11.87
C LYS C 49 16.61 12.37 -11.36
N ALA C 50 16.09 13.59 -11.46
CA ALA C 50 14.71 13.88 -11.05
C ALA C 50 13.89 14.36 -12.23
N THR C 51 13.38 13.43 -13.03
CA THR C 51 12.71 13.76 -14.27
C THR C 51 11.20 13.53 -14.23
N GLU C 52 10.78 12.45 -13.57
CA GLU C 52 9.35 12.15 -13.44
C GLU C 52 8.92 11.87 -12.01
N LEU C 53 7.61 11.70 -11.82
CA LEU C 53 7.02 11.50 -10.51
C LEU C 53 7.57 10.27 -9.78
N LYS C 54 7.95 9.25 -10.54
CA LYS C 54 8.45 8.00 -9.97
C LYS C 54 9.75 8.21 -9.19
N HIS C 55 10.45 9.30 -9.50
CA HIS C 55 11.68 9.65 -8.81
C HIS C 55 11.48 10.27 -7.44
N LEU C 56 10.23 10.47 -7.03
CA LEU C 56 9.93 11.03 -5.72
C LEU C 56 10.24 10.08 -4.56
N GLN C 57 10.60 8.85 -4.88
CA GLN C 57 11.04 7.89 -3.87
C GLN C 57 12.27 8.41 -3.13
N CYS C 58 13.14 9.11 -3.85
CA CYS C 58 14.34 9.71 -3.28
C CYS C 58 13.99 10.76 -2.22
N LEU C 59 12.88 11.46 -2.44
CA LEU C 59 12.41 12.45 -1.47
C LEU C 59 11.75 11.77 -0.27
N GLU C 60 10.94 10.76 -0.55
CA GLU C 60 10.20 10.03 0.48
C GLU C 60 11.10 9.39 1.53
N GLU C 61 12.16 8.74 1.07
CA GLU C 61 13.08 8.05 1.97
C GLU C 61 13.89 9.02 2.82
N GLU C 62 14.01 10.25 2.35
CA GLU C 62 14.76 11.28 3.07
C GLU C 62 13.85 12.17 3.91
N LEU C 63 12.55 11.84 3.92
CA LEU C 63 11.58 12.64 4.66
C LEU C 63 11.76 12.51 6.17
N LYS C 64 12.03 11.29 6.63
CA LYS C 64 12.18 11.05 8.06
C LYS C 64 13.42 11.75 8.64
N PRO C 65 14.58 11.67 7.96
CA PRO C 65 15.69 12.48 8.49
C PRO C 65 15.42 13.97 8.38
N LEU C 66 14.67 14.39 7.37
CA LEU C 66 14.27 15.79 7.24
C LEU C 66 13.48 16.22 8.48
N GLU C 67 12.57 15.35 8.90
CA GLU C 67 11.78 15.57 10.11
C GLU C 67 12.68 15.71 11.33
N GLU C 68 13.61 14.77 11.46
CA GLU C 68 14.48 14.69 12.62
C GLU C 68 15.46 15.86 12.71
N VAL C 69 15.91 16.32 11.55
CA VAL C 69 16.78 17.50 11.50
C VAL C 69 16.02 18.75 11.94
N LEU C 70 14.80 18.91 11.42
CA LEU C 70 13.94 20.02 11.79
C LEU C 70 13.53 19.95 13.26
N ASN C 71 13.28 18.74 13.74
CA ASN C 71 12.92 18.54 15.15
C ASN C 71 14.03 18.97 16.10
N LEU C 72 15.27 18.71 15.70
CA LEU C 72 16.42 19.05 16.53
C LEU C 72 16.58 20.56 16.66
N ALA C 73 16.34 21.28 15.57
CA ALA C 73 16.42 22.73 15.57
C ALA C 73 15.04 23.35 15.74
N GLN C 74 14.52 23.33 16.97
CA GLN C 74 13.21 23.90 17.27
C GLN C 74 13.28 24.87 18.43
N SER C 75 13.52 26.15 18.11
CA SER C 75 13.53 27.18 19.14
C SER C 75 12.20 27.92 19.15
N LYS C 76 12.12 28.97 19.97
CA LYS C 76 10.93 29.80 20.04
C LYS C 76 10.62 30.42 18.67
N ASN C 77 11.64 31.01 18.05
CA ASN C 77 11.46 31.69 16.78
C ASN C 77 11.26 30.72 15.61
N PHE C 78 11.74 29.50 15.75
CA PHE C 78 11.63 28.50 14.68
C PHE C 78 10.68 27.37 15.09
N HIS C 79 9.42 27.50 14.67
CA HIS C 79 8.37 26.54 15.00
C HIS C 79 7.64 26.07 13.74
N LEU C 80 7.87 24.82 13.34
CA LEU C 80 7.39 24.34 12.06
C LEU C 80 6.48 23.11 12.16
N ARG C 81 6.42 22.50 13.33
CA ARG C 81 5.66 21.27 13.55
C ARG C 81 6.09 20.16 12.59
N PRO C 82 7.34 19.68 12.73
CA PRO C 82 7.93 18.74 11.77
C PRO C 82 7.14 17.45 11.56
N ARG C 83 6.72 16.80 12.64
CA ARG C 83 6.01 15.53 12.54
C ARG C 83 4.76 15.61 11.65
N ASP C 84 3.98 16.65 11.86
CA ASP C 84 2.75 16.84 11.10
C ASP C 84 3.03 17.40 9.71
N LEU C 85 4.02 18.29 9.61
CA LEU C 85 4.40 18.89 8.34
C LEU C 85 4.90 17.85 7.36
N ILE C 86 5.79 16.97 7.82
CA ILE C 86 6.33 15.90 6.98
C ILE C 86 5.22 14.92 6.61
N SER C 87 4.34 14.65 7.56
CA SER C 87 3.19 13.77 7.32
C SER C 87 2.32 14.32 6.19
N ASN C 88 2.15 15.64 6.18
CA ASN C 88 1.43 16.30 5.09
C ASN C 88 2.18 16.17 3.78
N ILE C 89 3.50 16.36 3.84
CA ILE C 89 4.35 16.20 2.67
C ILE C 89 4.34 14.74 2.21
N ASN C 90 4.35 13.82 3.16
CA ASN C 90 4.39 12.40 2.86
C ASN C 90 3.16 11.91 2.10
N VAL C 91 1.97 12.26 2.57
CA VAL C 91 0.74 11.80 1.95
C VAL C 91 0.56 12.35 0.54
N ILE C 92 1.12 13.53 0.27
CA ILE C 92 1.09 14.10 -1.07
C ILE C 92 2.03 13.34 -1.99
N VAL C 93 3.22 13.05 -1.48
CA VAL C 93 4.22 12.28 -2.21
C VAL C 93 3.68 10.91 -2.61
N LEU C 94 3.02 10.23 -1.68
CA LEU C 94 2.47 8.90 -1.91
C LEU C 94 1.38 8.92 -2.98
N GLU C 95 0.66 10.02 -3.10
CA GLU C 95 -0.37 10.15 -4.11
C GLU C 95 0.26 10.34 -5.48
N LEU C 96 1.48 10.88 -5.49
CA LEU C 96 2.20 11.13 -6.73
C LEU C 96 3.05 9.94 -7.13
N LYS C 97 3.75 9.35 -6.16
CA LYS C 97 4.66 8.24 -6.43
C LYS C 97 3.89 6.98 -6.84
N GLY C 98 2.62 6.92 -6.46
CA GLY C 98 1.79 5.76 -6.75
C GLY C 98 1.54 5.57 -8.23
N THR C 102 6.83 0.23 -7.15
CA THR C 102 7.89 -0.22 -6.25
C THR C 102 9.27 0.15 -6.80
N PHE C 103 9.38 1.38 -7.29
CA PHE C 103 10.64 1.88 -7.84
C PHE C 103 11.71 1.93 -6.76
N MET C 104 12.96 1.68 -7.15
CA MET C 104 14.09 1.75 -6.22
C MET C 104 14.91 3.01 -6.44
N CYS C 105 15.00 3.84 -5.41
CA CYS C 105 15.68 5.12 -5.52
C CYS C 105 17.18 4.99 -5.77
N GLU C 106 17.67 5.66 -6.80
CA GLU C 106 19.08 5.76 -7.05
C GLU C 106 19.59 7.11 -6.56
N TYR C 107 20.67 7.10 -5.79
CA TYR C 107 21.17 8.32 -5.17
C TYR C 107 22.45 8.83 -5.79
N ALA C 108 22.61 10.15 -5.78
CA ALA C 108 23.84 10.77 -6.24
C ALA C 108 24.95 10.50 -5.24
N ASP C 109 26.20 10.54 -5.70
CA ASP C 109 27.34 10.29 -4.83
C ASP C 109 27.67 11.50 -3.97
N GLU C 110 27.28 12.68 -4.43
CA GLU C 110 27.50 13.91 -3.66
C GLU C 110 26.31 14.22 -2.77
N THR C 111 26.57 14.41 -1.49
CA THR C 111 25.53 14.82 -0.55
C THR C 111 25.44 16.33 -0.46
N ALA C 112 24.31 16.83 0.03
CA ALA C 112 24.09 18.27 0.09
C ALA C 112 23.52 18.71 1.43
N THR C 113 23.38 20.02 1.59
CA THR C 113 22.79 20.60 2.80
C THR C 113 21.28 20.69 2.64
N ILE C 114 20.58 20.99 3.73
CA ILE C 114 19.12 21.08 3.71
C ILE C 114 18.62 22.12 2.72
N VAL C 115 19.37 23.22 2.55
CA VAL C 115 18.99 24.26 1.61
C VAL C 115 19.06 23.76 0.16
N GLU C 116 20.18 23.12 -0.18
CA GLU C 116 20.35 22.54 -1.51
C GLU C 116 19.36 21.41 -1.71
N PHE C 117 19.11 20.64 -0.65
CA PHE C 117 18.15 19.54 -0.67
C PHE C 117 16.75 20.05 -0.97
N LEU C 118 16.34 21.13 -0.30
CA LEU C 118 15.03 21.70 -0.50
C LEU C 118 14.90 22.33 -1.88
N ASN C 119 15.90 23.12 -2.27
CA ASN C 119 15.93 23.76 -3.59
C ASN C 119 15.80 22.75 -4.72
N ARG C 120 16.46 21.61 -4.57
CA ARG C 120 16.43 20.56 -5.57
C ARG C 120 15.02 20.05 -5.85
N TRP C 121 14.30 19.71 -4.77
CA TRP C 121 12.95 19.19 -4.89
C TRP C 121 11.94 20.29 -5.19
N ILE C 122 12.28 21.51 -4.81
CA ILE C 122 11.48 22.68 -5.17
C ILE C 122 11.55 22.88 -6.69
N THR C 123 12.77 22.82 -7.23
CA THR C 123 12.98 22.90 -8.67
C THR C 123 12.25 21.74 -9.38
N PHE C 124 12.29 20.57 -8.76
CA PHE C 124 11.62 19.39 -9.31
C PHE C 124 10.14 19.62 -9.57
N CYS C 125 9.43 20.08 -8.54
CA CYS C 125 8.00 20.35 -8.65
C CYS C 125 7.71 21.39 -9.73
N GLN C 126 8.48 22.47 -9.72
CA GLN C 126 8.33 23.54 -10.71
C GLN C 126 8.58 23.04 -12.13
N SER C 127 9.55 22.13 -12.26
CA SER C 127 9.90 21.58 -13.57
C SER C 127 8.75 20.76 -14.15
N ILE C 128 8.09 19.98 -13.30
CA ILE C 128 6.97 19.15 -13.75
C ILE C 128 5.72 19.98 -14.02
N ILE C 129 5.45 20.93 -13.13
CA ILE C 129 4.29 21.81 -13.26
C ILE C 129 4.31 22.59 -14.57
N SER C 130 5.48 23.13 -14.92
CA SER C 130 5.62 23.90 -16.14
C SER C 130 5.32 23.05 -17.38
N THR C 131 5.69 21.77 -17.31
CA THR C 131 5.43 20.84 -18.40
C THR C 131 3.94 20.50 -18.48
N LEU C 132 3.29 20.43 -17.34
CA LEU C 132 1.87 20.08 -17.26
C LEU C 132 0.99 21.24 -17.72
N THR C 133 1.59 22.41 -17.89
CA THR C 133 0.85 23.59 -18.35
C THR C 133 1.27 23.98 -19.76
N LEU D 2 29.88 -14.42 40.99
CA LEU D 2 29.25 -13.15 41.35
C LEU D 2 27.92 -13.37 42.07
N GLN D 3 27.80 -12.84 43.29
CA GLN D 3 26.57 -12.99 44.07
C GLN D 3 26.16 -11.66 44.72
N LEU D 4 24.86 -11.42 44.75
CA LEU D 4 24.31 -10.21 45.34
C LEU D 4 23.44 -10.56 46.54
N GLN D 5 23.52 -9.76 47.59
CA GLN D 5 22.73 -10.02 48.80
C GLN D 5 22.09 -8.76 49.34
N GLU D 6 20.76 -8.76 49.41
CA GLU D 6 20.01 -7.64 49.98
C GLU D 6 20.05 -7.66 51.50
N SER D 7 20.09 -6.48 52.10
CA SER D 7 20.06 -6.35 53.55
C SER D 7 19.02 -5.32 53.97
N GLY D 8 18.04 -5.76 54.75
CA GLY D 8 16.98 -4.89 55.20
C GLY D 8 16.54 -5.15 56.63
N PRO D 9 15.55 -4.39 57.11
CA PRO D 9 15.07 -4.49 58.49
C PRO D 9 14.12 -5.66 58.72
N GLY D 10 13.45 -6.11 57.66
CA GLY D 10 12.48 -7.19 57.78
C GLY D 10 11.13 -6.69 58.25
N LEU D 11 11.14 -5.83 59.26
CA LEU D 11 9.92 -5.26 59.81
C LEU D 11 10.04 -3.74 59.96
N VAL D 12 9.13 -3.01 59.32
CA VAL D 12 9.15 -1.56 59.38
C VAL D 12 7.73 -1.01 59.51
N LYS D 13 7.56 0.02 60.35
CA LYS D 13 6.26 0.65 60.53
C LYS D 13 5.98 1.66 59.42
N PRO D 14 4.71 1.83 59.06
CA PRO D 14 4.29 2.82 58.05
C PRO D 14 4.80 4.22 58.34
N SER D 15 4.94 5.02 57.29
CA SER D 15 5.42 6.41 57.34
C SER D 15 6.92 6.52 57.64
N GLN D 16 7.56 5.41 58.00
CA GLN D 16 9.00 5.39 58.21
C GLN D 16 9.73 5.25 56.88
N THR D 17 11.06 5.40 56.91
CA THR D 17 11.86 5.27 55.70
C THR D 17 12.54 3.91 55.63
N LEU D 18 12.28 3.18 54.55
CA LEU D 18 12.89 1.87 54.34
C LEU D 18 14.31 2.00 53.80
N SER D 19 15.26 1.40 54.51
CA SER D 19 16.66 1.45 54.09
C SER D 19 17.19 0.05 53.74
N LEU D 20 17.55 -0.12 52.47
CA LEU D 20 18.11 -1.39 52.01
C LEU D 20 19.55 -1.21 51.54
N THR D 21 20.29 -2.30 51.53
CA THR D 21 21.67 -2.28 51.06
C THR D 21 22.01 -3.60 50.37
N CYS D 22 22.58 -3.51 49.17
CA CYS D 22 22.96 -4.70 48.42
C CYS D 22 24.47 -4.91 48.51
N THR D 23 24.87 -6.14 48.78
CA THR D 23 26.29 -6.46 48.88
C THR D 23 26.74 -7.34 47.73
N VAL D 24 27.71 -6.84 46.96
CA VAL D 24 28.25 -7.57 45.83
C VAL D 24 29.42 -8.46 46.28
N SER D 25 29.30 -9.75 45.99
CA SER D 25 30.35 -10.70 46.36
C SER D 25 30.83 -11.44 45.11
N GLY D 26 32.10 -11.80 45.09
CA GLY D 26 32.68 -12.49 43.95
C GLY D 26 32.79 -11.58 42.75
N GLY D 27 32.72 -10.27 42.99
CA GLY D 27 32.77 -9.28 41.93
C GLY D 27 32.89 -7.88 42.52
N SER D 28 32.98 -6.87 41.66
CA SER D 28 33.11 -5.51 42.13
C SER D 28 32.34 -4.51 41.27
N ILE D 29 32.07 -3.35 41.85
CA ILE D 29 31.48 -2.24 41.12
C ILE D 29 32.63 -1.38 40.61
N SER D 30 33.46 -1.96 39.75
CA SER D 30 34.70 -1.33 39.31
C SER D 30 34.72 -1.03 37.81
N SER D 31 33.62 -1.32 37.13
CA SER D 31 33.55 -1.09 35.68
C SER D 31 32.26 -0.40 35.29
N GLY D 32 32.30 0.30 34.16
CA GLY D 32 31.14 1.02 33.65
C GLY D 32 30.25 0.15 32.78
N GLY D 33 30.53 -1.15 32.75
CA GLY D 33 29.76 -2.08 31.95
C GLY D 33 28.39 -2.39 32.50
N TYR D 34 28.12 -1.96 33.74
CA TYR D 34 26.87 -2.37 34.39
C TYR D 34 26.13 -1.29 35.18
N TYR D 35 24.81 -1.48 35.27
CA TYR D 35 23.96 -0.73 36.19
C TYR D 35 23.69 -1.61 37.41
N TRP D 36 23.47 -0.98 38.56
CA TRP D 36 23.17 -1.74 39.76
C TRP D 36 21.76 -1.37 40.26
N SER D 37 20.85 -2.34 40.17
CA SER D 37 19.42 -2.04 40.22
C SER D 37 18.70 -2.55 41.47
N TRP D 38 17.53 -1.98 41.71
CA TRP D 38 16.63 -2.45 42.75
C TRP D 38 15.27 -2.79 42.14
N ILE D 39 14.78 -3.99 42.44
CA ILE D 39 13.48 -4.43 41.98
C ILE D 39 12.71 -4.98 43.17
N ARG D 40 11.39 -4.78 43.19
CA ARG D 40 10.58 -5.28 44.29
C ARG D 40 9.38 -6.07 43.77
N GLN D 41 8.78 -6.86 44.65
CA GLN D 41 7.65 -7.70 44.29
C GLN D 41 6.66 -7.85 45.43
N HIS D 42 5.52 -7.17 45.31
CA HIS D 42 4.45 -7.28 46.29
C HIS D 42 3.89 -8.70 46.31
N PRO D 43 3.65 -9.24 47.51
CA PRO D 43 3.17 -10.63 47.69
C PRO D 43 1.97 -10.96 46.81
N GLY D 44 2.15 -11.92 45.91
CA GLY D 44 1.08 -12.33 45.01
C GLY D 44 0.93 -11.44 43.80
N LYS D 45 1.82 -10.47 43.66
CA LYS D 45 1.79 -9.58 42.50
C LYS D 45 3.04 -9.73 41.64
N GLY D 46 3.17 -8.86 40.64
CA GLY D 46 4.26 -8.97 39.68
C GLY D 46 5.50 -8.18 40.06
N LEU D 47 6.48 -8.20 39.16
CA LEU D 47 7.75 -7.50 39.38
C LEU D 47 7.64 -6.03 39.02
N GLU D 48 8.30 -5.18 39.82
CA GLU D 48 8.31 -3.75 39.55
C GLU D 48 9.71 -3.18 39.72
N TRP D 49 10.22 -2.56 38.65
CA TRP D 49 11.52 -1.90 38.69
C TRP D 49 11.45 -0.64 39.54
N ILE D 50 12.43 -0.46 40.41
CA ILE D 50 12.49 0.71 41.28
C ILE D 50 13.46 1.73 40.70
N GLY D 51 14.68 1.28 40.42
CA GLY D 51 15.69 2.13 39.81
C GLY D 51 17.06 1.47 39.80
N TYR D 52 18.00 2.07 39.08
CA TYR D 52 19.38 1.63 39.16
C TYR D 52 20.37 2.79 39.15
N ILE D 53 21.62 2.50 39.48
CA ILE D 53 22.65 3.51 39.59
C ILE D 53 23.91 3.10 38.80
N TYR D 54 24.58 4.11 38.25
CA TYR D 54 25.85 3.90 37.56
C TYR D 54 26.94 4.13 38.59
N TYR D 55 28.11 3.53 38.42
CA TYR D 55 29.14 3.63 39.45
C TYR D 55 29.72 5.04 39.54
N SER D 56 29.33 5.90 38.60
CA SER D 56 29.64 7.32 38.67
C SER D 56 28.82 8.00 39.76
N GLY D 57 27.60 7.50 39.98
CA GLY D 57 26.71 8.06 40.98
C GLY D 57 25.39 8.48 40.37
N SER D 58 25.35 8.55 39.04
CA SER D 58 24.14 8.97 38.33
C SER D 58 23.02 7.94 38.51
N THR D 59 21.82 8.42 38.80
CA THR D 59 20.72 7.53 39.13
C THR D 59 19.60 7.60 38.09
N TYR D 60 18.86 6.50 37.97
CA TYR D 60 17.73 6.41 37.04
C TYR D 60 16.58 5.71 37.74
N TYR D 61 15.44 6.39 37.85
CA TYR D 61 14.33 5.88 38.65
C TYR D 61 13.06 5.59 37.85
N ASN D 62 12.17 4.80 38.44
CA ASN D 62 10.82 4.59 37.93
C ASN D 62 9.97 5.83 38.22
N PRO D 63 9.32 6.37 37.17
CA PRO D 63 8.49 7.57 37.27
C PRO D 63 7.43 7.50 38.37
N SER D 64 6.88 6.32 38.62
CA SER D 64 5.84 6.15 39.62
C SER D 64 6.40 6.11 41.04
N LEU D 65 7.71 5.91 41.15
CA LEU D 65 8.36 5.82 42.46
C LEU D 65 9.47 6.86 42.63
N LYS D 66 9.73 7.62 41.58
CA LYS D 66 10.84 8.57 41.54
C LYS D 66 10.84 9.54 42.73
N SER D 67 9.67 10.03 43.10
CA SER D 67 9.55 11.04 44.14
C SER D 67 9.78 10.49 45.55
N ARG D 68 9.79 9.16 45.69
CA ARG D 68 9.93 8.55 47.00
C ARG D 68 11.22 7.77 47.18
N VAL D 69 11.94 7.52 46.08
CA VAL D 69 13.13 6.69 46.14
C VAL D 69 14.44 7.48 46.08
N THR D 70 15.49 6.87 46.61
CA THR D 70 16.84 7.42 46.54
C THR D 70 17.86 6.28 46.53
N ILE D 71 18.68 6.23 45.49
CA ILE D 71 19.67 5.17 45.36
C ILE D 71 21.08 5.73 45.42
N SER D 72 21.92 5.11 46.23
CA SER D 72 23.31 5.52 46.37
C SER D 72 24.24 4.33 46.16
N VAL D 73 25.51 4.60 45.90
CA VAL D 73 26.47 3.53 45.66
C VAL D 73 27.74 3.75 46.49
N ASP D 74 28.32 2.64 46.95
CA ASP D 74 29.55 2.68 47.74
C ASP D 74 30.58 1.74 47.11
N THR D 75 31.37 2.28 46.19
CA THR D 75 32.34 1.49 45.44
C THR D 75 33.45 0.92 46.30
N SER D 76 33.71 1.57 47.44
CA SER D 76 34.77 1.14 48.34
C SER D 76 34.44 -0.20 48.99
N LYS D 77 33.19 -0.37 49.38
CA LYS D 77 32.74 -1.61 50.02
C LYS D 77 31.99 -2.51 49.03
N ASN D 78 31.91 -2.07 47.78
CA ASN D 78 31.19 -2.79 46.74
C ASN D 78 29.74 -3.00 47.11
N GLN D 79 29.12 -1.94 47.63
CA GLN D 79 27.71 -1.98 48.01
C GLN D 79 26.95 -0.81 47.38
N PHE D 80 25.67 -1.02 47.11
CA PHE D 80 24.79 0.08 46.73
C PHE D 80 23.49 -0.05 47.49
N SER D 81 22.90 1.09 47.85
CA SER D 81 21.79 1.10 48.80
C SER D 81 20.55 1.79 48.25
N LEU D 82 19.42 1.54 48.90
CA LEU D 82 18.15 2.14 48.51
C LEU D 82 17.43 2.71 49.71
N LYS D 83 16.82 3.89 49.55
CA LYS D 83 16.00 4.46 50.60
C LYS D 83 14.61 4.81 50.07
N LEU D 84 13.59 4.23 50.71
CA LEU D 84 12.21 4.42 50.29
C LEU D 84 11.42 5.13 51.38
N SER D 85 11.10 6.41 51.15
CA SER D 85 10.49 7.24 52.18
C SER D 85 8.98 7.04 52.28
N SER D 86 8.44 7.27 53.48
CA SER D 86 7.01 7.24 53.74
C SER D 86 6.34 5.96 53.25
N VAL D 87 6.77 4.81 53.78
CA VAL D 87 6.25 3.53 53.33
C VAL D 87 4.86 3.26 53.88
N THR D 88 4.11 2.42 53.16
CA THR D 88 2.80 1.95 53.61
C THR D 88 2.72 0.44 53.43
N ALA D 89 1.57 -0.14 53.73
CA ALA D 89 1.37 -1.58 53.56
C ALA D 89 1.48 -1.98 52.10
N ALA D 90 1.28 -1.00 51.20
CA ALA D 90 1.40 -1.23 49.78
C ALA D 90 2.87 -1.42 49.39
N ASP D 91 3.76 -1.01 50.27
CA ASP D 91 5.19 -1.09 50.02
C ASP D 91 5.76 -2.41 50.56
N THR D 92 4.91 -3.19 51.23
CA THR D 92 5.30 -4.53 51.65
C THR D 92 5.61 -5.39 50.43
N ALA D 93 6.83 -5.89 50.36
CA ALA D 93 7.28 -6.66 49.20
C ALA D 93 8.58 -7.39 49.46
N VAL D 94 8.92 -8.32 48.57
CA VAL D 94 10.26 -8.89 48.54
C VAL D 94 11.12 -8.02 47.63
N TYR D 95 12.16 -7.42 48.21
CA TYR D 95 13.00 -6.50 47.45
C TYR D 95 14.26 -7.19 46.92
N TYR D 96 14.45 -7.12 45.61
CA TYR D 96 15.62 -7.72 44.96
C TYR D 96 16.60 -6.66 44.50
N CYS D 97 17.89 -6.95 44.66
CA CYS D 97 18.92 -6.18 43.98
C CYS D 97 19.46 -7.00 42.81
N ALA D 98 19.79 -6.34 41.71
CA ALA D 98 20.24 -7.05 40.51
C ALA D 98 21.23 -6.22 39.70
N ARG D 99 21.84 -6.88 38.71
CA ARG D 99 22.83 -6.23 37.85
C ARG D 99 22.34 -6.17 36.42
N THR D 100 22.66 -5.08 35.73
CA THR D 100 22.24 -4.90 34.34
C THR D 100 23.35 -4.28 33.49
N PRO D 101 23.59 -4.87 32.29
CA PRO D 101 24.58 -4.30 31.37
C PRO D 101 24.18 -2.90 30.92
N THR D 102 25.15 -2.08 30.57
CA THR D 102 24.87 -0.75 30.05
C THR D 102 24.80 -0.77 28.53
N VAL D 103 24.17 0.24 27.95
CA VAL D 103 24.11 0.45 26.50
C VAL D 103 23.34 -0.65 25.75
N THR D 104 23.79 -1.90 25.90
CA THR D 104 23.20 -3.03 25.19
C THR D 104 21.71 -3.23 25.48
N GLY D 105 21.27 -2.82 26.66
CA GLY D 105 19.88 -2.96 27.03
C GLY D 105 19.67 -3.40 28.46
N ASP D 106 18.43 -3.29 28.94
CA ASP D 106 18.13 -3.65 30.32
C ASP D 106 17.80 -5.13 30.49
N TRP D 107 18.70 -5.85 31.13
CA TRP D 107 18.54 -7.27 31.40
C TRP D 107 19.18 -7.62 32.75
N PHE D 108 18.35 -8.05 33.69
CA PHE D 108 18.79 -8.25 35.06
C PHE D 108 19.35 -9.64 35.31
N ASP D 109 20.68 -9.71 35.43
CA ASP D 109 21.38 -10.95 35.74
C ASP D 109 22.73 -10.63 36.36
N PRO D 110 23.00 -11.16 37.57
CA PRO D 110 22.06 -12.01 38.32
C PRO D 110 21.18 -11.21 39.28
N TRP D 111 20.31 -11.93 39.98
CA TRP D 111 19.47 -11.35 41.02
C TRP D 111 20.02 -11.73 42.39
N GLY D 112 19.70 -10.93 43.40
CA GLY D 112 20.03 -11.30 44.76
C GLY D 112 19.03 -12.34 45.26
N ARG D 113 19.17 -12.78 46.49
CA ARG D 113 18.24 -13.75 47.05
C ARG D 113 16.89 -13.11 47.34
N GLY D 114 16.89 -11.79 47.52
CA GLY D 114 15.68 -11.06 47.83
C GLY D 114 15.38 -11.09 49.32
N THR D 115 14.93 -9.98 49.85
CA THR D 115 14.54 -9.91 51.26
C THR D 115 13.11 -9.41 51.41
N LEU D 116 12.34 -10.08 52.24
CA LEU D 116 10.95 -9.68 52.48
C LEU D 116 10.88 -8.54 53.49
N VAL D 117 10.28 -7.43 53.07
CA VAL D 117 10.03 -6.32 53.96
C VAL D 117 8.54 -6.24 54.26
N THR D 118 8.20 -6.37 55.55
CA THR D 118 6.80 -6.35 55.96
C THR D 118 6.45 -5.03 56.65
N VAL D 119 5.53 -4.29 56.05
CA VAL D 119 5.10 -3.00 56.60
C VAL D 119 3.76 -3.10 57.32
N SER D 120 3.81 -3.00 58.66
CA SER D 120 2.59 -3.00 59.45
C SER D 120 2.80 -2.31 60.80
N SER D 121 1.75 -1.67 61.29
CA SER D 121 1.75 -1.06 62.61
C SER D 121 0.53 -1.51 63.38
N ALA D 122 0.26 -2.80 63.35
CA ALA D 122 -0.93 -3.36 63.96
C ALA D 122 -0.59 -4.05 65.27
N SER D 123 -1.22 -3.59 66.35
CA SER D 123 -1.05 -4.23 67.65
C SER D 123 -1.77 -5.58 67.65
N THR D 124 -1.48 -6.40 68.64
CA THR D 124 -2.17 -7.68 68.80
C THR D 124 -3.65 -7.44 69.06
N LYS D 125 -4.49 -8.04 68.23
CA LYS D 125 -5.94 -7.87 68.35
C LYS D 125 -6.68 -9.18 68.16
N GLY D 126 -7.62 -9.46 69.05
CA GLY D 126 -8.45 -10.65 68.96
C GLY D 126 -9.50 -10.50 67.88
N PRO D 127 -9.92 -11.62 67.29
CA PRO D 127 -10.91 -11.61 66.20
C PRO D 127 -12.35 -11.51 66.68
N SER D 128 -13.22 -11.01 65.81
CA SER D 128 -14.65 -11.09 66.02
C SER D 128 -15.18 -12.25 65.18
N VAL D 129 -15.98 -13.12 65.78
CA VAL D 129 -16.49 -14.30 65.08
C VAL D 129 -17.97 -14.17 64.76
N PHE D 130 -18.31 -14.30 63.48
CA PHE D 130 -19.70 -14.23 63.05
C PHE D 130 -20.12 -15.54 62.39
N PRO D 131 -21.33 -16.02 62.73
CA PRO D 131 -21.85 -17.25 62.14
C PRO D 131 -22.33 -17.04 60.71
N LEU D 132 -21.98 -17.95 59.80
CA LEU D 132 -22.48 -17.90 58.44
C LEU D 132 -23.58 -18.93 58.27
N ALA D 133 -24.81 -18.53 58.53
CA ALA D 133 -25.95 -19.44 58.52
C ALA D 133 -26.23 -20.00 57.12
N PRO D 134 -26.65 -21.28 57.07
CA PRO D 134 -26.98 -21.95 55.81
C PRO D 134 -28.31 -21.46 55.23
N SER D 135 -28.71 -22.02 54.10
CA SER D 135 -29.94 -21.61 53.43
C SER D 135 -31.18 -22.11 54.16
N SER D 136 -30.97 -23.00 55.13
CA SER D 136 -32.03 -23.60 55.95
C SER D 136 -33.16 -24.23 55.13
N LYS D 137 -32.78 -25.02 54.12
CA LYS D 137 -33.75 -25.69 53.25
C LYS D 137 -34.75 -24.73 52.61
N GLY D 142 -28.73 -33.41 48.67
CA GLY D 142 -29.20 -32.19 49.32
C GLY D 142 -28.38 -31.81 50.53
N THR D 143 -27.16 -31.31 50.31
CA THR D 143 -26.29 -30.89 51.40
C THR D 143 -26.35 -29.38 51.61
N ALA D 144 -25.95 -28.93 52.78
CA ALA D 144 -25.99 -27.50 53.10
C ALA D 144 -24.65 -27.01 53.63
N ALA D 145 -24.28 -25.79 53.25
CA ALA D 145 -23.02 -25.20 53.66
C ALA D 145 -23.22 -24.12 54.73
N LEU D 146 -22.57 -24.32 55.87
CA LEU D 146 -22.57 -23.33 56.94
C LEU D 146 -21.12 -23.03 57.33
N GLY D 147 -20.88 -21.90 57.98
CA GLY D 147 -19.53 -21.54 58.33
C GLY D 147 -19.36 -20.43 59.35
N CYS D 148 -18.11 -20.06 59.60
CA CYS D 148 -17.80 -18.98 60.52
C CYS D 148 -16.86 -17.95 59.89
N LEU D 149 -17.17 -16.69 60.09
CA LEU D 149 -16.30 -15.60 59.63
C LEU D 149 -15.43 -15.11 60.76
N VAL D 150 -14.12 -15.33 60.65
CA VAL D 150 -13.16 -14.86 61.63
C VAL D 150 -12.60 -13.52 61.19
N LYS D 151 -13.08 -12.44 61.82
CA LYS D 151 -12.89 -11.09 61.30
C LYS D 151 -11.95 -10.23 62.13
N ASP D 152 -11.07 -9.52 61.44
CA ASP D 152 -10.20 -8.50 62.04
C ASP D 152 -9.36 -9.00 63.22
N TYR D 153 -8.32 -9.76 62.93
CA TYR D 153 -7.41 -10.21 63.98
C TYR D 153 -5.96 -9.99 63.58
N PHE D 154 -5.08 -9.97 64.58
CA PHE D 154 -3.65 -9.81 64.34
C PHE D 154 -2.86 -10.28 65.56
N PRO D 155 -1.76 -11.02 65.32
CA PRO D 155 -1.37 -11.48 63.99
C PRO D 155 -1.84 -12.91 63.70
N GLU D 156 -1.33 -13.49 62.63
CA GLU D 156 -1.54 -14.90 62.34
C GLU D 156 -0.84 -15.72 63.41
N PRO D 157 -1.27 -16.97 63.63
CA PRO D 157 -2.37 -17.68 62.96
C PRO D 157 -3.65 -17.75 63.78
N VAL D 158 -4.70 -18.30 63.17
CA VAL D 158 -5.93 -18.64 63.88
C VAL D 158 -6.30 -20.07 63.51
N THR D 159 -6.51 -20.90 64.51
CA THR D 159 -6.94 -22.27 64.26
C THR D 159 -8.45 -22.37 64.41
N VAL D 160 -9.08 -23.10 63.49
CA VAL D 160 -10.52 -23.29 63.55
C VAL D 160 -10.89 -24.76 63.47
N SER D 161 -11.64 -25.22 64.47
CA SER D 161 -12.17 -26.57 64.48
C SER D 161 -13.68 -26.51 64.58
N TRP D 162 -14.35 -27.62 64.28
CA TRP D 162 -15.80 -27.68 64.37
C TRP D 162 -16.24 -28.78 65.33
N ASN D 163 -17.14 -28.42 66.24
CA ASN D 163 -17.61 -29.32 67.28
C ASN D 163 -16.47 -29.95 68.05
N SER D 164 -15.48 -29.10 68.41
CA SER D 164 -14.30 -29.52 69.16
C SER D 164 -13.49 -30.59 68.45
N GLY D 165 -13.62 -30.66 67.12
CA GLY D 165 -12.85 -31.62 66.34
C GLY D 165 -13.62 -32.87 65.95
N ALA D 166 -14.88 -32.95 66.35
CA ALA D 166 -15.70 -34.11 66.05
C ALA D 166 -16.18 -34.09 64.61
N LEU D 167 -16.22 -32.90 64.02
CA LEU D 167 -16.65 -32.74 62.64
C LEU D 167 -15.46 -32.36 61.75
N THR D 168 -15.08 -33.25 60.86
CA THR D 168 -13.92 -33.01 59.99
C THR D 168 -14.25 -33.18 58.51
N SER D 169 -15.19 -34.06 58.20
CA SER D 169 -15.59 -34.29 56.82
C SER D 169 -16.30 -33.07 56.26
N GLY D 170 -15.83 -32.58 55.11
CA GLY D 170 -16.43 -31.42 54.47
C GLY D 170 -15.99 -30.11 55.09
N VAL D 171 -15.03 -30.17 56.00
CA VAL D 171 -14.51 -28.97 56.64
C VAL D 171 -13.39 -28.34 55.83
N HIS D 172 -13.57 -27.08 55.46
CA HIS D 172 -12.56 -26.35 54.70
C HIS D 172 -12.31 -24.98 55.33
N THR D 173 -11.15 -24.83 55.96
CA THR D 173 -10.75 -23.54 56.53
C THR D 173 -9.81 -22.82 55.56
N PHE D 174 -10.26 -21.69 55.04
CA PHE D 174 -9.53 -20.96 54.02
C PHE D 174 -8.44 -20.08 54.62
N PRO D 175 -7.30 -19.96 53.91
CA PRO D 175 -6.21 -19.05 54.28
C PRO D 175 -6.71 -17.61 54.41
N ALA D 176 -6.15 -16.88 55.37
CA ALA D 176 -6.63 -15.54 55.69
C ALA D 176 -6.33 -14.52 54.58
N VAL D 177 -7.09 -13.43 54.59
CA VAL D 177 -6.85 -12.31 53.68
C VAL D 177 -6.27 -11.15 54.47
N LEU D 178 -5.33 -10.43 53.86
CA LEU D 178 -4.74 -9.27 54.51
C LEU D 178 -5.43 -8.00 54.05
N GLN D 179 -6.25 -7.43 54.92
N GLN D 179 -6.25 -7.43 54.92
CA GLN D 179 -6.98 -6.20 54.63
CA GLN D 179 -6.99 -6.22 54.62
C GLN D 179 -6.05 -5.00 54.62
C GLN D 179 -6.06 -5.00 54.62
N SER D 180 -6.52 -3.91 54.02
CA SER D 180 -5.75 -2.67 53.94
C SER D 180 -5.51 -2.09 55.33
N SER D 181 -6.37 -2.44 56.28
CA SER D 181 -6.22 -1.99 57.66
C SER D 181 -5.03 -2.64 58.36
N GLY D 182 -4.51 -3.71 57.76
CA GLY D 182 -3.38 -4.42 58.33
C GLY D 182 -3.80 -5.63 59.13
N LEU D 183 -5.11 -5.83 59.25
CA LEU D 183 -5.66 -6.93 60.02
C LEU D 183 -6.03 -8.11 59.13
N TYR D 184 -6.03 -9.31 59.70
CA TYR D 184 -6.35 -10.53 58.96
C TYR D 184 -7.81 -10.93 59.13
N SER D 185 -8.32 -11.68 58.16
CA SER D 185 -9.64 -12.27 58.26
C SER D 185 -9.69 -13.59 57.46
N LEU D 186 -10.21 -14.64 58.08
CA LEU D 186 -10.37 -15.91 57.37
C LEU D 186 -11.79 -16.45 57.53
N SER D 187 -12.09 -17.52 56.80
CA SER D 187 -13.39 -18.17 56.91
C SER D 187 -13.26 -19.69 56.87
N SER D 188 -14.07 -20.37 57.67
CA SER D 188 -14.12 -21.83 57.67
C SER D 188 -15.54 -22.31 57.43
N VAL D 189 -15.73 -23.18 56.45
CA VAL D 189 -17.06 -23.73 56.18
C VAL D 189 -17.11 -25.25 56.21
N VAL D 190 -18.26 -25.78 56.60
CA VAL D 190 -18.52 -27.20 56.55
C VAL D 190 -19.77 -27.48 55.72
N THR D 191 -19.68 -28.47 54.84
CA THR D 191 -20.85 -28.91 54.10
C THR D 191 -21.46 -30.11 54.81
N VAL D 192 -22.66 -29.91 55.35
CA VAL D 192 -23.32 -30.95 56.14
C VAL D 192 -24.66 -31.31 55.53
N PRO D 193 -25.19 -32.50 55.86
CA PRO D 193 -26.53 -32.86 55.40
C PRO D 193 -27.60 -31.89 55.91
N SER D 194 -28.53 -31.51 55.04
CA SER D 194 -29.59 -30.59 55.39
C SER D 194 -30.60 -31.21 56.36
N SER D 195 -30.72 -32.53 56.31
CA SER D 195 -31.62 -33.26 57.19
C SER D 195 -31.17 -33.19 58.64
N SER D 196 -29.89 -32.91 58.84
CA SER D 196 -29.32 -32.85 60.19
C SER D 196 -29.36 -31.43 60.74
N LEU D 197 -29.92 -30.51 59.96
CA LEU D 197 -30.06 -29.13 60.39
C LEU D 197 -31.17 -28.98 61.41
N GLY D 198 -30.91 -28.23 62.48
CA GLY D 198 -31.90 -28.01 63.52
C GLY D 198 -31.86 -29.04 64.64
N THR D 199 -31.52 -30.28 64.30
CA THR D 199 -31.44 -31.34 65.29
C THR D 199 -30.00 -31.48 65.79
N GLN D 200 -29.05 -31.17 64.93
CA GLN D 200 -27.63 -31.21 65.28
C GLN D 200 -27.11 -29.79 65.51
N THR D 201 -26.32 -29.63 66.57
CA THR D 201 -25.71 -28.33 66.88
C THR D 201 -24.34 -28.24 66.22
N TYR D 202 -24.12 -27.17 65.45
CA TYR D 202 -22.85 -26.97 64.77
C TYR D 202 -22.13 -25.74 65.33
N ILE D 203 -20.93 -25.96 65.85
CA ILE D 203 -20.15 -24.91 66.48
C ILE D 203 -18.71 -24.87 66.00
N CYS D 204 -18.27 -23.70 65.56
CA CYS D 204 -16.87 -23.53 65.18
C CYS D 204 -16.11 -23.00 66.39
N ASN D 205 -14.93 -23.56 66.64
CA ASN D 205 -14.13 -23.15 67.78
C ASN D 205 -12.92 -22.35 67.33
N VAL D 206 -12.96 -21.05 67.54
CA VAL D 206 -11.89 -20.17 67.10
C VAL D 206 -10.90 -19.91 68.22
N ASN D 207 -9.63 -20.18 67.95
CA ASN D 207 -8.57 -19.95 68.92
C ASN D 207 -7.48 -19.05 68.36
N HIS D 208 -7.25 -17.93 69.03
CA HIS D 208 -6.21 -16.98 68.63
C HIS D 208 -5.27 -16.73 69.79
N LYS D 209 -4.24 -17.58 69.90
CA LYS D 209 -3.29 -17.54 71.01
C LYS D 209 -2.60 -16.20 71.27
N PRO D 210 -2.21 -15.45 70.20
CA PRO D 210 -1.55 -14.17 70.48
C PRO D 210 -2.37 -13.20 71.34
N SER D 211 -3.69 -13.27 71.24
CA SER D 211 -4.55 -12.39 72.02
C SER D 211 -5.29 -13.16 73.10
N ASN D 212 -4.94 -14.43 73.28
CA ASN D 212 -5.56 -15.31 74.26
C ASN D 212 -7.09 -15.35 74.09
N THR D 213 -7.53 -15.34 72.84
CA THR D 213 -8.96 -15.31 72.52
C THR D 213 -9.48 -16.72 72.22
N LYS D 214 -10.49 -17.14 72.98
CA LYS D 214 -11.12 -18.42 72.77
C LYS D 214 -12.63 -18.23 72.61
N VAL D 215 -13.15 -18.52 71.42
CA VAL D 215 -14.56 -18.28 71.13
C VAL D 215 -15.24 -19.49 70.52
N ASP D 216 -16.36 -19.90 71.13
CA ASP D 216 -17.20 -20.95 70.57
C ASP D 216 -18.50 -20.33 70.07
N LYS D 217 -18.67 -20.33 68.76
CA LYS D 217 -19.85 -19.71 68.14
C LYS D 217 -20.78 -20.74 67.53
N LYS D 218 -22.02 -20.77 68.03
CA LYS D 218 -23.04 -21.67 67.49
C LYS D 218 -23.62 -21.11 66.20
N VAL D 219 -23.63 -21.94 65.16
CA VAL D 219 -24.19 -21.55 63.87
C VAL D 219 -25.55 -22.19 63.70
N GLU D 220 -26.61 -21.40 63.87
CA GLU D 220 -27.97 -21.91 63.76
C GLU D 220 -28.56 -21.62 62.39
N PRO D 221 -29.50 -22.47 61.94
CA PRO D 221 -30.20 -22.23 60.67
C PRO D 221 -30.96 -20.91 60.68
N LYS D 222 -31.22 -20.36 59.50
CA LYS D 222 -31.92 -19.08 59.41
C LYS D 222 -33.34 -19.22 59.94
N SER D 223 -33.93 -18.10 60.33
CA SER D 223 -35.25 -18.11 60.97
C SER D 223 -36.38 -17.89 59.96
N CYS D 224 -36.03 -17.43 58.77
CA CYS D 224 -37.03 -17.18 57.73
C CYS D 224 -37.43 -18.49 57.04
N ASN E 1 6.91 5.53 28.37
CA ASN E 1 6.44 4.51 29.29
C ASN E 1 5.31 3.69 28.66
N PHE E 2 5.27 2.40 29.01
CA PHE E 2 4.26 1.51 28.45
C PHE E 2 3.95 0.35 29.38
N MET E 3 3.04 -0.52 28.95
CA MET E 3 2.70 -1.72 29.70
C MET E 3 2.97 -2.97 28.86
N LEU E 4 3.33 -4.06 29.54
CA LEU E 4 3.44 -5.36 28.90
C LEU E 4 2.37 -6.29 29.44
N THR E 5 1.45 -6.71 28.58
CA THR E 5 0.32 -7.52 29.01
C THR E 5 0.54 -9.00 28.73
N GLN E 6 0.58 -9.79 29.80
CA GLN E 6 0.69 -11.24 29.69
C GLN E 6 -0.63 -11.88 30.11
N PRO E 7 -0.93 -13.07 29.57
CA PRO E 7 -2.07 -13.83 30.11
C PRO E 7 -1.79 -14.20 31.56
N HIS E 8 -2.84 -14.21 32.39
N HIS E 8 -2.84 -14.23 32.38
CA HIS E 8 -2.68 -14.53 33.81
CA HIS E 8 -2.69 -14.53 33.80
C HIS E 8 -2.17 -15.94 34.03
C HIS E 8 -2.16 -15.94 34.02
N SER E 9 -2.65 -16.88 33.21
CA SER E 9 -2.21 -18.28 33.32
C SER E 9 -2.28 -19.03 32.00
N VAL E 10 -1.36 -19.98 31.84
CA VAL E 10 -1.38 -20.93 30.73
C VAL E 10 -1.10 -22.33 31.26
N SER E 11 -1.55 -23.35 30.54
CA SER E 11 -1.35 -24.72 31.00
C SER E 11 -1.38 -25.73 29.85
N GLU E 12 -0.49 -26.72 29.93
CA GLU E 12 -0.46 -27.82 28.97
C GLU E 12 0.12 -29.08 29.60
N SER E 13 -0.15 -30.23 28.96
CA SER E 13 0.36 -31.50 29.42
C SER E 13 1.85 -31.66 29.12
N PRO E 14 2.56 -32.47 29.94
CA PRO E 14 4.00 -32.76 29.74
C PRO E 14 4.32 -33.30 28.35
N GLY E 15 5.43 -32.85 27.79
CA GLY E 15 5.86 -33.30 26.47
C GLY E 15 5.32 -32.46 25.34
N LYS E 16 4.27 -31.68 25.63
CA LYS E 16 3.66 -30.81 24.63
C LYS E 16 4.34 -29.44 24.62
N THR E 17 3.79 -28.53 23.81
CA THR E 17 4.37 -27.20 23.65
C THR E 17 3.39 -26.09 24.04
N VAL E 18 3.86 -25.15 24.87
CA VAL E 18 3.03 -24.03 25.31
C VAL E 18 3.70 -22.70 24.94
N THR E 19 2.89 -21.67 24.72
CA THR E 19 3.40 -20.35 24.33
C THR E 19 2.80 -19.23 25.18
N ILE E 20 3.66 -18.36 25.71
CA ILE E 20 3.22 -17.23 26.51
C ILE E 20 3.47 -15.92 25.78
N SER E 21 2.39 -15.19 25.46
CA SER E 21 2.51 -13.95 24.71
C SER E 21 2.72 -12.75 25.63
N CYS E 22 3.38 -11.72 25.09
CA CYS E 22 3.63 -10.49 25.84
C CYS E 22 3.40 -9.27 24.96
N THR E 23 2.23 -8.66 25.09
CA THR E 23 1.84 -7.56 24.20
C THR E 23 2.19 -6.19 24.79
N ARG E 24 2.88 -5.39 23.99
CA ARG E 24 3.28 -4.04 24.37
C ARG E 24 2.21 -3.02 23.98
N SER E 25 1.81 -2.19 24.94
CA SER E 25 0.71 -1.24 24.73
C SER E 25 1.14 -0.01 23.93
N SER E 26 2.38 0.42 24.12
CA SER E 26 2.86 1.63 23.47
C SER E 26 4.27 1.46 22.92
N GLY E 27 4.48 1.93 21.70
CA GLY E 27 5.77 1.80 21.03
C GLY E 27 5.95 0.45 20.39
N SER E 28 6.89 0.38 19.45
CA SER E 28 7.17 -0.89 18.76
C SER E 28 7.98 -1.81 19.66
N ILE E 29 7.58 -3.07 19.73
CA ILE E 29 8.23 -4.03 20.61
C ILE E 29 9.57 -4.50 20.03
N ALA E 30 9.77 -4.26 18.74
CA ALA E 30 11.01 -4.62 18.07
C ALA E 30 12.09 -3.55 18.27
N SER E 31 11.71 -2.46 18.93
CA SER E 31 12.63 -1.34 19.16
C SER E 31 13.50 -1.56 20.38
N ASN E 32 13.04 -2.42 21.29
CA ASN E 32 13.77 -2.72 22.51
C ASN E 32 13.81 -4.22 22.78
N TYR E 33 14.96 -4.70 23.27
CA TYR E 33 15.13 -6.12 23.59
C TYR E 33 14.11 -6.59 24.63
N VAL E 34 13.62 -7.81 24.44
CA VAL E 34 12.68 -8.40 25.37
C VAL E 34 13.31 -9.56 26.12
N GLN E 35 13.22 -9.53 27.44
CA GLN E 35 13.77 -10.59 28.27
C GLN E 35 12.65 -11.43 28.88
N TRP E 36 12.96 -12.70 29.14
CA TRP E 36 11.99 -13.59 29.78
C TRP E 36 12.58 -14.19 31.05
N TYR E 37 11.91 -13.97 32.16
CA TYR E 37 12.36 -14.49 33.45
C TYR E 37 11.48 -15.61 33.97
N GLN E 38 12.11 -16.64 34.52
CA GLN E 38 11.39 -17.70 35.19
C GLN E 38 11.50 -17.53 36.70
N GLN E 39 10.39 -17.62 37.42
CA GLN E 39 10.42 -17.51 38.87
C GLN E 39 9.66 -18.64 39.55
N ARG E 40 10.39 -19.45 40.30
CA ARG E 40 9.78 -20.49 41.13
C ARG E 40 9.31 -19.86 42.44
N PRO E 41 8.24 -20.41 43.04
CA PRO E 41 7.68 -19.86 44.27
C PRO E 41 8.69 -19.79 45.41
N GLY E 42 8.82 -18.61 46.02
CA GLY E 42 9.73 -18.41 47.13
C GLY E 42 11.19 -18.29 46.71
N SER E 43 11.43 -18.22 45.42
CA SER E 43 12.79 -18.16 44.89
C SER E 43 13.02 -16.89 44.07
N SER E 44 14.29 -16.60 43.81
CA SER E 44 14.65 -15.45 42.99
C SER E 44 14.41 -15.75 41.51
N PRO E 45 14.13 -14.71 40.71
CA PRO E 45 13.93 -14.92 39.28
C PRO E 45 15.23 -15.29 38.56
N THR E 46 15.11 -16.13 37.54
CA THR E 46 16.25 -16.46 36.69
C THR E 46 15.91 -16.22 35.23
N THR E 47 16.92 -16.04 34.39
CA THR E 47 16.71 -15.75 32.98
C THR E 47 16.62 -17.03 32.16
N VAL E 48 15.61 -17.12 31.30
CA VAL E 48 15.51 -18.22 30.36
C VAL E 48 15.74 -17.72 28.93
N ILE E 49 15.34 -16.48 28.68
CA ILE E 49 15.55 -15.84 27.38
C ILE E 49 15.88 -14.36 27.55
N TYR E 50 16.99 -13.93 26.97
CA TYR E 50 17.35 -12.51 26.94
C TYR E 50 17.53 -12.07 25.49
N GLU E 51 17.42 -10.77 25.25
CA GLU E 51 17.57 -10.20 23.91
C GLU E 51 16.71 -10.94 22.88
N ASP E 52 15.39 -10.89 23.08
CA ASP E 52 14.42 -11.48 22.17
C ASP E 52 14.48 -13.01 22.11
N ASN E 53 15.63 -13.56 21.73
CA ASN E 53 15.73 -14.99 21.48
C ASN E 53 17.00 -15.69 21.95
N GLN E 54 17.89 -14.95 22.60
CA GLN E 54 19.14 -15.52 23.09
C GLN E 54 18.89 -16.40 24.32
N ARG E 55 19.67 -17.47 24.44
CA ARG E 55 19.48 -18.44 25.52
C ARG E 55 20.75 -18.62 26.34
N PRO E 56 20.66 -18.34 27.65
CA PRO E 56 21.81 -18.53 28.55
C PRO E 56 22.26 -19.98 28.61
N SER E 57 23.57 -20.21 28.72
CA SER E 57 24.10 -21.56 28.85
C SER E 57 23.63 -22.21 30.14
N GLY E 58 23.03 -23.39 30.01
CA GLY E 58 22.46 -24.09 31.15
C GLY E 58 20.95 -24.21 31.00
N VAL E 59 20.38 -23.29 30.24
CA VAL E 59 18.95 -23.33 29.93
C VAL E 59 18.71 -24.25 28.72
N PRO E 60 17.85 -25.25 28.89
CA PRO E 60 17.55 -26.24 27.85
C PRO E 60 17.06 -25.60 26.54
N ASP E 61 17.27 -26.29 25.43
CA ASP E 61 16.87 -25.77 24.12
C ASP E 61 15.35 -25.71 23.99
N ARG E 62 14.65 -26.30 24.96
CA ARG E 62 13.20 -26.31 24.98
C ARG E 62 12.65 -24.88 25.03
N PHE E 63 13.44 -23.97 25.59
CA PHE E 63 13.08 -22.56 25.68
C PHE E 63 13.54 -21.80 24.44
N SER E 64 12.64 -21.03 23.86
CA SER E 64 12.96 -20.20 22.69
C SER E 64 12.13 -18.93 22.71
N GLY E 65 12.70 -17.84 22.22
CA GLY E 65 12.01 -16.57 22.21
C GLY E 65 11.79 -16.06 20.80
N SER E 66 10.71 -15.29 20.63
CA SER E 66 10.40 -14.72 19.32
C SER E 66 9.74 -13.35 19.49
N ILE E 67 9.74 -12.58 18.41
CA ILE E 67 9.12 -11.26 18.41
C ILE E 67 8.13 -11.14 17.25
N ASP E 68 6.93 -10.65 17.53
CA ASP E 68 5.93 -10.45 16.49
C ASP E 68 5.61 -8.96 16.35
N SER E 69 6.13 -8.35 15.30
CA SER E 69 5.95 -6.91 15.06
C SER E 69 4.51 -6.57 14.71
N SER E 70 3.83 -7.50 14.03
CA SER E 70 2.46 -7.29 13.59
C SER E 70 1.50 -7.08 14.75
N SER E 71 1.56 -7.96 15.74
CA SER E 71 0.68 -7.87 16.90
C SER E 71 1.36 -7.15 18.05
N ASN E 72 2.54 -6.62 17.77
CA ASN E 72 3.34 -5.89 18.77
C ASN E 72 3.54 -6.71 20.04
N SER E 73 3.90 -7.98 19.87
CA SER E 73 4.02 -8.89 21.00
C SER E 73 5.33 -9.68 21.00
N ALA E 74 5.66 -10.23 22.16
CA ALA E 74 6.81 -11.12 22.30
C ALA E 74 6.34 -12.45 22.87
N SER E 75 6.91 -13.55 22.36
CA SER E 75 6.44 -14.87 22.77
C SER E 75 7.54 -15.75 23.33
N LEU E 76 7.23 -16.44 24.42
CA LEU E 76 8.11 -17.45 24.99
C LEU E 76 7.54 -18.83 24.69
N THR E 77 8.32 -19.66 24.01
CA THR E 77 7.84 -20.98 23.61
C THR E 77 8.64 -22.09 24.26
N ILE E 78 7.93 -23.06 24.85
CA ILE E 78 8.57 -24.20 25.48
C ILE E 78 8.08 -25.50 24.87
N SER E 79 8.98 -26.26 24.26
CA SER E 79 8.62 -27.54 23.65
C SER E 79 9.06 -28.67 24.56
N GLY E 80 8.38 -29.81 24.45
CA GLY E 80 8.65 -30.95 25.32
C GLY E 80 8.54 -30.53 26.78
N LEU E 81 7.36 -30.02 27.13
CA LEU E 81 7.10 -29.45 28.46
C LEU E 81 7.42 -30.43 29.59
N LYS E 82 8.09 -29.93 30.62
CA LYS E 82 8.44 -30.73 31.78
C LYS E 82 7.84 -30.12 33.05
N THR E 83 7.65 -30.96 34.07
CA THR E 83 7.05 -30.52 35.33
C THR E 83 7.90 -29.46 36.02
N GLU E 84 9.20 -29.48 35.76
CA GLU E 84 10.13 -28.53 36.33
C GLU E 84 9.91 -27.12 35.78
N ASP E 85 9.23 -27.05 34.62
CA ASP E 85 8.94 -25.77 33.98
C ASP E 85 7.79 -25.03 34.65
N GLU E 86 7.06 -25.73 35.52
CA GLU E 86 5.94 -25.10 36.22
C GLU E 86 6.43 -24.00 37.16
N ALA E 87 6.12 -22.77 36.80
CA ALA E 87 6.54 -21.59 37.55
C ALA E 87 5.83 -20.35 37.02
N ASP E 88 6.19 -19.19 37.55
CA ASP E 88 5.71 -17.93 37.02
C ASP E 88 6.70 -17.38 35.99
N TYR E 89 6.18 -16.80 34.92
CA TYR E 89 7.04 -16.26 33.87
C TYR E 89 6.76 -14.79 33.60
N TYR E 90 7.81 -13.98 33.62
CA TYR E 90 7.69 -12.55 33.40
C TYR E 90 8.46 -12.11 32.17
N CYS E 91 7.77 -11.42 31.25
CA CYS E 91 8.44 -10.77 30.15
C CYS E 91 8.89 -9.38 30.61
N GLN E 92 10.02 -8.91 30.09
CA GLN E 92 10.54 -7.62 30.48
C GLN E 92 11.25 -6.93 29.33
N SER E 93 10.92 -5.65 29.14
CA SER E 93 11.57 -4.82 28.14
C SER E 93 11.93 -3.48 28.76
N TYR E 94 12.30 -2.51 27.95
CA TYR E 94 12.73 -1.23 28.47
C TYR E 94 12.37 -0.06 27.55
N ASP E 95 12.58 1.14 28.06
CA ASP E 95 12.22 2.36 27.36
C ASP E 95 13.23 3.44 27.73
N SER E 96 13.09 4.61 27.10
CA SER E 96 13.90 5.76 27.51
C SER E 96 13.40 6.28 28.85
N SER E 97 12.14 5.96 29.15
CA SER E 97 11.49 6.43 30.37
C SER E 97 11.80 5.53 31.57
N ASN E 98 11.57 4.23 31.43
CA ASN E 98 11.84 3.29 32.52
C ASN E 98 11.87 1.83 32.08
N VAL E 99 12.05 0.94 33.05
CA VAL E 99 12.04 -0.50 32.80
C VAL E 99 10.64 -1.07 33.05
N VAL E 100 10.15 -1.87 32.11
CA VAL E 100 8.80 -2.40 32.19
C VAL E 100 8.77 -3.93 32.28
N PHE E 101 8.17 -4.45 33.35
CA PHE E 101 7.94 -5.88 33.51
C PHE E 101 6.52 -6.21 33.10
N GLY E 102 6.30 -7.44 32.65
CA GLY E 102 4.95 -7.90 32.36
C GLY E 102 4.20 -8.21 33.65
N GLY E 103 2.90 -8.47 33.52
CA GLY E 103 2.08 -8.76 34.68
C GLY E 103 2.36 -10.12 35.27
N GLY E 104 3.05 -10.96 34.51
CA GLY E 104 3.39 -12.29 34.96
C GLY E 104 2.40 -13.34 34.50
N THR E 105 2.90 -14.54 34.23
CA THR E 105 2.06 -15.64 33.79
C THR E 105 2.38 -16.90 34.58
N LYS E 106 1.34 -17.49 35.18
CA LYS E 106 1.52 -18.74 35.91
C LYS E 106 1.41 -19.91 34.94
N LEU E 107 2.54 -20.55 34.68
CA LEU E 107 2.55 -21.74 33.84
C LEU E 107 2.28 -22.97 34.68
N THR E 108 1.27 -23.73 34.31
CA THR E 108 0.94 -24.96 35.02
C THR E 108 1.18 -26.16 34.11
N VAL E 109 1.97 -27.10 34.60
CA VAL E 109 2.17 -28.36 33.89
C VAL E 109 1.18 -29.36 34.47
N LEU E 110 0.15 -29.67 33.69
CA LEU E 110 -0.97 -30.47 34.16
C LEU E 110 -0.54 -31.84 34.68
N GLY E 111 -0.80 -32.07 35.96
CA GLY E 111 -0.51 -33.36 36.58
C GLY E 111 -1.80 -34.10 36.88
N GLN E 112 -2.91 -33.38 36.84
CA GLN E 112 -4.22 -33.97 37.04
C GLN E 112 -5.23 -33.28 36.13
N PRO E 113 -6.37 -33.94 35.84
CA PRO E 113 -7.38 -33.31 34.98
C PRO E 113 -7.90 -32.01 35.56
N LYS E 114 -8.21 -31.05 34.68
CA LYS E 114 -8.71 -29.74 35.11
C LYS E 114 -10.01 -29.88 35.90
N ALA E 115 -10.12 -29.09 36.97
CA ALA E 115 -11.31 -29.13 37.82
C ALA E 115 -11.94 -27.76 37.98
N ALA E 116 -13.25 -27.68 37.77
CA ALA E 116 -13.98 -26.44 37.96
C ALA E 116 -14.10 -26.10 39.44
N PRO E 117 -14.02 -24.80 39.78
CA PRO E 117 -14.07 -24.36 41.17
C PRO E 117 -15.44 -24.52 41.82
N SER E 118 -15.46 -24.83 43.11
CA SER E 118 -16.68 -24.85 43.88
C SER E 118 -16.85 -23.53 44.61
N VAL E 119 -17.97 -22.84 44.36
CA VAL E 119 -18.17 -21.51 44.90
C VAL E 119 -19.31 -21.46 45.91
N THR E 120 -19.05 -20.87 47.07
CA THR E 120 -20.06 -20.67 48.09
C THR E 120 -20.05 -19.22 48.55
N LEU E 121 -21.20 -18.55 48.42
CA LEU E 121 -21.29 -17.14 48.76
C LEU E 121 -22.21 -16.88 49.94
N PHE E 122 -21.67 -16.25 50.98
CA PHE E 122 -22.44 -15.91 52.16
C PHE E 122 -22.74 -14.42 52.21
N PRO E 123 -24.01 -14.07 52.49
CA PRO E 123 -24.42 -12.68 52.71
C PRO E 123 -23.99 -12.23 54.10
N PRO E 124 -23.99 -10.92 54.37
CA PRO E 124 -23.64 -10.44 55.71
C PRO E 124 -24.53 -11.05 56.80
N SER E 125 -23.90 -11.50 57.88
CA SER E 125 -24.64 -12.10 58.99
C SER E 125 -25.44 -11.04 59.74
N SER E 126 -26.50 -11.47 60.40
CA SER E 126 -27.32 -10.57 61.20
C SER E 126 -26.50 -9.92 62.30
N GLU E 127 -25.57 -10.69 62.86
CA GLU E 127 -24.71 -10.19 63.93
C GLU E 127 -23.77 -9.09 63.44
N GLU E 128 -23.28 -9.23 62.22
CA GLU E 128 -22.36 -8.24 61.66
C GLU E 128 -23.08 -6.94 61.29
N LEU E 129 -24.29 -7.07 60.75
CA LEU E 129 -25.09 -5.92 60.37
C LEU E 129 -25.45 -5.08 61.58
N GLN E 130 -25.72 -5.74 62.71
CA GLN E 130 -26.01 -5.04 63.96
C GLN E 130 -24.75 -4.37 64.49
N ALA E 131 -23.59 -4.80 64.01
CA ALA E 131 -22.33 -4.19 64.37
C ALA E 131 -21.96 -3.08 63.39
N ASN E 132 -22.96 -2.66 62.62
CA ASN E 132 -22.81 -1.59 61.64
C ASN E 132 -21.71 -1.88 60.62
N LYS E 133 -21.60 -3.13 60.22
CA LYS E 133 -20.65 -3.54 59.18
C LYS E 133 -21.28 -4.59 58.29
N ALA E 134 -20.65 -4.88 57.16
CA ALA E 134 -21.16 -5.89 56.23
C ALA E 134 -20.05 -6.49 55.38
N THR E 135 -19.94 -7.81 55.41
CA THR E 135 -18.94 -8.51 54.62
C THR E 135 -19.53 -9.70 53.88
N LEU E 136 -19.37 -9.72 52.56
CA LEU E 136 -19.79 -10.86 51.76
C LEU E 136 -18.61 -11.79 51.54
N VAL E 137 -18.80 -13.06 51.88
CA VAL E 137 -17.71 -14.02 51.84
C VAL E 137 -17.88 -15.02 50.69
N CYS E 138 -17.04 -14.89 49.67
CA CYS E 138 -17.07 -15.78 48.52
C CYS E 138 -15.94 -16.80 48.62
N LEU E 139 -16.30 -18.07 48.81
CA LEU E 139 -15.31 -19.11 48.99
C LEU E 139 -15.16 -19.98 47.75
N ILE E 140 -13.92 -20.07 47.27
CA ILE E 140 -13.60 -20.78 46.03
C ILE E 140 -12.63 -21.91 46.32
N SER E 141 -12.97 -23.13 45.93
CA SER E 141 -12.15 -24.29 46.27
C SER E 141 -12.15 -25.39 45.21
N ASP E 142 -11.18 -26.30 45.33
CA ASP E 142 -11.09 -27.50 44.50
C ASP E 142 -11.00 -27.21 43.00
N PHE E 143 -10.23 -26.19 42.63
CA PHE E 143 -10.04 -25.90 41.21
C PHE E 143 -8.60 -26.14 40.78
N TYR E 144 -8.43 -26.50 39.51
CA TYR E 144 -7.11 -26.76 38.94
C TYR E 144 -7.13 -26.46 37.44
N PRO E 145 -6.13 -25.70 36.94
CA PRO E 145 -4.98 -25.13 37.64
C PRO E 145 -5.34 -24.02 38.62
N GLY E 146 -4.38 -23.63 39.45
CA GLY E 146 -4.63 -22.65 40.50
C GLY E 146 -4.58 -21.21 40.05
N ALA E 147 -5.50 -20.86 39.17
CA ALA E 147 -5.61 -19.49 38.69
C ALA E 147 -7.03 -19.15 38.30
N VAL E 148 -7.62 -18.20 39.01
CA VAL E 148 -8.97 -17.75 38.71
C VAL E 148 -9.01 -16.22 38.77
N THR E 149 -10.01 -15.63 38.12
CA THR E 149 -10.25 -14.20 38.24
C THR E 149 -11.61 -14.00 38.89
N VAL E 150 -11.67 -13.10 39.86
CA VAL E 150 -12.91 -12.88 40.60
C VAL E 150 -13.47 -11.49 40.34
N ALA E 151 -14.73 -11.44 39.95
CA ALA E 151 -15.41 -10.18 39.71
C ALA E 151 -16.71 -10.13 40.49
N TRP E 152 -16.94 -9.02 41.19
CA TRP E 152 -18.15 -8.84 41.96
C TRP E 152 -19.13 -7.96 41.19
N LYS E 153 -20.42 -8.23 41.36
CA LYS E 153 -21.45 -7.46 40.67
C LYS E 153 -22.51 -6.91 41.63
N ALA E 154 -22.68 -5.59 41.60
CA ALA E 154 -23.82 -4.97 42.27
C ALA E 154 -24.96 -4.93 41.27
N ASP E 155 -26.02 -5.70 41.57
CA ASP E 155 -27.08 -5.97 40.60
C ASP E 155 -26.46 -6.60 39.35
N SER E 156 -26.20 -5.77 38.35
CA SER E 156 -25.53 -6.22 37.14
C SER E 156 -24.30 -5.37 36.85
N SER E 157 -24.08 -4.36 37.69
CA SER E 157 -22.96 -3.45 37.53
C SER E 157 -21.72 -3.91 38.29
N PRO E 158 -20.54 -3.79 37.66
CA PRO E 158 -19.27 -4.18 38.28
C PRO E 158 -18.94 -3.30 39.48
N VAL E 159 -18.36 -3.87 40.52
CA VAL E 159 -17.94 -3.11 41.69
C VAL E 159 -16.46 -3.35 42.00
N LYS E 160 -15.71 -2.26 42.11
CA LYS E 160 -14.27 -2.33 42.32
C LYS E 160 -13.89 -2.04 43.77
N ALA E 161 -14.71 -1.24 44.46
CA ALA E 161 -14.43 -0.84 45.82
C ALA E 161 -14.83 -1.90 46.85
N GLY E 162 -13.97 -2.08 47.86
CA GLY E 162 -14.26 -2.96 48.98
C GLY E 162 -13.97 -4.43 48.75
N VAL E 163 -13.24 -4.74 47.69
CA VAL E 163 -12.94 -6.13 47.37
C VAL E 163 -11.51 -6.52 47.76
N GLU E 164 -11.38 -7.55 48.56
CA GLU E 164 -10.07 -8.12 48.88
C GLU E 164 -10.08 -9.61 48.56
N THR E 165 -9.19 -10.03 47.67
CA THR E 165 -9.15 -11.41 47.23
C THR E 165 -7.77 -12.01 47.46
N THR E 166 -7.75 -13.20 48.04
CA THR E 166 -6.48 -13.90 48.30
C THR E 166 -5.95 -14.54 47.03
N THR E 167 -4.64 -14.77 47.01
CA THR E 167 -4.04 -15.54 45.93
C THR E 167 -4.24 -17.02 46.23
N PRO E 168 -4.64 -17.79 45.21
CA PRO E 168 -4.93 -19.23 45.39
C PRO E 168 -3.74 -20.01 45.94
N SER E 169 -4.03 -20.96 46.83
CA SER E 169 -2.99 -21.76 47.45
C SER E 169 -3.31 -23.24 47.35
N LYS E 170 -2.27 -24.07 47.24
CA LYS E 170 -2.43 -25.50 47.10
C LYS E 170 -3.13 -26.11 48.31
N GLN E 171 -4.03 -27.06 48.05
CA GLN E 171 -4.69 -27.81 49.11
C GLN E 171 -3.92 -29.09 49.39
N SER E 172 -4.52 -29.99 50.16
CA SER E 172 -3.92 -31.28 50.42
C SER E 172 -3.95 -32.14 49.16
N ASN E 173 -5.03 -32.04 48.40
CA ASN E 173 -5.19 -32.80 47.17
C ASN E 173 -4.53 -32.15 45.96
N ASN E 174 -3.60 -31.22 46.25
CA ASN E 174 -2.83 -30.52 45.23
C ASN E 174 -3.69 -29.65 44.31
N LYS E 175 -4.96 -29.49 44.65
CA LYS E 175 -5.81 -28.51 44.00
C LYS E 175 -5.66 -27.19 44.74
N TYR E 176 -6.44 -26.18 44.34
CA TYR E 176 -6.27 -24.87 44.92
C TYR E 176 -7.54 -24.34 45.58
N ALA E 177 -7.35 -23.43 46.54
CA ALA E 177 -8.45 -22.79 47.22
C ALA E 177 -8.20 -21.29 47.30
N ALA E 178 -9.27 -20.51 47.27
CA ALA E 178 -9.15 -19.07 47.36
C ALA E 178 -10.44 -18.46 47.92
N SER E 179 -10.36 -17.23 48.39
CA SER E 179 -11.53 -16.56 48.93
C SER E 179 -11.51 -15.07 48.57
N SER E 180 -12.70 -14.52 48.36
CA SER E 180 -12.84 -13.11 48.04
C SER E 180 -13.83 -12.47 49.00
N TYR E 181 -13.46 -11.32 49.55
CA TYR E 181 -14.30 -10.63 50.52
C TYR E 181 -14.74 -9.27 49.99
N LEU E 182 -16.05 -9.04 50.01
CA LEU E 182 -16.59 -7.75 49.62
C LEU E 182 -17.01 -6.97 50.85
N SER E 183 -16.21 -5.98 51.23
CA SER E 183 -16.54 -5.15 52.37
C SER E 183 -17.61 -4.16 51.95
N LEU E 184 -18.68 -4.11 52.73
CA LEU E 184 -19.84 -3.29 52.38
C LEU E 184 -20.37 -2.53 53.58
N THR E 185 -21.04 -1.43 53.32
CA THR E 185 -21.83 -0.76 54.36
C THR E 185 -23.22 -1.39 54.38
N PRO E 186 -23.85 -1.42 55.56
CA PRO E 186 -25.21 -1.96 55.69
C PRO E 186 -26.18 -1.27 54.73
N GLU E 187 -25.96 0.02 54.49
CA GLU E 187 -26.80 0.79 53.58
C GLU E 187 -26.68 0.29 52.14
N GLN E 188 -25.45 0.05 51.69
CA GLN E 188 -25.23 -0.49 50.35
C GLN E 188 -25.84 -1.88 50.18
N TRP E 189 -25.72 -2.69 51.22
CA TRP E 189 -26.27 -4.05 51.19
C TRP E 189 -27.79 -4.06 51.09
N LYS E 190 -28.44 -3.20 51.88
CA LYS E 190 -29.90 -3.17 51.92
C LYS E 190 -30.52 -2.46 50.71
N SER E 191 -29.75 -1.57 50.10
CA SER E 191 -30.26 -0.75 49.01
C SER E 191 -30.21 -1.45 47.65
N HIS E 192 -29.64 -2.65 47.62
CA HIS E 192 -29.51 -3.39 46.37
C HIS E 192 -30.37 -4.63 46.38
N ARG E 193 -30.85 -5.04 45.21
CA ARG E 193 -31.67 -6.24 45.11
C ARG E 193 -30.81 -7.48 45.32
N SER E 194 -29.58 -7.43 44.81
CA SER E 194 -28.67 -8.57 44.94
C SER E 194 -27.22 -8.22 44.66
N TYR E 195 -26.31 -9.03 45.20
CA TYR E 195 -24.89 -8.95 44.89
C TYR E 195 -24.44 -10.31 44.36
N SER E 196 -23.46 -10.30 43.45
CA SER E 196 -23.01 -11.54 42.83
C SER E 196 -21.50 -11.73 42.89
N CYS E 197 -21.08 -12.97 43.05
CA CYS E 197 -19.65 -13.32 42.99
C CYS E 197 -19.38 -14.18 41.76
N GLN E 198 -18.61 -13.63 40.82
CA GLN E 198 -18.32 -14.32 39.58
C GLN E 198 -16.88 -14.83 39.54
N VAL E 199 -16.73 -16.15 39.53
CA VAL E 199 -15.42 -16.77 39.48
C VAL E 199 -15.14 -17.35 38.10
N THR E 200 -14.14 -16.81 37.41
CA THR E 200 -13.79 -17.29 36.08
C THR E 200 -12.59 -18.23 36.15
N HIS E 201 -12.75 -19.43 35.61
CA HIS E 201 -11.70 -20.43 35.65
C HIS E 201 -11.61 -21.18 34.32
N GLU E 202 -10.43 -21.10 33.69
CA GLU E 202 -10.18 -21.75 32.41
C GLU E 202 -11.20 -21.35 31.35
N GLY E 203 -11.61 -20.08 31.38
CA GLY E 203 -12.55 -19.55 30.43
C GLY E 203 -14.02 -19.69 30.83
N SER E 204 -14.29 -20.54 31.82
CA SER E 204 -15.66 -20.75 32.28
C SER E 204 -15.94 -19.96 33.55
N THR E 205 -17.14 -19.39 33.66
CA THR E 205 -17.51 -18.56 34.79
C THR E 205 -18.59 -19.18 35.66
N VAL E 206 -18.31 -19.32 36.96
CA VAL E 206 -19.28 -19.79 37.93
C VAL E 206 -19.76 -18.61 38.78
N GLU E 207 -21.07 -18.42 38.85
CA GLU E 207 -21.63 -17.26 39.54
C GLU E 207 -22.56 -17.65 40.68
N LYS E 208 -22.39 -16.98 41.81
CA LYS E 208 -23.31 -17.12 42.94
C LYS E 208 -23.89 -15.76 43.29
N THR E 209 -25.13 -15.74 43.74
CA THR E 209 -25.82 -14.48 44.01
C THR E 209 -26.57 -14.52 45.33
N VAL E 210 -26.44 -13.44 46.11
CA VAL E 210 -27.17 -13.32 47.37
C VAL E 210 -28.00 -12.04 47.42
N ALA E 211 -29.07 -12.09 48.20
CA ALA E 211 -29.99 -10.95 48.33
C ALA E 211 -30.29 -10.66 49.79
N PRO E 212 -30.55 -9.38 50.12
CA PRO E 212 -30.85 -9.01 51.51
C PRO E 212 -32.26 -9.41 51.92
N THR E 213 -33.08 -9.84 50.96
CA THR E 213 -34.44 -10.25 51.24
C THR E 213 -34.61 -11.76 51.04
N ALA F 1 50.75 19.76 51.97
CA ALA F 1 49.55 20.57 52.12
C ALA F 1 48.28 19.71 52.06
N PRO F 2 47.61 19.55 53.21
CA PRO F 2 46.39 18.75 53.31
C PRO F 2 45.24 19.29 52.47
N THR F 3 44.72 18.48 51.56
CA THR F 3 43.58 18.86 50.75
C THR F 3 42.31 18.90 51.59
N SER F 4 41.66 20.06 51.63
CA SER F 4 40.51 20.27 52.51
C SER F 4 39.26 19.55 52.02
N SER F 5 38.13 19.87 52.65
CA SER F 5 36.85 19.23 52.35
C SER F 5 36.22 19.73 51.05
N SER F 6 36.28 21.04 50.83
CA SER F 6 35.70 21.63 49.63
C SER F 6 36.39 21.17 48.35
N THR F 7 37.71 21.19 48.35
CA THR F 7 38.49 20.75 47.19
C THR F 7 38.24 19.26 46.90
N LYS F 8 37.98 18.49 47.95
CA LYS F 8 37.71 17.06 47.78
C LYS F 8 36.35 16.84 47.14
N LYS F 9 35.37 17.64 47.53
CA LYS F 9 34.02 17.53 46.98
C LYS F 9 34.03 17.95 45.51
N THR F 10 34.75 19.01 45.20
CA THR F 10 34.87 19.48 43.82
C THR F 10 35.54 18.43 42.94
N GLN F 11 36.60 17.83 43.44
CA GLN F 11 37.30 16.77 42.72
C GLN F 11 36.40 15.56 42.53
N LEU F 12 35.60 15.25 43.55
CA LEU F 12 34.67 14.13 43.50
C LEU F 12 33.56 14.36 42.48
N GLN F 13 33.08 15.60 42.41
CA GLN F 13 32.02 15.97 41.48
C GLN F 13 32.54 15.90 40.04
N LEU F 14 33.81 16.19 39.86
CA LEU F 14 34.43 16.20 38.53
C LEU F 14 34.55 14.79 37.97
N GLU F 15 34.95 13.84 38.81
CA GLU F 15 35.09 12.46 38.38
C GLU F 15 33.73 11.86 38.07
N HIS F 16 32.72 12.30 38.81
CA HIS F 16 31.33 11.92 38.54
C HIS F 16 30.94 12.39 37.14
N LEU F 17 31.22 13.66 36.86
CA LEU F 17 30.97 14.24 35.55
C LEU F 17 31.79 13.53 34.48
N LEU F 18 33.07 13.33 34.76
CA LEU F 18 34.00 12.68 33.84
C LEU F 18 33.52 11.29 33.42
N LEU F 19 33.16 10.46 34.40
CA LEU F 19 32.73 9.09 34.13
C LEU F 19 31.45 9.05 33.30
N ASP F 20 30.54 9.98 33.58
CA ASP F 20 29.28 10.05 32.84
C ASP F 20 29.54 10.43 31.38
N LEU F 21 30.47 11.35 31.17
CA LEU F 21 30.87 11.75 29.83
C LEU F 21 31.54 10.59 29.11
N GLN F 22 32.30 9.80 29.86
CA GLN F 22 33.01 8.64 29.30
C GLN F 22 32.05 7.52 28.93
N MET F 23 30.95 7.40 29.68
CA MET F 23 29.94 6.39 29.37
C MET F 23 29.35 6.64 27.99
N ILE F 24 29.06 7.90 27.70
CA ILE F 24 28.53 8.30 26.40
C ILE F 24 29.54 8.03 25.30
N LEU F 25 30.79 8.44 25.53
CA LEU F 25 31.86 8.25 24.57
C LEU F 25 32.08 6.77 24.25
N ASN F 26 32.22 5.97 25.30
CA ASN F 26 32.43 4.53 25.14
C ASN F 26 31.25 3.85 24.47
N GLY F 27 30.06 4.36 24.73
CA GLY F 27 28.86 3.84 24.10
C GLY F 27 28.86 4.07 22.61
N ILE F 28 29.30 5.27 22.20
CA ILE F 28 29.34 5.64 20.79
C ILE F 28 30.47 4.89 20.06
N ASN F 29 31.63 4.81 20.69
CA ASN F 29 32.78 4.13 20.08
C ASN F 29 32.53 2.65 19.84
N ASN F 30 31.90 1.99 20.81
CA ASN F 30 31.63 0.57 20.70
C ASN F 30 30.38 0.27 19.88
N TYR F 31 29.63 1.33 19.59
CA TYR F 31 28.45 1.22 18.74
C TYR F 31 28.90 1.03 17.29
N LYS F 32 28.35 0.03 16.61
CA LYS F 32 28.68 -0.22 15.21
C LYS F 32 27.42 -0.43 14.36
N ASN F 33 27.08 0.58 13.56
CA ASN F 33 25.88 0.56 12.74
C ASN F 33 26.04 1.41 11.48
N PRO F 34 25.41 1.01 10.38
CA PRO F 34 25.45 1.82 9.16
C PRO F 34 24.77 3.18 9.33
N LYS F 35 23.58 3.19 9.95
CA LYS F 35 22.84 4.43 10.14
C LYS F 35 23.17 5.02 11.51
N LEU F 36 24.34 4.64 12.02
CA LEU F 36 24.82 5.11 13.32
C LEU F 36 25.09 6.61 13.29
N THR F 37 26.22 6.95 12.68
CA THR F 37 26.72 8.31 12.69
C THR F 37 25.77 9.30 12.03
N ARG F 38 24.88 8.80 11.17
CA ARG F 38 23.94 9.69 10.49
C ARG F 38 23.15 10.53 11.49
N MET F 39 22.72 9.91 12.59
CA MET F 39 22.03 10.65 13.64
C MET F 39 23.05 11.36 14.53
N LEU F 40 24.23 10.78 14.67
CA LEU F 40 25.28 11.35 15.50
C LEU F 40 26.19 12.29 14.70
N THR F 41 25.79 12.61 13.48
CA THR F 41 26.58 13.47 12.59
C THR F 41 26.52 14.92 13.02
N PHE F 42 25.48 15.28 13.76
CA PHE F 42 25.26 16.66 14.15
C PHE F 42 26.47 17.22 14.90
N LYS F 43 26.85 18.45 14.55
CA LYS F 43 28.04 19.09 15.07
C LYS F 43 27.77 19.75 16.42
N PHE F 44 28.76 19.72 17.30
CA PHE F 44 28.63 20.33 18.61
C PHE F 44 29.57 21.52 18.75
N TYR F 45 29.11 22.56 19.42
CA TYR F 45 29.90 23.78 19.61
C TYR F 45 30.92 23.66 20.73
N MET F 46 32.11 24.18 20.44
CA MET F 46 33.25 24.07 21.34
C MET F 46 33.60 25.43 21.95
N PRO F 47 34.06 25.43 23.21
CA PRO F 47 34.50 26.66 23.88
C PRO F 47 35.86 27.16 23.39
N LYS F 48 36.02 28.47 23.27
CA LYS F 48 37.31 29.04 22.93
C LYS F 48 38.30 28.76 24.05
N LYS F 49 37.87 29.01 25.29
CA LYS F 49 38.70 28.73 26.45
C LYS F 49 37.94 27.92 27.49
N ALA F 50 38.51 26.77 27.84
CA ALA F 50 37.95 25.92 28.89
C ALA F 50 38.99 25.71 29.97
N THR F 51 39.15 26.70 30.85
CA THR F 51 40.22 26.67 31.84
C THR F 51 39.71 26.85 33.26
N GLU F 52 38.44 27.25 33.38
CA GLU F 52 37.82 27.43 34.69
C GLU F 52 36.50 26.66 34.77
N LEU F 53 36.07 26.37 35.99
CA LEU F 53 34.82 25.63 36.21
C LEU F 53 33.62 26.38 35.64
N LYS F 54 33.68 27.71 35.68
CA LYS F 54 32.60 28.57 35.20
C LYS F 54 32.40 28.42 33.70
N HIS F 55 33.43 27.95 33.00
CA HIS F 55 33.36 27.74 31.56
C HIS F 55 32.52 26.52 31.20
N LEU F 56 32.04 25.81 32.22
CA LEU F 56 31.16 24.67 32.00
C LEU F 56 29.80 25.13 31.49
N GLN F 57 29.59 26.45 31.48
CA GLN F 57 28.41 27.05 30.89
C GLN F 57 28.36 26.66 29.41
N CYS F 58 29.53 26.59 28.79
CA CYS F 58 29.65 26.17 27.39
C CYS F 58 29.18 24.73 27.20
N LEU F 59 29.42 23.90 28.20
CA LEU F 59 28.95 22.52 28.19
C LEU F 59 27.46 22.45 28.48
N GLU F 60 27.02 23.23 29.46
CA GLU F 60 25.63 23.24 29.89
C GLU F 60 24.69 23.61 28.74
N GLU F 61 25.07 24.62 27.97
CA GLU F 61 24.25 25.09 26.86
C GLU F 61 24.20 24.07 25.72
N GLU F 62 25.18 23.17 25.70
CA GLU F 62 25.23 22.12 24.69
C GLU F 62 24.63 20.81 25.19
N LEU F 63 24.10 20.83 26.41
CA LEU F 63 23.52 19.63 27.01
C LEU F 63 22.19 19.27 26.35
N LYS F 64 21.38 20.28 26.04
CA LYS F 64 20.08 20.06 25.43
C LYS F 64 20.19 19.47 24.01
N PRO F 65 21.08 20.03 23.16
CA PRO F 65 21.25 19.35 21.87
C PRO F 65 21.89 17.96 22.03
N LEU F 66 22.76 17.80 23.01
CA LEU F 66 23.38 16.50 23.27
C LEU F 66 22.33 15.44 23.58
N GLU F 67 21.35 15.80 24.41
CA GLU F 67 20.26 14.91 24.76
C GLU F 67 19.45 14.49 23.54
N GLU F 68 19.07 15.47 22.73
CA GLU F 68 18.22 15.22 21.57
C GLU F 68 18.94 14.44 20.48
N VAL F 69 20.23 14.69 20.31
CA VAL F 69 21.03 13.94 19.35
C VAL F 69 21.11 12.48 19.76
N LEU F 70 21.37 12.25 21.05
CA LEU F 70 21.41 10.90 21.59
C LEU F 70 20.04 10.24 21.49
N ASN F 71 18.98 11.02 21.69
CA ASN F 71 17.62 10.53 21.57
C ASN F 71 17.30 10.04 20.16
N LEU F 72 17.82 10.74 19.16
CA LEU F 72 17.60 10.38 17.77
C LEU F 72 18.27 9.05 17.42
N ALA F 73 19.45 8.83 17.96
CA ALA F 73 20.17 7.58 17.74
C ALA F 73 19.91 6.60 18.87
N GLN F 74 18.73 5.98 18.85
CA GLN F 74 18.36 5.02 19.89
C GLN F 74 17.88 3.70 19.26
N SER F 75 18.81 2.79 19.04
CA SER F 75 18.47 1.47 18.54
C SER F 75 18.44 0.46 19.68
N LYS F 76 18.25 -0.82 19.35
CA LYS F 76 18.28 -1.88 20.35
C LYS F 76 19.62 -1.91 21.07
N ASN F 77 20.71 -1.90 20.30
CA ASN F 77 22.05 -1.99 20.86
C ASN F 77 22.49 -0.72 21.58
N PHE F 78 21.90 0.41 21.23
CA PHE F 78 22.29 1.69 21.83
C PHE F 78 21.19 2.26 22.73
N HIS F 79 21.32 2.00 24.03
CA HIS F 79 20.31 2.41 25.02
C HIS F 79 20.97 3.18 26.16
N LEU F 80 20.74 4.49 26.23
CA LEU F 80 21.47 5.35 27.17
C LEU F 80 20.61 6.14 28.15
N ARG F 81 19.31 6.19 27.90
CA ARG F 81 18.39 7.02 28.69
C ARG F 81 18.85 8.47 28.72
N PRO F 82 18.81 9.16 27.57
CA PRO F 82 19.37 10.50 27.41
C PRO F 82 18.78 11.54 28.38
N ARG F 83 17.45 11.56 28.50
CA ARG F 83 16.78 12.54 29.35
C ARG F 83 17.27 12.50 30.80
N ASP F 84 17.41 11.30 31.36
CA ASP F 84 17.86 11.15 32.73
C ASP F 84 19.38 11.31 32.84
N LEU F 85 20.10 10.82 31.85
CA LEU F 85 21.55 10.92 31.81
C LEU F 85 22.03 12.36 31.79
N ILE F 86 21.43 13.15 30.91
CA ILE F 86 21.78 14.56 30.80
C ILE F 86 21.38 15.31 32.06
N SER F 87 20.22 14.95 32.61
CA SER F 87 19.75 15.53 33.86
C SER F 87 20.74 15.28 34.99
N ASN F 88 21.32 14.08 35.02
CA ASN F 88 22.37 13.75 35.97
C ASN F 88 23.64 14.56 35.72
N ILE F 89 24.00 14.69 34.44
CA ILE F 89 25.13 15.51 34.05
C ILE F 89 24.87 16.97 34.38
N ASN F 90 23.63 17.40 34.16
CA ASN F 90 23.23 18.79 34.39
C ASN F 90 23.38 19.22 35.84
N VAL F 91 22.86 18.42 36.78
CA VAL F 91 22.89 18.79 38.18
C VAL F 91 24.31 18.82 38.72
N ILE F 92 25.20 18.03 38.11
CA ILE F 92 26.61 18.03 38.49
C ILE F 92 27.28 19.30 37.98
N VAL F 93 26.98 19.67 36.74
CA VAL F 93 27.51 20.89 36.13
C VAL F 93 27.13 22.12 36.95
N LEU F 94 25.86 22.19 37.36
CA LEU F 94 25.38 23.33 38.13
C LEU F 94 26.08 23.44 39.49
N GLU F 95 26.49 22.30 40.03
CA GLU F 95 27.23 22.27 41.29
C GLU F 95 28.66 22.73 41.10
N LEU F 96 29.18 22.56 39.89
CA LEU F 96 30.57 22.91 39.59
C LEU F 96 30.78 24.34 39.09
N LYS F 97 29.92 24.79 38.18
CA LYS F 97 30.10 26.11 37.57
C LYS F 97 29.59 27.24 38.44
N GLY F 98 28.70 26.92 39.37
CA GLY F 98 28.11 27.93 40.22
C GLY F 98 29.03 28.29 41.36
N SER F 99 29.28 29.59 41.53
CA SER F 99 30.17 30.06 42.59
C SER F 99 29.54 29.87 43.96
N THR F 102 24.89 34.64 34.90
CA THR F 102 26.12 35.13 35.50
C THR F 102 27.28 35.18 34.49
N PHE F 103 27.37 34.15 33.66
CA PHE F 103 28.44 34.06 32.67
C PHE F 103 27.88 33.77 31.28
N MET F 104 28.43 34.46 30.27
CA MET F 104 28.02 34.23 28.89
C MET F 104 29.09 33.42 28.16
N CYS F 105 28.70 32.23 27.69
CA CYS F 105 29.64 31.31 27.06
C CYS F 105 30.23 31.83 25.75
N GLU F 106 31.54 31.73 25.61
CA GLU F 106 32.20 32.08 24.35
C GLU F 106 32.50 30.82 23.55
N TYR F 107 32.12 30.81 22.28
CA TYR F 107 32.29 29.63 21.44
C TYR F 107 33.35 29.82 20.37
N ALA F 108 34.03 28.73 20.02
CA ALA F 108 35.01 28.74 18.94
C ALA F 108 34.30 28.84 17.59
N ASP F 109 35.04 29.27 16.56
CA ASP F 109 34.48 29.40 15.23
C ASP F 109 34.31 28.02 14.60
N GLU F 110 35.09 27.07 15.10
CA GLU F 110 35.06 25.70 14.60
C GLU F 110 34.10 24.82 15.39
N THR F 111 33.21 24.14 14.68
CA THR F 111 32.35 23.15 15.30
C THR F 111 33.06 21.80 15.23
N ALA F 112 32.64 20.86 16.06
CA ALA F 112 33.30 19.57 16.14
C ALA F 112 32.30 18.43 16.14
N THR F 113 32.81 17.20 16.12
CA THR F 113 31.94 16.04 16.18
C THR F 113 31.65 15.70 17.63
N ILE F 114 30.66 14.85 17.86
CA ILE F 114 30.26 14.48 19.21
C ILE F 114 31.42 13.82 19.95
N VAL F 115 32.24 13.08 19.22
CA VAL F 115 33.41 12.43 19.81
C VAL F 115 34.43 13.46 20.26
N GLU F 116 34.72 14.41 19.38
CA GLU F 116 35.63 15.51 19.70
C GLU F 116 35.04 16.37 20.81
N PHE F 117 33.73 16.56 20.79
CA PHE F 117 33.02 17.32 21.81
C PHE F 117 33.15 16.67 23.18
N LEU F 118 32.94 15.36 23.22
CA LEU F 118 33.01 14.61 24.48
C LEU F 118 34.45 14.57 25.01
N ASN F 119 35.39 14.27 24.13
CA ASN F 119 36.81 14.23 24.48
C ASN F 119 37.30 15.53 25.09
N ARG F 120 36.80 16.65 24.55
CA ARG F 120 37.16 17.97 25.03
C ARG F 120 36.83 18.15 26.50
N TRP F 121 35.59 17.85 26.86
CA TRP F 121 35.13 18.02 28.24
C TRP F 121 35.66 16.90 29.13
N ILE F 122 35.98 15.76 28.52
CA ILE F 122 36.65 14.68 29.24
C ILE F 122 38.05 15.14 29.63
N THR F 123 38.75 15.73 28.67
CA THR F 123 40.05 16.32 28.92
C THR F 123 39.98 17.45 29.94
N PHE F 124 38.92 18.25 29.83
CA PHE F 124 38.70 19.37 30.74
C PHE F 124 38.65 18.94 32.20
N CYS F 125 37.79 17.96 32.48
CA CYS F 125 37.64 17.43 33.84
C CYS F 125 38.95 16.89 34.37
N GLN F 126 39.62 16.09 33.54
CA GLN F 126 40.92 15.52 33.90
C GLN F 126 41.95 16.60 34.17
N SER F 127 41.88 17.67 33.39
CA SER F 127 42.80 18.80 33.52
C SER F 127 42.61 19.53 34.86
N ILE F 128 41.36 19.70 35.27
CA ILE F 128 41.05 20.42 36.50
C ILE F 128 41.40 19.56 37.73
N ILE F 129 41.07 18.28 37.65
CA ILE F 129 41.35 17.34 38.73
C ILE F 129 42.84 17.29 39.05
N SER F 130 43.66 17.24 38.00
CA SER F 130 45.11 17.19 38.15
C SER F 130 45.66 18.42 38.87
N THR F 131 45.04 19.58 38.63
CA THR F 131 45.47 20.82 39.28
C THR F 131 45.12 20.82 40.77
N LEU F 132 43.98 20.23 41.10
CA LEU F 132 43.52 20.18 42.48
C LEU F 132 44.28 19.14 43.31
N THR F 133 45.06 18.32 42.62
CA THR F 133 45.86 17.29 43.30
C THR F 133 47.35 17.61 43.21
N LEU G 2 16.43 -8.64 -41.70
CA LEU G 2 15.93 -7.41 -41.11
C LEU G 2 14.60 -7.63 -40.39
N GLN G 3 14.56 -7.28 -39.12
CA GLN G 3 13.35 -7.43 -38.32
C GLN G 3 13.09 -6.19 -37.47
N LEU G 4 11.82 -5.83 -37.35
CA LEU G 4 11.41 -4.67 -36.56
C LEU G 4 10.55 -5.13 -35.38
N GLN G 5 10.74 -4.51 -34.23
CA GLN G 5 9.99 -4.87 -33.04
C GLN G 5 9.48 -3.65 -32.28
N GLU G 6 8.16 -3.54 -32.15
CA GLU G 6 7.55 -2.47 -31.37
C GLU G 6 7.64 -2.77 -29.89
N SER G 7 7.85 -1.73 -29.10
CA SER G 7 7.88 -1.87 -27.65
C SER G 7 7.00 -0.81 -27.00
N GLY G 8 6.00 -1.26 -26.25
CA GLY G 8 5.09 -0.35 -25.60
C GLY G 8 4.68 -0.81 -24.22
N PRO G 9 3.85 -0.01 -23.55
CA PRO G 9 3.37 -0.25 -22.18
C PRO G 9 2.24 -1.26 -22.09
N GLY G 10 1.49 -1.43 -23.17
CA GLY G 10 0.37 -2.35 -23.18
C GLY G 10 -0.92 -1.80 -22.59
N LEU G 11 -0.80 -1.13 -21.45
CA LEU G 11 -1.94 -0.55 -20.77
C LEU G 11 -1.66 0.90 -20.38
N VAL G 12 -2.50 1.81 -20.84
CA VAL G 12 -2.31 3.24 -20.59
C VAL G 12 -3.61 3.94 -20.22
N LYS G 13 -3.55 4.82 -19.23
CA LYS G 13 -4.72 5.59 -18.82
C LYS G 13 -4.89 6.80 -19.74
N PRO G 14 -6.16 7.19 -19.99
CA PRO G 14 -6.49 8.37 -20.80
C PRO G 14 -5.78 9.64 -20.34
N SER G 15 -5.59 10.57 -21.28
CA SER G 15 -4.94 11.86 -21.04
C SER G 15 -3.44 11.75 -20.82
N GLN G 16 -2.94 10.52 -20.66
CA GLN G 16 -1.50 10.30 -20.52
C GLN G 16 -0.84 10.27 -21.90
N THR G 17 0.49 10.24 -21.91
CA THR G 17 1.25 10.20 -23.15
C THR G 17 1.74 8.80 -23.46
N LEU G 18 1.36 8.29 -24.64
CA LEU G 18 1.78 6.97 -25.08
C LEU G 18 3.19 6.99 -25.63
N SER G 19 4.07 6.17 -25.08
CA SER G 19 5.45 6.10 -25.54
C SER G 19 5.78 4.73 -26.14
N LEU G 20 6.07 4.73 -27.43
CA LEU G 20 6.44 3.50 -28.13
C LEU G 20 7.88 3.60 -28.61
N THR G 21 8.51 2.45 -28.85
CA THR G 21 9.87 2.41 -29.36
C THR G 21 10.06 1.21 -30.28
N CYS G 22 10.59 1.45 -31.47
CA CYS G 22 10.84 0.38 -32.42
C CYS G 22 12.33 0.03 -32.44
N THR G 23 12.64 -1.25 -32.40
CA THR G 23 14.03 -1.71 -32.40
C THR G 23 14.36 -2.44 -33.70
N VAL G 24 15.35 -1.94 -34.42
CA VAL G 24 15.78 -2.54 -35.67
C VAL G 24 16.84 -3.62 -35.44
N SER G 25 16.54 -4.84 -35.91
CA SER G 25 17.46 -5.96 -35.79
C SER G 25 17.76 -6.57 -37.16
N GLY G 26 18.97 -7.08 -37.32
CA GLY G 26 19.39 -7.68 -38.58
C GLY G 26 19.56 -6.61 -39.64
N GLY G 27 19.65 -5.36 -39.19
CA GLY G 27 19.78 -4.22 -40.07
C GLY G 27 20.08 -2.98 -39.26
N SER G 28 20.26 -1.84 -39.93
CA SER G 28 20.55 -0.61 -39.24
C SER G 28 19.87 0.59 -39.89
N ILE G 29 19.78 1.68 -39.12
CA ILE G 29 19.30 2.94 -39.63
C ILE G 29 20.53 3.74 -40.10
N SER G 30 21.20 3.19 -41.10
CA SER G 30 22.50 3.70 -41.53
C SER G 30 22.49 4.27 -42.95
N SER G 31 21.33 4.27 -43.59
CA SER G 31 21.23 4.77 -44.95
C SER G 31 20.04 5.70 -45.15
N GLY G 32 20.15 6.59 -46.12
CA GLY G 32 19.08 7.53 -46.42
C GLY G 32 18.07 6.95 -47.39
N GLY G 33 18.22 5.66 -47.67
CA GLY G 33 17.33 4.98 -48.59
C GLY G 33 15.94 4.72 -48.05
N TYR G 34 15.74 4.95 -46.75
CA TYR G 34 14.48 4.56 -46.12
C TYR G 34 13.92 5.58 -45.14
N TYR G 35 12.59 5.57 -45.01
CA TYR G 35 11.89 6.25 -43.93
C TYR G 35 11.52 5.21 -42.89
N TRP G 36 11.43 5.62 -41.63
CA TRP G 36 11.06 4.70 -40.57
C TRP G 36 9.74 5.11 -39.94
N SER G 37 8.71 4.29 -40.16
CA SER G 37 7.34 4.75 -39.97
C SER G 37 6.61 4.11 -38.79
N TRP G 38 5.51 4.76 -38.40
CA TRP G 38 4.60 4.23 -37.41
C TRP G 38 3.20 4.16 -37.98
N ILE G 39 2.57 2.99 -37.86
CA ILE G 39 1.21 2.80 -38.35
C ILE G 39 0.38 2.16 -37.23
N ARG G 40 -0.90 2.51 -37.14
CA ARG G 40 -1.75 1.94 -36.11
C ARG G 40 -3.07 1.42 -36.67
N GLN G 41 -3.73 0.58 -35.89
CA GLN G 41 -4.99 -0.03 -36.31
C GLN G 41 -5.92 -0.25 -35.12
N HIS G 42 -6.97 0.57 -35.05
CA HIS G 42 -7.99 0.42 -34.02
C HIS G 42 -8.71 -0.91 -34.22
N PRO G 43 -8.98 -1.63 -33.12
CA PRO G 43 -9.62 -2.96 -33.19
C PRO G 43 -10.88 -2.97 -34.03
N GLY G 44 -10.86 -3.76 -35.10
CA GLY G 44 -11.99 -3.87 -36.01
C GLY G 44 -12.04 -2.75 -37.04
N LYS G 45 -11.01 -1.91 -37.05
CA LYS G 45 -10.94 -0.83 -38.02
C LYS G 45 -9.74 -1.01 -38.95
N GLY G 46 -9.49 -0.02 -39.80
CA GLY G 46 -8.44 -0.12 -40.80
C GLY G 46 -7.09 0.40 -40.36
N LEU G 47 -6.13 0.38 -41.27
CA LEU G 47 -4.78 0.85 -40.99
C LEU G 47 -4.72 2.37 -41.13
N GLU G 48 -3.94 3.01 -40.26
CA GLU G 48 -3.79 4.46 -40.30
C GLU G 48 -2.33 4.87 -40.15
N TRP G 49 -1.81 5.61 -41.12
CA TRP G 49 -0.45 6.11 -41.06
C TRP G 49 -0.36 7.19 -39.99
N ILE G 50 0.65 7.11 -39.15
CA ILE G 50 0.85 8.09 -38.08
C ILE G 50 1.92 9.09 -38.50
N GLY G 51 3.08 8.57 -38.90
CA GLY G 51 4.15 9.40 -39.41
C GLY G 51 5.44 8.61 -39.56
N TYR G 52 6.43 9.21 -40.22
CA TYR G 52 7.76 8.60 -40.24
C TYR G 52 8.88 9.62 -40.12
N ILE G 53 10.08 9.12 -39.87
CA ILE G 53 11.24 9.97 -39.64
C ILE G 53 12.41 9.55 -40.53
N TYR G 54 13.20 10.53 -40.96
CA TYR G 54 14.41 10.29 -41.73
C TYR G 54 15.57 10.23 -40.74
N TYR G 55 16.64 9.52 -41.08
CA TYR G 55 17.73 9.33 -40.11
C TYR G 55 18.48 10.64 -39.83
N SER G 56 18.15 11.68 -40.58
CA SER G 56 18.63 13.02 -40.27
C SER G 56 17.93 13.55 -39.02
N GLY G 57 16.67 13.14 -38.85
CA GLY G 57 15.88 13.58 -37.71
C GLY G 57 14.60 14.25 -38.16
N SER G 58 14.52 14.57 -39.45
CA SER G 58 13.38 15.24 -40.02
C SER G 58 12.12 14.36 -39.99
N THR G 59 11.00 14.93 -39.58
CA THR G 59 9.78 14.16 -39.36
C THR G 59 8.67 14.54 -40.34
N TYR G 60 7.79 13.58 -40.61
CA TYR G 60 6.65 13.79 -41.49
C TYR G 60 5.43 13.13 -40.88
N TYR G 61 4.38 13.91 -40.61
CA TYR G 61 3.22 13.40 -39.87
C TYR G 61 1.92 13.37 -40.65
N ASN G 62 0.98 12.59 -40.15
CA ASN G 62 -0.40 12.60 -40.63
C ASN G 62 -1.09 13.86 -40.10
N PRO G 63 -1.71 14.64 -41.01
CA PRO G 63 -2.40 15.89 -40.65
C PRO G 63 -3.41 15.73 -39.52
N SER G 64 -4.05 14.57 -39.44
CA SER G 64 -5.07 14.33 -38.42
C SER G 64 -4.45 14.02 -37.06
N LEU G 65 -3.16 13.68 -37.05
CA LEU G 65 -2.47 13.32 -35.82
C LEU G 65 -1.26 14.21 -35.55
N LYS G 66 -0.97 15.10 -36.49
CA LYS G 66 0.24 15.94 -36.45
C LYS G 66 0.41 16.70 -35.13
N SER G 67 -0.69 17.24 -34.61
CA SER G 67 -0.64 18.07 -33.42
C SER G 67 -0.43 17.27 -32.13
N ARG G 68 -0.58 15.95 -32.20
CA ARG G 68 -0.48 15.12 -31.01
C ARG G 68 0.72 14.17 -31.02
N VAL G 69 1.37 14.02 -32.17
CA VAL G 69 2.44 13.04 -32.30
C VAL G 69 3.83 13.68 -32.28
N THR G 70 4.82 12.88 -31.90
CA THR G 70 6.22 13.29 -31.94
C THR G 70 7.09 12.05 -32.16
N ILE G 71 7.87 12.06 -33.24
CA ILE G 71 8.70 10.93 -33.59
C ILE G 71 10.18 11.29 -33.50
N SER G 72 10.96 10.43 -32.86
CA SER G 72 12.39 10.64 -32.74
C SER G 72 13.15 9.41 -33.22
N VAL G 73 14.43 9.58 -33.52
CA VAL G 73 15.24 8.47 -34.00
C VAL G 73 16.58 8.42 -33.24
N ASP G 74 17.06 7.20 -32.99
CA ASP G 74 18.33 7.01 -32.31
C ASP G 74 19.21 6.07 -33.14
N THR G 75 20.00 6.66 -34.03
CA THR G 75 20.83 5.89 -34.94
C THR G 75 21.92 5.09 -34.24
N SER G 76 22.30 5.53 -33.04
CA SER G 76 23.35 4.85 -32.29
C SER G 76 22.89 3.47 -31.82
N LYS G 77 21.65 3.39 -31.34
CA LYS G 77 21.09 2.12 -30.87
C LYS G 77 20.16 1.51 -31.90
N ASN G 78 20.04 2.15 -33.06
CA ASN G 78 19.18 1.71 -34.15
C ASN G 78 17.72 1.59 -33.73
N GLN G 79 17.25 2.59 -33.00
CA GLN G 79 15.85 2.63 -32.57
C GLN G 79 15.20 3.95 -32.94
N PHE G 80 13.89 3.93 -33.19
CA PHE G 80 13.13 5.17 -33.34
C PHE G 80 11.83 5.05 -32.56
N SER G 81 11.39 6.17 -31.99
CA SER G 81 10.29 6.15 -31.03
C SER G 81 9.15 7.08 -31.41
N LEU G 82 7.99 6.88 -30.78
CA LEU G 82 6.81 7.70 -31.01
C LEU G 82 6.19 8.12 -29.68
N LYS G 83 5.74 9.36 -29.62
CA LYS G 83 5.01 9.84 -28.44
C LYS G 83 3.66 10.46 -28.83
N LEU G 84 2.60 9.90 -28.27
CA LEU G 84 1.24 10.34 -28.56
C LEU G 84 0.58 10.92 -27.32
N SER G 85 0.42 12.24 -27.30
CA SER G 85 -0.08 12.95 -26.12
C SER G 85 -1.59 12.92 -26.02
N SER G 86 -2.10 13.03 -24.79
CA SER G 86 -3.54 13.13 -24.52
C SER G 86 -4.34 12.00 -25.18
N VAL G 87 -4.06 10.77 -24.81
CA VAL G 87 -4.71 9.62 -25.42
C VAL G 87 -6.14 9.43 -24.94
N THR G 88 -6.95 8.79 -25.77
CA THR G 88 -8.32 8.41 -25.40
C THR G 88 -8.56 6.97 -25.79
N ALA G 89 -9.79 6.50 -25.59
CA ALA G 89 -10.16 5.14 -25.96
C ALA G 89 -10.08 4.94 -27.48
N ALA G 90 -10.15 6.05 -28.21
CA ALA G 90 -10.02 6.03 -29.66
C ALA G 90 -8.59 5.74 -30.10
N ASP G 91 -7.66 5.90 -29.16
CA ASP G 91 -6.24 5.67 -29.46
C ASP G 91 -5.83 4.24 -29.14
N THR G 92 -6.76 3.47 -28.58
CA THR G 92 -6.54 2.03 -28.40
C THR G 92 -6.37 1.39 -29.77
N ALA G 93 -5.22 0.76 -29.99
CA ALA G 93 -4.91 0.17 -31.29
C ALA G 93 -3.71 -0.76 -31.21
N VAL G 94 -3.53 -1.56 -32.26
CA VAL G 94 -2.28 -2.28 -32.45
C VAL G 94 -1.35 -1.36 -33.24
N TYR G 95 -0.23 -0.99 -32.62
CA TYR G 95 0.68 -0.05 -33.24
C TYR G 95 1.83 -0.77 -33.93
N TYR G 96 2.00 -0.48 -35.22
CA TYR G 96 3.06 -1.09 -36.00
C TYR G 96 4.16 -0.09 -36.31
N CYS G 97 5.41 -0.55 -36.26
CA CYS G 97 6.50 0.21 -36.84
C CYS G 97 6.89 -0.48 -38.14
N ALA G 98 7.24 0.30 -39.15
CA ALA G 98 7.56 -0.28 -40.46
C ALA G 98 8.59 0.55 -41.20
N ARG G 99 9.11 -0.02 -42.28
CA ARG G 99 10.11 0.65 -43.09
C ARG G 99 9.58 0.91 -44.50
N THR G 100 9.91 2.07 -45.06
CA THR G 100 9.52 2.40 -46.41
C THR G 100 10.65 3.15 -47.12
N PRO G 101 10.91 2.78 -48.38
CA PRO G 101 11.96 3.42 -49.19
C PRO G 101 11.70 4.90 -49.41
N THR G 102 12.77 5.66 -49.62
CA THR G 102 12.64 7.09 -49.93
C THR G 102 12.58 7.32 -51.43
N VAL G 103 12.08 8.48 -51.81
CA VAL G 103 12.04 8.93 -53.20
C VAL G 103 11.13 8.07 -54.09
N THR G 104 11.42 6.78 -54.16
CA THR G 104 10.68 5.86 -55.02
C THR G 104 9.18 5.80 -54.72
N GLY G 105 8.81 6.06 -53.47
CA GLY G 105 7.42 6.05 -53.06
C GLY G 105 7.20 5.39 -51.71
N ASP G 106 6.01 5.57 -51.16
CA ASP G 106 5.69 5.03 -49.84
C ASP G 106 5.16 3.61 -49.91
N TRP G 107 5.97 2.66 -49.43
CA TRP G 107 5.60 1.25 -49.40
C TRP G 107 6.23 0.58 -48.18
N PHE G 108 5.39 0.09 -47.28
CA PHE G 108 5.86 -0.40 -45.99
C PHE G 108 6.29 -1.86 -46.03
N ASP G 109 7.60 -2.08 -45.97
CA ASP G 109 8.17 -3.43 -45.93
C ASP G 109 9.57 -3.38 -45.31
N PRO G 110 9.79 -4.15 -44.24
CA PRO G 110 8.78 -5.02 -43.63
C PRO G 110 8.01 -4.33 -42.51
N TRP G 111 7.07 -5.05 -41.91
CA TRP G 111 6.32 -4.56 -40.77
C TRP G 111 6.85 -5.20 -39.49
N GLY G 112 6.63 -4.53 -38.37
CA GLY G 112 6.95 -5.13 -37.09
C GLY G 112 5.88 -6.13 -36.70
N ARG G 113 6.03 -6.74 -35.54
CA ARG G 113 5.04 -7.70 -35.05
C ARG G 113 3.77 -6.99 -34.60
N GLY G 114 3.90 -5.71 -34.27
CA GLY G 114 2.78 -4.92 -33.79
C GLY G 114 2.57 -5.14 -32.30
N THR G 115 2.24 -4.07 -31.59
CA THR G 115 1.95 -4.18 -30.17
C THR G 115 0.56 -3.61 -29.86
N LEU G 116 -0.21 -4.35 -29.07
CA LEU G 116 -1.53 -3.90 -28.68
C LEU G 116 -1.44 -2.92 -27.53
N VAL G 117 -1.95 -1.71 -27.75
CA VAL G 117 -2.02 -0.71 -26.69
C VAL G 117 -3.47 -0.52 -26.25
N THR G 118 -3.73 -0.78 -24.98
CA THR G 118 -5.08 -0.66 -24.45
C THR G 118 -5.20 0.61 -23.59
N VAL G 119 -6.07 1.51 -24.02
CA VAL G 119 -6.29 2.75 -23.28
C VAL G 119 -7.59 2.69 -22.49
N SER G 120 -7.47 2.56 -21.17
CA SER G 120 -8.63 2.54 -20.30
C SER G 120 -8.28 2.96 -18.88
N SER G 121 -9.24 3.60 -18.20
CA SER G 121 -9.09 3.97 -16.80
C SER G 121 -10.30 3.48 -16.03
N ALA G 122 -10.66 2.22 -16.28
CA ALA G 122 -11.87 1.66 -15.68
C ALA G 122 -11.52 0.72 -14.53
N SER G 123 -12.05 1.05 -13.36
CA SER G 123 -11.90 0.17 -12.20
C SER G 123 -12.80 -1.05 -12.38
N THR G 124 -12.59 -2.07 -11.55
CA THR G 124 -13.45 -3.25 -11.58
C THR G 124 -14.87 -2.84 -11.22
N LYS G 125 -15.82 -3.13 -12.11
CA LYS G 125 -17.21 -2.78 -11.90
C LYS G 125 -18.16 -3.90 -12.29
N GLY G 126 -19.12 -4.19 -11.42
CA GLY G 126 -20.13 -5.18 -11.70
C GLY G 126 -21.16 -4.64 -12.66
N PRO G 127 -21.78 -5.52 -13.45
CA PRO G 127 -22.76 -5.12 -14.45
C PRO G 127 -24.15 -4.86 -13.88
N SER G 128 -24.94 -4.07 -14.59
CA SER G 128 -26.36 -3.96 -14.31
C SER G 128 -27.11 -4.86 -15.27
N VAL G 129 -28.03 -5.67 -14.74
CA VAL G 129 -28.75 -6.61 -15.57
C VAL G 129 -30.19 -6.17 -15.78
N PHE G 130 -30.57 -6.03 -17.05
CA PHE G 130 -31.92 -5.63 -17.40
C PHE G 130 -32.59 -6.70 -18.23
N PRO G 131 -33.86 -6.99 -17.93
CA PRO G 131 -34.60 -8.00 -18.71
C PRO G 131 -35.02 -7.43 -20.06
N LEU G 132 -34.85 -8.22 -21.11
CA LEU G 132 -35.31 -7.83 -22.43
C LEU G 132 -36.60 -8.57 -22.74
N ALA G 133 -37.72 -7.96 -22.40
CA ALA G 133 -39.03 -8.59 -22.51
C ALA G 133 -39.39 -8.93 -23.96
N PRO G 134 -40.09 -10.06 -24.15
CA PRO G 134 -40.49 -10.52 -25.48
C PRO G 134 -41.62 -9.67 -26.08
N SER G 135 -41.72 -9.69 -27.41
CA SER G 135 -42.73 -8.90 -28.11
C SER G 135 -44.02 -9.70 -28.27
N SER G 136 -45.06 -9.03 -28.75
CA SER G 136 -46.35 -9.67 -28.97
C SER G 136 -46.29 -10.67 -30.12
N LYS G 137 -45.39 -10.43 -31.06
CA LYS G 137 -45.25 -11.31 -32.22
C LYS G 137 -44.03 -12.21 -32.08
N THR G 139 -43.27 -13.45 -35.73
CA THR G 139 -42.35 -14.54 -36.06
C THR G 139 -43.06 -15.68 -36.77
N SER G 140 -42.47 -16.16 -37.86
CA SER G 140 -43.09 -17.16 -38.72
C SER G 140 -43.42 -18.46 -38.02
N GLY G 141 -42.65 -18.80 -36.97
CA GLY G 141 -42.87 -20.04 -36.25
C GLY G 141 -43.70 -19.87 -35.00
N GLY G 142 -44.13 -18.64 -34.73
CA GLY G 142 -44.93 -18.37 -33.54
C GLY G 142 -44.05 -18.41 -32.30
N THR G 143 -42.77 -18.14 -32.49
CA THR G 143 -41.81 -18.11 -31.39
C THR G 143 -41.55 -16.68 -30.93
N ALA G 144 -41.03 -16.52 -29.73
CA ALA G 144 -40.75 -15.20 -29.20
C ALA G 144 -39.32 -15.12 -28.67
N ALA G 145 -38.71 -13.95 -28.86
CA ALA G 145 -37.33 -13.74 -28.43
C ALA G 145 -37.28 -12.89 -27.17
N LEU G 146 -36.68 -13.43 -26.12
CA LEU G 146 -36.47 -12.69 -24.89
C LEU G 146 -34.99 -12.79 -24.51
N GLY G 147 -34.53 -11.86 -23.68
CA GLY G 147 -33.13 -11.85 -23.31
C GLY G 147 -32.77 -11.00 -22.10
N CYS G 148 -31.47 -10.89 -21.85
CA CYS G 148 -30.96 -10.08 -20.75
C CYS G 148 -29.90 -9.11 -21.23
N LEU G 149 -29.99 -7.87 -20.78
CA LEU G 149 -28.97 -6.87 -21.09
C LEU G 149 -27.99 -6.76 -19.94
N VAL G 150 -26.75 -7.19 -20.19
CA VAL G 150 -25.69 -7.09 -19.21
C VAL G 150 -24.90 -5.81 -19.46
N LYS G 151 -25.16 -4.78 -18.66
CA LYS G 151 -24.74 -3.43 -18.99
C LYS G 151 -23.62 -2.88 -18.11
N ASP G 152 -22.64 -2.24 -18.75
CA ASP G 152 -21.58 -1.49 -18.07
C ASP G 152 -20.81 -2.31 -17.03
N TYR G 153 -19.94 -3.18 -17.49
CA TYR G 153 -19.09 -3.96 -16.58
C TYR G 153 -17.63 -3.93 -17.03
N PHE G 154 -16.73 -4.23 -16.09
CA PHE G 154 -15.31 -4.30 -16.38
C PHE G 154 -14.59 -5.10 -15.30
N PRO G 155 -13.66 -5.98 -15.71
CA PRO G 155 -13.38 -6.29 -17.12
C PRO G 155 -14.10 -7.55 -17.59
N GLU G 156 -13.74 -8.03 -18.77
CA GLU G 156 -14.20 -9.34 -19.24
C GLU G 156 -13.60 -10.42 -18.35
N PRO G 157 -14.24 -11.61 -18.32
CA PRO G 157 -15.46 -11.98 -19.04
C PRO G 157 -16.72 -11.97 -18.19
N VAL G 158 -17.85 -12.22 -18.84
CA VAL G 158 -19.12 -12.44 -18.16
C VAL G 158 -19.76 -13.70 -18.74
N THR G 159 -20.11 -14.63 -17.87
CA THR G 159 -20.79 -15.84 -18.31
C THR G 159 -22.29 -15.70 -18.12
N VAL G 160 -23.05 -16.12 -19.13
CA VAL G 160 -24.51 -16.07 -19.05
C VAL G 160 -25.14 -17.42 -19.37
N SER G 161 -25.94 -17.92 -18.44
CA SER G 161 -26.71 -19.13 -18.67
C SER G 161 -28.20 -18.85 -18.45
N TRP G 162 -29.05 -19.76 -18.92
CA TRP G 162 -30.49 -19.60 -18.75
C TRP G 162 -31.08 -20.80 -18.01
N ASN G 163 -31.89 -20.50 -16.99
CA ASN G 163 -32.48 -21.52 -16.13
C ASN G 163 -31.44 -22.46 -15.54
N SER G 164 -30.34 -21.87 -15.06
CA SER G 164 -29.23 -22.60 -14.45
C SER G 164 -28.59 -23.63 -15.38
N GLY G 165 -28.75 -23.42 -16.69
CA GLY G 165 -28.14 -24.30 -17.68
C GLY G 165 -29.09 -25.32 -18.24
N ALA G 166 -30.34 -25.31 -17.77
CA ALA G 166 -31.33 -26.26 -18.23
C ALA G 166 -31.86 -25.87 -19.61
N LEU G 167 -31.74 -24.58 -19.93
CA LEU G 167 -32.18 -24.07 -21.23
C LEU G 167 -30.97 -23.68 -22.06
N THR G 168 -30.75 -24.41 -23.15
CA THR G 168 -29.60 -24.15 -24.01
C THR G 168 -30.00 -23.98 -25.48
N SER G 169 -31.08 -24.64 -25.87
CA SER G 169 -31.58 -24.53 -27.24
C SER G 169 -32.13 -23.14 -27.52
N GLY G 170 -31.65 -22.52 -28.59
CA GLY G 170 -32.08 -21.20 -28.98
C GLY G 170 -31.41 -20.11 -28.18
N VAL G 171 -30.44 -20.50 -27.36
CA VAL G 171 -29.69 -19.54 -26.54
C VAL G 171 -28.49 -19.01 -27.31
N HIS G 172 -28.43 -17.70 -27.44
CA HIS G 172 -27.31 -17.05 -28.12
C HIS G 172 -26.78 -15.90 -27.28
N THR G 173 -25.59 -16.09 -26.70
CA THR G 173 -24.94 -15.02 -25.95
C THR G 173 -23.92 -14.35 -26.85
N PHE G 174 -24.17 -13.09 -27.16
CA PHE G 174 -23.35 -12.33 -28.09
C PHE G 174 -22.11 -11.77 -27.43
N PRO G 175 -20.99 -11.70 -28.18
CA PRO G 175 -19.76 -11.06 -27.71
C PRO G 175 -20.02 -9.63 -27.27
N ALA G 176 -19.33 -9.19 -26.22
CA ALA G 176 -19.58 -7.89 -25.63
C ALA G 176 -19.18 -6.74 -26.55
N VAL G 177 -19.74 -5.56 -26.29
CA VAL G 177 -19.34 -4.35 -27.00
C VAL G 177 -18.51 -3.48 -26.06
N LEU G 178 -17.48 -2.85 -26.60
CA LEU G 178 -16.65 -1.96 -25.80
C LEU G 178 -17.09 -0.52 -25.99
N GLN G 179 -17.75 0.04 -24.98
N GLN G 179 -17.76 0.03 -24.99
CA GLN G 179 -18.23 1.41 -25.02
CA GLN G 179 -18.23 1.41 -25.05
C GLN G 179 -17.06 2.39 -24.90
C GLN G 179 -17.07 2.38 -24.89
N SER G 180 -17.29 3.63 -25.30
CA SER G 180 -16.25 4.66 -25.21
C SER G 180 -15.86 4.97 -23.78
N SER G 181 -16.77 4.66 -22.84
CA SER G 181 -16.53 4.87 -21.42
C SER G 181 -15.49 3.89 -20.87
N GLY G 182 -15.20 2.85 -21.63
CA GLY G 182 -14.25 1.84 -21.21
C GLY G 182 -14.93 0.63 -20.60
N LEU G 183 -16.26 0.69 -20.50
CA LEU G 183 -17.03 -0.40 -19.92
C LEU G 183 -17.59 -1.32 -20.99
N TYR G 184 -17.80 -2.58 -20.65
CA TYR G 184 -18.32 -3.57 -21.57
C TYR G 184 -19.81 -3.77 -21.41
N SER G 185 -20.46 -4.25 -22.46
CA SER G 185 -21.87 -4.64 -22.41
C SER G 185 -22.16 -5.75 -23.39
N LEU G 186 -22.83 -6.80 -22.95
CA LEU G 186 -23.24 -7.88 -23.85
C LEU G 186 -24.72 -8.18 -23.70
N SER G 187 -25.22 -9.03 -24.58
CA SER G 187 -26.63 -9.45 -24.50
C SER G 187 -26.76 -10.93 -24.84
N SER G 188 -27.64 -11.61 -24.12
CA SER G 188 -27.96 -13.01 -24.39
C SER G 188 -29.45 -13.18 -24.64
N VAL G 189 -29.82 -13.85 -25.73
CA VAL G 189 -31.23 -14.07 -26.03
C VAL G 189 -31.61 -15.53 -26.19
N VAL G 190 -32.85 -15.84 -25.86
CA VAL G 190 -33.40 -17.15 -26.09
C VAL G 190 -34.63 -17.01 -26.96
N THR G 191 -34.73 -17.84 -27.98
CA THR G 191 -35.94 -17.88 -28.79
C THR G 191 -36.82 -19.01 -28.29
N VAL G 192 -37.97 -18.65 -27.72
CA VAL G 192 -38.87 -19.63 -27.11
C VAL G 192 -40.25 -19.55 -27.77
N PRO G 193 -41.04 -20.62 -27.64
CA PRO G 193 -42.43 -20.55 -28.13
C PRO G 193 -43.21 -19.45 -27.42
N SER G 194 -43.99 -18.68 -28.16
CA SER G 194 -44.77 -17.59 -27.59
C SER G 194 -45.88 -18.16 -26.73
N SER G 195 -46.32 -19.37 -27.07
CA SER G 195 -47.36 -20.07 -26.33
C SER G 195 -46.89 -20.52 -24.96
N SER G 196 -45.58 -20.63 -24.77
CA SER G 196 -45.04 -21.10 -23.50
C SER G 196 -44.76 -19.92 -22.58
N LEU G 197 -45.02 -18.71 -23.07
CA LEU G 197 -44.88 -17.50 -22.28
C LEU G 197 -46.04 -17.37 -21.31
N GLY G 198 -45.75 -17.00 -20.07
CA GLY G 198 -46.79 -16.85 -19.06
C GLY G 198 -47.04 -18.12 -18.26
N THR G 199 -46.53 -19.24 -18.76
CA THR G 199 -46.65 -20.52 -18.08
C THR G 199 -45.27 -21.06 -17.69
N GLN G 200 -44.26 -20.71 -18.50
CA GLN G 200 -42.89 -21.11 -18.24
C GLN G 200 -42.09 -19.95 -17.65
N THR G 201 -41.26 -20.25 -16.66
CA THR G 201 -40.41 -19.24 -16.05
C THR G 201 -39.05 -19.20 -16.74
N TYR G 202 -38.65 -18.02 -17.20
CA TYR G 202 -37.35 -17.86 -17.86
C TYR G 202 -36.44 -16.95 -17.07
N ILE G 203 -35.28 -17.47 -16.68
CA ILE G 203 -34.34 -16.74 -15.86
C ILE G 203 -32.92 -16.82 -16.41
N CYS G 204 -32.28 -15.67 -16.61
CA CYS G 204 -30.90 -15.63 -17.05
C CYS G 204 -29.97 -15.53 -15.84
N ASN G 205 -28.88 -16.30 -15.86
CA ASN G 205 -27.92 -16.30 -14.77
C ASN G 205 -26.62 -15.62 -15.18
N VAL G 206 -26.41 -14.40 -14.69
CA VAL G 206 -25.24 -13.63 -15.02
C VAL G 206 -24.16 -13.76 -13.95
N ASN G 207 -22.96 -14.13 -14.37
CA ASN G 207 -21.83 -14.26 -13.45
C ASN G 207 -20.64 -13.42 -13.89
N HIS G 208 -20.21 -12.52 -13.00
CA HIS G 208 -19.05 -11.68 -13.27
C HIS G 208 -18.02 -11.86 -12.16
N LYS G 209 -17.13 -12.83 -12.35
CA LYS G 209 -16.14 -13.21 -11.33
C LYS G 209 -15.25 -12.07 -10.81
N PRO G 210 -14.77 -11.16 -11.69
CA PRO G 210 -13.91 -10.08 -11.16
C PRO G 210 -14.53 -9.23 -10.05
N SER G 211 -15.84 -9.05 -10.07
CA SER G 211 -16.51 -8.22 -9.07
C SER G 211 -17.38 -9.03 -8.11
N ASN G 212 -17.27 -10.35 -8.19
CA ASN G 212 -18.07 -11.26 -7.38
C ASN G 212 -19.56 -10.99 -7.54
N THR G 213 -19.97 -10.67 -8.76
CA THR G 213 -21.36 -10.34 -9.03
C THR G 213 -22.10 -11.53 -9.61
N LYS G 214 -23.16 -11.95 -8.91
CA LYS G 214 -24.02 -13.03 -9.38
C LYS G 214 -25.46 -12.56 -9.39
N VAL G 215 -26.06 -12.51 -10.58
CA VAL G 215 -27.41 -11.98 -10.71
C VAL G 215 -28.32 -12.92 -11.49
N ASP G 216 -29.46 -13.26 -10.89
CA ASP G 216 -30.48 -14.05 -11.57
C ASP G 216 -31.69 -13.16 -11.86
N LYS G 217 -31.92 -12.90 -13.14
CA LYS G 217 -33.00 -12.01 -13.55
C LYS G 217 -34.11 -12.77 -14.27
N LYS G 218 -35.32 -12.73 -13.72
CA LYS G 218 -36.46 -13.36 -14.35
C LYS G 218 -37.00 -12.46 -15.46
N VAL G 219 -37.16 -13.01 -16.65
CA VAL G 219 -37.66 -12.22 -17.78
C VAL G 219 -39.12 -12.54 -18.07
N GLU G 220 -40.02 -11.66 -17.62
CA GLU G 220 -41.45 -11.83 -17.83
C GLU G 220 -41.95 -10.95 -18.98
N PRO G 221 -43.03 -11.38 -19.65
CA PRO G 221 -43.64 -10.50 -20.66
C PRO G 221 -44.15 -9.22 -20.02
N LYS G 222 -44.24 -8.14 -20.81
CA LYS G 222 -44.72 -6.87 -20.28
C LYS G 222 -46.19 -6.96 -19.88
N SER G 223 -46.61 -6.05 -19.01
CA SER G 223 -47.96 -6.08 -18.45
C SER G 223 -48.98 -5.34 -19.31
N CYS G 224 -48.55 -4.92 -20.50
CA CYS G 224 -49.43 -4.19 -21.41
C CYS G 224 -50.00 -5.12 -22.48
N ASN H 1 -4.28 15.84 -49.80
CA ASN H 1 -4.85 14.75 -49.03
C ASN H 1 -6.10 14.19 -49.70
N PHE H 2 -6.31 12.88 -49.55
CA PHE H 2 -7.45 12.23 -50.18
C PHE H 2 -7.90 10.99 -49.40
N MET H 3 -8.93 10.34 -49.92
CA MET H 3 -9.42 9.10 -49.33
C MET H 3 -9.36 7.97 -50.36
N LEU H 4 -9.15 6.75 -49.87
CA LEU H 4 -9.24 5.57 -50.73
C LEU H 4 -10.41 4.72 -50.28
N THR H 5 -11.42 4.61 -51.15
CA THR H 5 -12.65 3.92 -50.79
C THR H 5 -12.68 2.49 -51.33
N GLN H 6 -12.74 1.53 -50.41
CA GLN H 6 -12.85 0.13 -50.76
C GLN H 6 -14.23 -0.41 -50.41
N PRO H 7 -14.69 -1.44 -51.13
CA PRO H 7 -15.89 -2.15 -50.69
C PRO H 7 -15.65 -2.80 -49.33
N HIS H 8 -16.68 -2.84 -48.49
N HIS H 8 -16.68 -2.84 -48.49
CA HIS H 8 -16.55 -3.39 -47.14
CA HIS H 8 -16.55 -3.39 -47.14
C HIS H 8 -16.20 -4.88 -47.18
C HIS H 8 -16.20 -4.88 -47.18
N SER H 9 -16.79 -5.59 -48.13
CA SER H 9 -16.52 -7.02 -48.27
C SER H 9 -16.74 -7.51 -49.70
N VAL H 10 -15.96 -8.52 -50.08
CA VAL H 10 -16.16 -9.22 -51.34
C VAL H 10 -16.10 -10.73 -51.08
N SER H 11 -16.75 -11.51 -51.93
CA SER H 11 -16.79 -12.94 -51.73
C SER H 11 -17.04 -13.70 -53.03
N GLU H 12 -16.37 -14.84 -53.17
CA GLU H 12 -16.56 -15.73 -54.31
C GLU H 12 -16.24 -17.17 -53.94
N SER H 13 -16.74 -18.10 -54.76
CA SER H 13 -16.48 -19.52 -54.56
C SER H 13 -15.04 -19.83 -54.93
N PRO H 14 -14.46 -20.90 -54.33
CA PRO H 14 -13.09 -21.31 -54.64
C PRO H 14 -12.88 -21.52 -56.14
N GLY H 15 -11.74 -21.10 -56.66
CA GLY H 15 -11.43 -21.27 -58.07
C GLY H 15 -11.90 -20.14 -58.95
N LYS H 16 -12.79 -19.30 -58.41
CA LYS H 16 -13.33 -18.17 -59.17
C LYS H 16 -12.40 -16.97 -59.06
N THR H 17 -12.82 -15.85 -59.66
CA THR H 17 -12.02 -14.64 -59.65
C THR H 17 -12.76 -13.48 -58.99
N VAL H 18 -12.09 -12.81 -58.07
CA VAL H 18 -12.69 -11.68 -57.36
C VAL H 18 -11.83 -10.44 -57.56
N THR H 19 -12.46 -9.26 -57.53
CA THR H 19 -11.75 -8.01 -57.73
C THR H 19 -12.08 -7.01 -56.64
N ILE H 20 -11.05 -6.43 -56.05
CA ILE H 20 -11.21 -5.44 -55.00
C ILE H 20 -10.78 -4.06 -55.50
N SER H 21 -11.73 -3.13 -55.57
CA SER H 21 -11.45 -1.80 -56.09
C SER H 21 -10.98 -0.83 -55.00
N CYS H 22 -10.21 0.16 -55.43
CA CYS H 22 -9.71 1.20 -54.52
C CYS H 22 -9.82 2.56 -55.21
N THR H 23 -10.89 3.28 -54.91
CA THR H 23 -11.18 4.53 -55.60
C THR H 23 -10.61 5.74 -54.84
N ARG H 24 -9.85 6.56 -55.56
CA ARG H 24 -9.26 7.76 -54.98
C ARG H 24 -10.20 8.95 -55.13
N SER H 25 -10.46 9.63 -54.01
CA SER H 25 -11.43 10.73 -53.99
C SER H 25 -10.84 12.03 -54.55
N SER H 26 -9.56 12.26 -54.31
CA SER H 26 -8.91 13.49 -54.73
C SER H 26 -7.55 13.24 -55.34
N GLY H 27 -7.26 13.91 -56.44
CA GLY H 27 -5.99 13.74 -57.14
C GLY H 27 -6.02 12.55 -58.07
N SER H 28 -5.10 12.52 -59.02
CA SER H 28 -5.01 11.42 -59.97
C SER H 28 -4.36 10.21 -59.33
N ILE H 29 -4.97 9.04 -59.50
CA ILE H 29 -4.47 7.82 -58.89
C ILE H 29 -3.27 7.26 -59.63
N ALA H 30 -3.09 7.72 -60.87
CA ALA H 30 -1.94 7.30 -61.67
C ALA H 30 -0.71 8.15 -61.36
N SER H 31 -0.89 9.13 -60.48
CA SER H 31 0.20 10.02 -60.09
C SER H 31 1.04 9.44 -58.96
N ASN H 32 0.45 8.50 -58.22
CA ASN H 32 1.14 7.89 -57.09
C ASN H 32 0.99 6.37 -57.07
N TYR H 33 2.07 5.68 -56.71
CA TYR H 33 2.07 4.22 -56.63
C TYR H 33 1.02 3.72 -55.65
N VAL H 34 0.37 2.61 -56.02
CA VAL H 34 -0.63 2.00 -55.16
C VAL H 34 -0.14 0.65 -54.65
N GLN H 35 -0.18 0.45 -53.34
CA GLN H 35 0.22 -0.81 -52.74
C GLN H 35 -0.99 -1.58 -52.23
N TRP H 36 -0.88 -2.89 -52.21
CA TRP H 36 -1.94 -3.74 -51.67
C TRP H 36 -1.38 -4.62 -50.56
N TYR H 37 -1.97 -4.51 -49.37
CA TYR H 37 -1.53 -5.32 -48.24
C TYR H 37 -2.55 -6.38 -47.88
N GLN H 38 -2.06 -7.57 -47.58
CA GLN H 38 -2.89 -8.66 -47.08
C GLN H 38 -2.69 -8.79 -45.58
N GLN H 39 -3.80 -8.88 -44.83
CA GLN H 39 -3.70 -9.04 -43.39
C GLN H 39 -4.55 -10.20 -42.88
N ARG H 40 -3.87 -11.19 -42.31
CA ARG H 40 -4.53 -12.31 -41.66
C ARG H 40 -4.91 -11.89 -40.25
N PRO H 41 -5.99 -12.47 -39.70
CA PRO H 41 -6.46 -12.09 -38.37
C PRO H 41 -5.39 -12.29 -37.29
N GLY H 42 -5.12 -11.24 -36.51
CA GLY H 42 -4.15 -11.31 -35.44
C GLY H 42 -2.71 -11.26 -35.92
N SER H 43 -2.53 -10.98 -37.20
CA SER H 43 -1.19 -10.95 -37.79
C SER H 43 -0.86 -9.58 -38.40
N SER H 44 0.42 -9.36 -38.66
CA SER H 44 0.87 -8.13 -39.28
C SER H 44 0.57 -8.18 -40.77
N PRO H 45 0.38 -6.99 -41.40
CA PRO H 45 0.12 -6.97 -42.84
C PRO H 45 1.34 -7.36 -43.67
N THR H 46 1.10 -8.02 -44.79
CA THR H 46 2.16 -8.35 -45.74
C THR H 46 1.76 -7.83 -47.11
N THR H 47 2.76 -7.65 -47.99
CA THR H 47 2.50 -7.11 -49.31
C THR H 47 2.19 -8.19 -50.33
N VAL H 48 1.13 -7.95 -51.11
CA VAL H 48 0.80 -8.82 -52.24
C VAL H 48 1.05 -8.08 -53.55
N ILE H 49 0.88 -6.76 -53.52
CA ILE H 49 1.15 -5.91 -54.67
C ILE H 49 1.76 -4.58 -54.24
N TYR H 50 2.91 -4.25 -54.83
CA TYR H 50 3.52 -2.94 -54.63
C TYR H 50 3.73 -2.29 -55.98
N GLU H 51 3.83 -0.96 -56.01
CA GLU H 51 4.02 -0.21 -57.25
C GLU H 51 2.99 -0.60 -58.33
N ASP H 52 1.72 -0.36 -58.04
CA ASP H 52 0.61 -0.61 -58.96
C ASP H 52 0.39 -2.10 -59.26
N ASN H 53 1.41 -2.76 -59.81
CA ASN H 53 1.22 -4.13 -60.28
C ASN H 53 2.39 -5.08 -60.01
N GLN H 54 3.43 -4.59 -59.35
CA GLN H 54 4.59 -5.42 -59.07
C GLN H 54 4.26 -6.44 -57.99
N ARG H 55 4.81 -7.64 -58.10
CA ARG H 55 4.49 -8.72 -57.19
C ARG H 55 5.74 -9.30 -56.54
N PRO H 56 5.81 -9.26 -55.20
CA PRO H 56 6.93 -9.81 -54.45
C PRO H 56 7.11 -11.30 -54.67
N SER H 57 8.36 -11.77 -54.68
CA SER H 57 8.65 -13.19 -54.82
C SER H 57 8.09 -13.96 -53.63
N GLY H 58 7.29 -14.98 -53.91
CA GLY H 58 6.63 -15.75 -52.86
C GLY H 58 5.13 -15.58 -52.96
N VAL H 59 4.71 -14.46 -53.54
CA VAL H 59 3.29 -14.21 -53.76
C VAL H 59 2.87 -14.88 -55.07
N PRO H 60 1.84 -15.74 -55.01
CA PRO H 60 1.36 -16.51 -56.17
C PRO H 60 0.98 -15.62 -57.35
N ASP H 61 1.04 -16.20 -58.56
CA ASP H 61 0.75 -15.47 -59.79
C ASP H 61 -0.73 -15.08 -59.86
N ARG H 62 -1.52 -15.68 -58.97
CA ARG H 62 -2.95 -15.40 -58.88
C ARG H 62 -3.27 -13.95 -58.53
N PHE H 63 -2.34 -13.29 -57.84
CA PHE H 63 -2.52 -11.89 -57.47
C PHE H 63 -2.01 -10.95 -58.57
N SER H 64 -2.83 -9.97 -58.92
CA SER H 64 -2.43 -8.97 -59.92
C SER H 64 -3.07 -7.61 -59.63
N GLY H 65 -2.35 -6.55 -59.93
CA GLY H 65 -2.84 -5.20 -59.69
C GLY H 65 -2.96 -4.40 -60.97
N SER H 66 -3.91 -3.47 -60.99
CA SER H 66 -4.11 -2.61 -62.16
C SER H 66 -4.56 -1.22 -61.74
N ILE H 67 -4.45 -0.27 -62.66
CA ILE H 67 -4.88 1.10 -62.41
C ILE H 67 -5.85 1.55 -63.51
N ASP H 68 -6.98 2.13 -63.10
CA ASP H 68 -7.95 2.64 -64.07
C ASP H 68 -8.08 4.16 -63.93
N SER H 69 -7.50 4.88 -64.87
CA SER H 69 -7.49 6.34 -64.84
C SER H 69 -8.89 6.91 -65.04
N SER H 70 -9.71 6.19 -65.80
CA SER H 70 -11.07 6.63 -66.10
C SER H 70 -11.92 6.75 -64.84
N SER H 71 -11.91 5.72 -64.01
CA SER H 71 -12.71 5.72 -62.78
C SER H 71 -11.89 6.16 -61.57
N ASN H 72 -10.65 6.57 -61.81
CA ASN H 72 -9.74 7.00 -60.75
C ASN H 72 -9.61 5.96 -59.65
N SER H 73 -9.48 4.70 -60.05
CA SER H 73 -9.45 3.61 -59.08
C SER H 73 -8.31 2.63 -59.32
N ALA H 74 -8.00 1.85 -58.29
CA ALA H 74 -7.03 0.77 -58.39
C ALA H 74 -7.69 -0.54 -57.98
N SER H 75 -7.39 -1.61 -58.70
CA SER H 75 -8.04 -2.89 -58.44
C SER H 75 -7.03 -4.00 -58.15
N LEU H 76 -7.35 -4.80 -57.14
CA LEU H 76 -6.59 -6.00 -56.83
C LEU H 76 -7.40 -7.20 -57.26
N THR H 77 -6.83 -8.02 -58.16
CA THR H 77 -7.56 -9.15 -58.72
C THR H 77 -6.92 -10.47 -58.33
N ILE H 78 -7.75 -11.40 -57.85
CA ILE H 78 -7.29 -12.71 -57.45
C ILE H 78 -8.02 -13.81 -58.24
N SER H 79 -7.26 -14.59 -59.00
CA SER H 79 -7.83 -15.67 -59.79
C SER H 79 -7.53 -17.02 -59.15
N GLY H 80 -8.38 -18.01 -59.42
CA GLY H 80 -8.23 -19.33 -58.82
C GLY H 80 -8.23 -19.23 -57.31
N LEU H 81 -9.30 -18.67 -56.76
CA LEU H 81 -9.40 -18.37 -55.34
C LEU H 81 -9.16 -19.59 -54.44
N LYS H 82 -8.36 -19.40 -53.41
CA LYS H 82 -8.05 -20.44 -52.44
C LYS H 82 -8.46 -19.97 -51.05
N THR H 83 -8.68 -20.91 -50.13
CA THR H 83 -9.10 -20.58 -48.77
C THR H 83 -8.07 -19.74 -48.02
N GLU H 84 -6.80 -19.90 -48.39
CA GLU H 84 -5.73 -19.12 -47.76
C GLU H 84 -5.84 -17.64 -48.12
N ASP H 85 -6.55 -17.37 -49.21
CA ASP H 85 -6.72 -15.99 -49.66
C ASP H 85 -7.73 -15.24 -48.81
N GLU H 86 -8.50 -15.97 -48.00
CA GLU H 86 -9.48 -15.34 -47.12
C GLU H 86 -8.79 -14.50 -46.05
N ALA H 87 -8.93 -13.19 -46.17
CA ALA H 87 -8.30 -12.23 -45.26
C ALA H 87 -8.81 -10.83 -45.53
N ASP H 88 -8.26 -9.85 -44.82
CA ASP H 88 -8.56 -8.45 -45.11
C ASP H 88 -7.51 -7.87 -46.06
N TYR H 89 -7.96 -7.03 -46.98
CA TYR H 89 -7.05 -6.43 -47.96
C TYR H 89 -7.12 -4.91 -47.95
N TYR H 90 -5.96 -4.27 -47.85
CA TYR H 90 -5.88 -2.82 -47.81
C TYR H 90 -5.11 -2.27 -48.99
N CYS H 91 -5.72 -1.34 -49.72
CA CYS H 91 -5.00 -0.59 -50.74
C CYS H 91 -4.35 0.60 -50.08
N GLN H 92 -3.18 1.00 -50.58
CA GLN H 92 -2.46 2.11 -49.98
C GLN H 92 -1.69 2.92 -51.03
N SER H 93 -1.86 4.23 -50.98
CA SER H 93 -1.13 5.13 -51.85
C SER H 93 -0.60 6.28 -51.00
N TYR H 94 -0.12 7.33 -51.66
CA TYR H 94 0.48 8.45 -50.94
C TYR H 94 0.25 9.77 -51.65
N ASP H 95 0.62 10.84 -50.96
CA ASP H 95 0.39 12.20 -51.44
C ASP H 95 1.54 13.09 -51.00
N SER H 96 1.52 14.35 -51.40
CA SER H 96 2.49 15.31 -50.89
C SER H 96 2.16 15.62 -49.44
N SER H 97 0.90 15.40 -49.08
CA SER H 97 0.41 15.68 -47.74
C SER H 97 0.68 14.54 -46.76
N ASN H 98 0.26 13.33 -47.11
CA ASN H 98 0.44 12.18 -46.24
C ASN H 98 0.27 10.83 -46.93
N VAL H 99 0.37 9.76 -46.14
CA VAL H 99 0.14 8.41 -46.62
C VAL H 99 -1.31 8.00 -46.35
N VAL H 100 -1.98 7.46 -47.36
CA VAL H 100 -3.40 7.13 -47.23
C VAL H 100 -3.68 5.64 -47.40
N PHE H 101 -4.30 5.05 -46.38
CA PHE H 101 -4.77 3.67 -46.46
C PHE H 101 -6.24 3.64 -46.83
N GLY H 102 -6.66 2.56 -47.48
CA GLY H 102 -8.08 2.34 -47.75
C GLY H 102 -8.77 1.86 -46.48
N GLY H 103 -10.10 1.79 -46.52
CA GLY H 103 -10.87 1.36 -45.37
C GLY H 103 -10.75 -0.13 -45.11
N GLY H 104 -10.25 -0.87 -46.09
CA GLY H 104 -10.08 -2.30 -45.96
C GLY H 104 -11.25 -3.09 -46.53
N THR H 105 -10.94 -4.27 -47.08
CA THR H 105 -11.96 -5.15 -47.64
C THR H 105 -11.78 -6.58 -47.15
N LYS H 106 -12.82 -7.15 -46.58
CA LYS H 106 -12.78 -8.54 -46.13
C LYS H 106 -13.15 -9.49 -47.26
N LEU H 107 -12.17 -10.25 -47.73
CA LEU H 107 -12.41 -11.25 -48.76
C LEU H 107 -12.84 -12.57 -48.13
N THR H 108 -13.99 -13.07 -48.55
CA THR H 108 -14.50 -14.34 -48.05
C THR H 108 -14.53 -15.39 -49.16
N VAL H 109 -13.91 -16.53 -48.90
CA VAL H 109 -13.97 -17.65 -49.82
C VAL H 109 -15.09 -18.58 -49.38
N LEU H 110 -16.19 -18.56 -50.15
CA LEU H 110 -17.42 -19.25 -49.77
C LEU H 110 -17.24 -20.75 -49.55
N GLY H 111 -17.50 -21.19 -48.33
CA GLY H 111 -17.46 -22.60 -47.99
C GLY H 111 -18.85 -23.16 -47.76
N GLN H 112 -19.80 -22.26 -47.60
CA GLN H 112 -21.21 -22.63 -47.43
C GLN H 112 -22.09 -21.60 -48.14
N PRO H 113 -23.33 -21.97 -48.49
CA PRO H 113 -24.21 -21.00 -49.15
C PRO H 113 -24.45 -19.76 -48.30
N LYS H 114 -24.58 -18.61 -48.96
CA LYS H 114 -24.81 -17.34 -48.27
C LYS H 114 -26.08 -17.38 -47.43
N ALA H 115 -26.02 -16.80 -46.24
CA ALA H 115 -27.17 -16.77 -45.35
C ALA H 115 -27.51 -15.35 -44.94
N ALA H 116 -28.78 -14.99 -45.07
CA ALA H 116 -29.24 -13.68 -44.64
C ALA H 116 -29.29 -13.63 -43.11
N PRO H 117 -28.94 -12.46 -42.54
CA PRO H 117 -28.89 -12.32 -41.09
C PRO H 117 -30.27 -12.32 -40.42
N SER H 118 -30.33 -12.88 -39.22
CA SER H 118 -31.53 -12.81 -38.40
C SER H 118 -31.39 -11.64 -37.42
N VAL H 119 -32.33 -10.71 -37.47
CA VAL H 119 -32.23 -9.49 -36.69
C VAL H 119 -33.32 -9.38 -35.62
N THR H 120 -32.90 -9.09 -34.39
CA THR H 120 -33.83 -8.89 -33.29
C THR H 120 -33.51 -7.58 -32.57
N LEU H 121 -34.49 -6.69 -32.47
CA LEU H 121 -34.30 -5.38 -31.86
C LEU H 121 -35.09 -5.22 -30.57
N PHE H 122 -34.38 -4.91 -29.49
CA PHE H 122 -35.02 -4.69 -28.20
C PHE H 122 -35.06 -3.21 -27.82
N PRO H 123 -36.23 -2.74 -27.36
CA PRO H 123 -36.39 -1.39 -26.84
C PRO H 123 -35.83 -1.30 -25.43
N PRO H 124 -35.60 -0.08 -24.92
CA PRO H 124 -35.14 0.07 -23.53
C PRO H 124 -36.08 -0.59 -22.54
N SER H 125 -35.52 -1.32 -21.58
CA SER H 125 -36.31 -2.00 -20.58
C SER H 125 -36.94 -0.99 -19.62
N SER H 126 -38.04 -1.38 -18.99
CA SER H 126 -38.71 -0.52 -18.01
C SER H 126 -37.77 -0.21 -16.86
N GLU H 127 -36.95 -1.18 -16.47
CA GLU H 127 -36.00 -1.01 -15.39
C GLU H 127 -34.90 0.00 -15.73
N GLU H 128 -34.46 0.01 -16.98
CA GLU H 128 -33.41 0.93 -17.40
C GLU H 128 -33.91 2.36 -17.48
N LEU H 129 -35.14 2.52 -17.97
CA LEU H 129 -35.76 3.84 -18.09
C LEU H 129 -35.97 4.47 -16.72
N GLN H 130 -36.31 3.66 -15.74
CA GLN H 130 -36.46 4.14 -14.36
C GLN H 130 -35.11 4.55 -13.79
N ALA H 131 -34.04 4.06 -14.41
CA ALA H 131 -32.68 4.43 -14.01
C ALA H 131 -32.18 5.61 -14.84
N ASN H 132 -33.11 6.28 -15.50
CA ASN H 132 -32.83 7.46 -16.33
C ASN H 132 -31.80 7.19 -17.43
N LYS H 133 -31.90 6.01 -18.04
CA LYS H 133 -31.06 5.66 -19.18
C LYS H 133 -31.86 4.85 -20.19
N ALA H 134 -31.31 4.69 -21.39
CA ALA H 134 -31.99 3.96 -22.45
C ALA H 134 -31.01 3.35 -23.44
N THR H 135 -31.14 2.05 -23.67
CA THR H 135 -30.29 1.35 -24.63
C THR H 135 -31.10 0.46 -25.56
N LEU H 136 -30.96 0.69 -26.86
CA LEU H 136 -31.58 -0.16 -27.86
C LEU H 136 -30.61 -1.24 -28.31
N VAL H 137 -31.04 -2.49 -28.22
CA VAL H 137 -30.14 -3.62 -28.50
C VAL H 137 -30.52 -4.31 -29.81
N CYS H 138 -29.66 -4.14 -30.82
CA CYS H 138 -29.86 -4.78 -32.11
C CYS H 138 -28.96 -6.01 -32.25
N LEU H 139 -29.58 -7.18 -32.26
CA LEU H 139 -28.83 -8.43 -32.32
C LEU H 139 -28.89 -9.07 -33.70
N ILE H 140 -27.72 -9.35 -34.26
CA ILE H 140 -27.60 -9.87 -35.62
C ILE H 140 -26.89 -11.23 -35.60
N SER H 141 -27.50 -12.25 -36.18
CA SER H 141 -26.94 -13.59 -36.11
C SER H 141 -27.21 -14.43 -37.37
N ASP H 142 -26.46 -15.53 -37.48
CA ASP H 142 -26.63 -16.53 -38.52
C ASP H 142 -26.50 -15.96 -39.94
N PHE H 143 -25.54 -15.07 -40.16
CA PHE H 143 -25.30 -14.55 -41.50
C PHE H 143 -23.95 -14.98 -42.05
N TYR H 144 -23.89 -15.11 -43.38
CA TYR H 144 -22.67 -15.51 -44.07
C TYR H 144 -22.69 -14.93 -45.49
N PRO H 145 -21.58 -14.29 -45.91
CA PRO H 145 -20.30 -14.10 -45.22
C PRO H 145 -20.39 -13.18 -44.00
N GLY H 146 -19.33 -13.15 -43.20
CA GLY H 146 -19.33 -12.41 -41.96
C GLY H 146 -19.04 -10.94 -42.12
N ALA H 147 -19.92 -10.23 -42.82
CA ALA H 147 -19.77 -8.80 -43.01
C ALA H 147 -21.12 -8.12 -43.21
N VAL H 148 -21.47 -7.23 -42.29
CA VAL H 148 -22.70 -6.45 -42.39
C VAL H 148 -22.43 -5.00 -42.05
N THR H 149 -23.31 -4.12 -42.52
CA THR H 149 -23.27 -2.72 -42.14
C THR H 149 -24.56 -2.36 -41.41
N VAL H 150 -24.44 -1.64 -40.30
CA VAL H 150 -25.60 -1.31 -39.48
C VAL H 150 -25.90 0.18 -39.49
N ALA H 151 -27.14 0.53 -39.80
CA ALA H 151 -27.58 1.92 -39.79
C ALA H 151 -28.82 2.07 -38.94
N TRP H 152 -28.83 3.08 -38.06
CA TRP H 152 -29.97 3.32 -37.19
C TRP H 152 -30.83 4.46 -37.72
N LYS H 153 -32.14 4.36 -37.51
CA LYS H 153 -33.06 5.39 -37.95
C LYS H 153 -33.99 5.85 -36.84
N ALA H 154 -33.97 7.14 -36.56
CA ALA H 154 -34.99 7.76 -35.71
C ALA H 154 -36.14 8.20 -36.59
N ASP H 155 -37.30 7.56 -36.43
CA ASP H 155 -38.41 7.71 -37.36
C ASP H 155 -37.95 7.33 -38.76
N SER H 156 -37.56 8.33 -39.55
CA SER H 156 -37.01 8.10 -40.88
C SER H 156 -35.66 8.78 -41.03
N SER H 157 -35.22 9.46 -39.97
CA SER H 157 -33.96 10.19 -39.99
C SER H 157 -32.80 9.34 -39.48
N PRO H 158 -31.65 9.41 -40.17
CA PRO H 158 -30.45 8.65 -39.80
C PRO H 158 -29.89 9.07 -38.45
N VAL H 159 -29.36 8.12 -37.69
CA VAL H 159 -28.72 8.41 -36.41
C VAL H 159 -27.31 7.84 -36.38
N LYS H 160 -26.32 8.69 -36.09
CA LYS H 160 -24.93 8.25 -36.07
C LYS H 160 -24.35 8.34 -34.66
N ALA H 161 -24.86 9.26 -33.86
CA ALA H 161 -24.35 9.49 -32.52
C ALA H 161 -24.89 8.47 -31.53
N GLY H 162 -24.03 7.99 -30.64
CA GLY H 162 -24.44 7.06 -29.59
C GLY H 162 -24.50 5.62 -30.06
N VAL H 163 -23.92 5.35 -31.22
CA VAL H 163 -23.95 4.01 -31.79
C VAL H 163 -22.65 3.24 -31.59
N GLU H 164 -22.77 2.05 -31.00
CA GLU H 164 -21.64 1.14 -30.86
C GLU H 164 -21.98 -0.22 -31.47
N THR H 165 -21.18 -0.64 -32.44
CA THR H 165 -21.42 -1.90 -33.13
C THR H 165 -20.20 -2.82 -33.02
N THR H 166 -20.45 -4.07 -32.68
CA THR H 166 -19.39 -5.06 -32.55
C THR H 166 -18.92 -5.55 -33.91
N THR H 167 -17.70 -6.07 -33.96
CA THR H 167 -17.19 -6.72 -35.15
C THR H 167 -17.72 -8.15 -35.20
N PRO H 168 -18.20 -8.59 -36.37
CA PRO H 168 -18.78 -9.93 -36.52
C PRO H 168 -17.82 -11.04 -36.12
N SER H 169 -18.33 -12.06 -35.46
CA SER H 169 -17.51 -13.18 -35.00
C SER H 169 -18.12 -14.52 -35.39
N LYS H 170 -17.27 -15.50 -35.66
CA LYS H 170 -17.72 -16.82 -36.06
C LYS H 170 -18.55 -17.49 -34.98
N GLN H 171 -19.63 -18.14 -35.37
CA GLN H 171 -20.46 -18.90 -34.45
C GLN H 171 -20.04 -20.36 -34.42
N SER H 172 -20.85 -21.20 -33.79
CA SER H 172 -20.62 -22.63 -33.76
C SER H 172 -20.90 -23.25 -35.13
N ASN H 173 -21.93 -22.74 -35.79
CA ASN H 173 -22.32 -23.24 -37.11
C ASN H 173 -21.56 -22.59 -38.25
N ASN H 174 -20.41 -22.00 -37.91
CA ASN H 174 -19.50 -21.35 -38.87
C ASN H 174 -20.12 -20.14 -39.56
N LYS H 175 -21.30 -19.72 -39.10
CA LYS H 175 -21.87 -18.46 -39.53
C LYS H 175 -21.37 -17.37 -38.59
N TYR H 176 -21.86 -16.15 -38.75
CA TYR H 176 -21.35 -15.03 -37.97
C TYR H 176 -22.43 -14.33 -37.15
N ALA H 177 -21.99 -13.69 -36.06
CA ALA H 177 -22.90 -12.94 -35.20
C ALA H 177 -22.31 -11.57 -34.87
N ALA H 178 -23.19 -10.59 -34.70
CA ALA H 178 -22.77 -9.24 -34.32
C ALA H 178 -23.91 -8.52 -33.62
N SER H 179 -23.59 -7.45 -32.92
CA SER H 179 -24.61 -6.68 -32.21
C SER H 179 -24.33 -5.19 -32.25
N SER H 180 -25.40 -4.40 -32.28
CA SER H 180 -25.28 -2.95 -32.31
C SER H 180 -26.12 -2.32 -31.21
N TYR H 181 -25.52 -1.37 -30.50
CA TYR H 181 -26.19 -0.72 -29.37
C TYR H 181 -26.38 0.78 -29.63
N LEU H 182 -27.61 1.23 -29.51
CA LEU H 182 -27.91 2.65 -29.62
C LEU H 182 -28.20 3.26 -28.26
N SER H 183 -27.23 3.98 -27.71
CA SER H 183 -27.40 4.63 -26.43
C SER H 183 -28.21 5.91 -26.58
N LEU H 184 -29.26 6.03 -25.77
CA LEU H 184 -30.16 7.18 -25.86
C LEU H 184 -30.53 7.70 -24.48
N THR H 185 -30.92 8.97 -24.41
CA THR H 185 -31.56 9.50 -23.22
C THR H 185 -33.04 9.17 -23.33
N PRO H 186 -33.71 8.97 -22.19
CA PRO H 186 -35.15 8.66 -22.19
C PRO H 186 -35.96 9.67 -22.98
N GLU H 187 -35.51 10.92 -22.97
CA GLU H 187 -36.18 11.97 -23.69
C GLU H 187 -36.10 11.80 -25.19
N GLN H 188 -34.91 11.46 -25.68
CA GLN H 188 -34.68 11.18 -27.09
C GLN H 188 -35.52 10.00 -27.53
N TRP H 189 -35.63 9.02 -26.64
CA TRP H 189 -36.41 7.82 -26.90
C TRP H 189 -37.90 8.14 -27.05
N LYS H 190 -38.41 8.99 -26.16
CA LYS H 190 -39.82 9.35 -26.15
C LYS H 190 -40.18 10.35 -27.25
N SER H 191 -39.18 11.05 -27.78
CA SER H 191 -39.43 12.13 -28.72
C SER H 191 -39.69 11.63 -30.14
N HIS H 192 -39.56 10.33 -30.36
CA HIS H 192 -39.80 9.76 -31.68
C HIS H 192 -40.90 8.70 -31.66
N ARG H 193 -41.59 8.56 -32.78
CA ARG H 193 -42.67 7.58 -32.90
C ARG H 193 -42.08 6.17 -32.94
N SER H 194 -40.90 6.03 -33.53
CA SER H 194 -40.25 4.74 -33.63
C SER H 194 -38.76 4.85 -33.95
N TYR H 195 -38.02 3.79 -33.60
CA TYR H 195 -36.61 3.66 -33.97
C TYR H 195 -36.40 2.37 -34.76
N SER H 196 -35.46 2.40 -35.70
CA SER H 196 -35.23 1.24 -36.55
C SER H 196 -33.76 0.84 -36.60
N CYS H 197 -33.52 -0.46 -36.66
CA CYS H 197 -32.18 -0.98 -36.87
C CYS H 197 -32.09 -1.67 -38.22
N GLN H 198 -31.30 -1.09 -39.12
CA GLN H 198 -31.18 -1.62 -40.48
C GLN H 198 -29.85 -2.33 -40.70
N VAL H 199 -29.92 -3.64 -40.91
CA VAL H 199 -28.73 -4.44 -41.15
C VAL H 199 -28.63 -4.80 -42.63
N THR H 200 -27.59 -4.31 -43.29
CA THR H 200 -27.38 -4.59 -44.70
C THR H 200 -26.34 -5.69 -44.90
N HIS H 201 -26.73 -6.74 -45.62
CA HIS H 201 -25.86 -7.88 -45.85
C HIS H 201 -25.97 -8.37 -47.29
N GLU H 202 -24.84 -8.37 -47.99
CA GLU H 202 -24.77 -8.81 -49.39
C GLU H 202 -25.74 -8.03 -50.28
N GLY H 203 -25.89 -6.74 -49.98
CA GLY H 203 -26.75 -5.86 -50.78
C GLY H 203 -28.18 -5.82 -50.29
N SER H 204 -28.56 -6.79 -49.46
CA SER H 204 -29.93 -6.85 -48.93
C SER H 204 -30.00 -6.29 -47.51
N THR H 205 -31.06 -5.55 -47.22
CA THR H 205 -31.22 -4.92 -45.91
C THR H 205 -32.38 -5.52 -45.12
N VAL H 206 -32.08 -5.97 -43.91
CA VAL H 206 -33.11 -6.47 -42.99
C VAL H 206 -33.35 -5.44 -41.90
N GLU H 207 -34.61 -5.07 -41.70
CA GLU H 207 -34.95 -4.00 -40.78
C GLU H 207 -35.90 -4.44 -39.66
N LYS H 208 -35.59 -4.02 -38.44
CA LYS H 208 -36.48 -4.22 -37.29
C LYS H 208 -36.79 -2.87 -36.65
N THR H 209 -37.99 -2.74 -36.10
CA THR H 209 -38.46 -1.46 -35.58
C THR H 209 -39.10 -1.58 -34.20
N VAL H 210 -38.75 -0.67 -33.31
CA VAL H 210 -39.36 -0.61 -31.98
C VAL H 210 -39.93 0.78 -31.71
N ALA H 211 -40.95 0.83 -30.86
CA ALA H 211 -41.62 2.08 -30.54
C ALA H 211 -41.77 2.25 -29.04
N PRO H 212 -41.73 3.50 -28.54
CA PRO H 212 -41.87 3.74 -27.11
C PRO H 212 -43.32 3.63 -26.64
N THR H 213 -44.23 3.53 -27.60
CA THR H 213 -45.65 3.43 -27.29
C THR H 213 -46.20 2.04 -27.63
N SER I 6 25.81 24.23 -26.23
CA SER I 6 27.14 23.62 -26.37
C SER I 6 27.51 23.45 -27.84
N THR I 7 28.81 23.37 -28.10
CA THR I 7 29.32 23.18 -29.45
C THR I 7 28.86 21.86 -30.07
N LYS I 8 28.62 20.87 -29.23
CA LYS I 8 28.20 19.56 -29.70
C LYS I 8 26.78 19.59 -30.27
N LYS I 9 25.92 20.40 -29.67
CA LYS I 9 24.54 20.51 -30.13
C LYS I 9 24.46 21.13 -31.52
N THR I 10 25.27 22.16 -31.75
CA THR I 10 25.33 22.83 -33.04
C THR I 10 25.83 21.88 -34.14
N GLN I 11 26.83 21.08 -33.80
CA GLN I 11 27.39 20.10 -34.73
C GLN I 11 26.33 19.08 -35.16
N LEU I 12 25.48 18.68 -34.22
CA LEU I 12 24.42 17.73 -34.50
C LEU I 12 23.37 18.35 -35.43
N GLN I 13 23.08 19.63 -35.22
CA GLN I 13 22.11 20.34 -36.04
C GLN I 13 22.58 20.49 -37.47
N LEU I 14 23.90 20.63 -37.65
CA LEU I 14 24.48 20.80 -38.97
C LEU I 14 24.39 19.53 -39.80
N GLU I 15 24.65 18.38 -39.18
CA GLU I 15 24.59 17.11 -39.88
C GLU I 15 23.14 16.77 -40.23
N HIS I 16 22.23 17.23 -39.38
CA HIS I 16 20.80 17.11 -39.66
C HIS I 16 20.46 17.89 -40.92
N LEU I 17 20.92 19.14 -40.98
CA LEU I 17 20.76 19.98 -42.15
C LEU I 17 21.45 19.36 -43.36
N LEU I 18 22.70 18.93 -43.15
CA LEU I 18 23.51 18.31 -44.19
C LEU I 18 22.84 17.11 -44.86
N LEU I 19 22.36 16.18 -44.05
CA LEU I 19 21.75 14.95 -44.56
C LEU I 19 20.48 15.21 -45.36
N ASP I 20 19.67 16.17 -44.91
CA ASP I 20 18.45 16.51 -45.63
C ASP I 20 18.77 17.11 -46.99
N LEU I 21 19.81 17.94 -47.03
CA LEU I 21 20.27 18.53 -48.28
C LEU I 21 20.83 17.46 -49.21
N GLN I 22 21.49 16.46 -48.62
CA GLN I 22 22.07 15.37 -49.39
C GLN I 22 20.99 14.45 -49.93
N MET I 23 19.89 14.33 -49.19
CA MET I 23 18.76 13.52 -49.63
C MET I 23 18.18 14.09 -50.92
N ILE I 24 18.04 15.41 -50.97
CA ILE I 24 17.55 16.08 -52.16
C ILE I 24 18.51 15.91 -53.32
N LEU I 25 19.79 16.15 -53.07
CA LEU I 25 20.82 16.06 -54.10
C LEU I 25 20.92 14.65 -54.69
N ASN I 26 21.02 13.65 -53.81
CA ASN I 26 21.11 12.26 -54.25
C ASN I 26 19.85 11.82 -54.96
N GLY I 27 18.71 12.37 -54.54
CA GLY I 27 17.44 12.08 -55.17
C GLY I 27 17.42 12.63 -56.58
N ILE I 28 17.97 13.82 -56.76
CA ILE I 28 18.03 14.48 -58.05
C ILE I 28 19.04 13.81 -58.97
N ASN I 29 20.20 13.46 -58.42
CA ASN I 29 21.26 12.81 -59.20
C ASN I 29 20.83 11.45 -59.75
N ASN I 30 20.14 10.69 -58.91
CA ASN I 30 19.66 9.37 -59.30
C ASN I 30 18.35 9.43 -60.07
N TYR I 31 17.76 10.62 -60.15
CA TYR I 31 16.53 10.82 -60.89
C TYR I 31 16.78 10.67 -62.39
N LYS I 32 15.92 9.89 -63.04
CA LYS I 32 16.01 9.67 -64.48
C LYS I 32 14.66 9.96 -65.10
N ASN I 33 14.55 11.10 -65.77
CA ASN I 33 13.30 11.56 -66.35
C ASN I 33 13.55 12.40 -67.60
N PRO I 34 12.65 12.30 -68.59
CA PRO I 34 12.79 13.10 -69.82
C PRO I 34 12.73 14.60 -69.56
N LYS I 35 11.76 15.03 -68.76
CA LYS I 35 11.57 16.44 -68.47
C LYS I 35 12.31 16.89 -67.22
N LEU I 36 13.36 16.16 -66.86
CA LEU I 36 14.17 16.47 -65.70
C LEU I 36 14.92 17.81 -65.81
N THR I 37 15.36 18.16 -67.01
CA THR I 37 16.21 19.34 -67.18
C THR I 37 15.51 20.64 -66.76
N ARG I 38 14.18 20.65 -66.76
CA ARG I 38 13.42 21.81 -66.29
C ARG I 38 13.80 22.15 -64.85
N MET I 39 14.02 21.11 -64.04
CA MET I 39 14.39 21.26 -62.65
C MET I 39 15.81 21.80 -62.48
N LEU I 40 16.68 21.49 -63.45
CA LEU I 40 18.07 21.91 -63.38
C LEU I 40 18.29 23.31 -63.94
N THR I 41 17.42 23.72 -64.86
CA THR I 41 17.56 25.02 -65.51
C THR I 41 17.18 26.19 -64.60
N PHE I 42 16.34 25.93 -63.60
CA PHE I 42 15.90 27.00 -62.70
C PHE I 42 17.09 27.64 -61.99
N LYS I 43 17.07 28.97 -61.91
CA LYS I 43 18.19 29.69 -61.35
C LYS I 43 18.05 29.89 -59.84
N PHE I 44 19.13 29.60 -59.11
CA PHE I 44 19.15 29.79 -57.66
C PHE I 44 20.16 30.86 -57.29
N TYR I 45 19.80 31.70 -56.33
CA TYR I 45 20.69 32.77 -55.89
C TYR I 45 21.74 32.24 -54.91
N MET I 46 22.97 32.68 -55.10
CA MET I 46 24.09 32.19 -54.29
C MET I 46 24.63 33.29 -53.37
N PRO I 47 25.10 32.91 -52.18
CA PRO I 47 25.72 33.86 -51.25
C PRO I 47 27.12 34.27 -51.69
N LYS I 48 27.47 35.53 -51.52
CA LYS I 48 28.83 35.99 -51.81
C LYS I 48 29.83 35.33 -50.87
N LYS I 49 29.53 35.35 -49.58
CA LYS I 49 30.37 34.71 -48.59
C LYS I 49 29.57 33.80 -47.67
N ALA I 50 30.02 32.55 -47.56
CA ALA I 50 29.41 31.57 -46.66
C ALA I 50 30.44 31.11 -45.64
N THR I 51 30.62 31.90 -44.59
CA THR I 51 31.69 31.66 -43.62
C THR I 51 31.18 31.21 -42.25
N GLU I 52 30.14 31.88 -41.75
CA GLU I 52 29.58 31.51 -40.45
C GLU I 52 28.07 31.27 -40.53
N LEU I 53 27.52 30.80 -39.42
CA LEU I 53 26.12 30.38 -39.33
C LEU I 53 25.10 31.45 -39.71
N LYS I 54 25.41 32.72 -39.47
CA LYS I 54 24.47 33.80 -39.77
C LYS I 54 24.19 33.90 -41.27
N HIS I 55 25.12 33.38 -42.07
CA HIS I 55 24.99 33.42 -43.52
C HIS I 55 23.96 32.44 -44.05
N LEU I 56 23.36 31.65 -43.15
CA LEU I 56 22.30 30.73 -43.52
C LEU I 56 21.01 31.47 -43.89
N GLN I 57 21.02 32.78 -43.69
CA GLN I 57 19.94 33.65 -44.15
C GLN I 57 19.79 33.51 -45.66
N CYS I 58 20.93 33.37 -46.33
CA CYS I 58 20.98 33.18 -47.78
C CYS I 58 20.29 31.88 -48.20
N LEU I 59 20.39 30.87 -47.35
CA LEU I 59 19.72 29.59 -47.60
C LEU I 59 18.22 29.69 -47.33
N GLU I 60 17.87 30.34 -46.23
CA GLU I 60 16.48 30.47 -45.80
C GLU I 60 15.61 31.15 -46.84
N GLU I 61 16.13 32.23 -47.43
CA GLU I 61 15.40 33.01 -48.41
C GLU I 61 15.22 32.24 -49.72
N GLU I 62 16.08 31.24 -49.93
CA GLU I 62 16.01 30.42 -51.12
C GLU I 62 15.26 29.11 -50.87
N LEU I 63 14.73 28.94 -49.66
CA LEU I 63 14.04 27.71 -49.29
C LEU I 63 12.70 27.57 -49.99
N LYS I 64 11.94 28.66 -50.10
CA LYS I 64 10.63 28.60 -50.74
C LYS I 64 10.74 28.31 -52.24
N PRO I 65 11.66 28.98 -52.96
CA PRO I 65 11.81 28.55 -54.36
C PRO I 65 12.34 27.11 -54.45
N LEU I 66 13.14 26.68 -53.49
CA LEU I 66 13.61 25.30 -53.44
C LEU I 66 12.43 24.35 -53.33
N GLU I 67 11.48 24.69 -52.47
CA GLU I 67 10.26 23.90 -52.30
C GLU I 67 9.46 23.85 -53.60
N GLU I 68 9.32 25.02 -54.21
CA GLU I 68 8.49 25.18 -55.40
C GLU I 68 9.07 24.49 -56.63
N VAL I 69 10.40 24.50 -56.75
CA VAL I 69 11.06 23.79 -57.83
C VAL I 69 10.86 22.28 -57.68
N LEU I 70 11.02 21.79 -56.45
CA LEU I 70 10.82 20.38 -56.15
C LEU I 70 9.37 19.96 -56.38
N ASN I 71 8.43 20.85 -56.06
CA ASN I 71 7.01 20.58 -56.25
C ASN I 71 6.64 20.36 -57.72
N LEU I 72 7.25 21.13 -58.61
CA LEU I 72 6.96 21.02 -60.04
C LEU I 72 7.45 19.68 -60.60
N ALA I 73 8.60 19.23 -60.13
CA ALA I 73 9.15 17.96 -60.56
C ALA I 73 8.78 16.84 -59.58
N GLN I 74 7.53 16.40 -59.65
CA GLN I 74 7.03 15.34 -58.79
C GLN I 74 6.38 14.23 -59.60
N SER I 75 7.18 13.26 -60.01
CA SER I 75 6.67 12.10 -60.73
C SER I 75 6.50 10.90 -59.81
N LYS I 76 6.17 9.75 -60.38
CA LYS I 76 6.06 8.51 -59.62
C LYS I 76 7.36 8.17 -58.89
N ASN I 77 8.46 8.20 -59.64
CA ASN I 77 9.77 7.84 -59.11
C ASN I 77 10.35 8.89 -58.18
N PHE I 78 9.93 10.14 -58.34
CA PHE I 78 10.49 11.23 -57.56
C PHE I 78 9.45 11.79 -56.58
N HIS I 79 9.52 11.30 -55.34
CA HIS I 79 8.57 11.68 -54.29
C HIS I 79 9.33 12.13 -53.04
N LEU I 80 9.31 13.43 -52.76
CA LEU I 80 10.16 13.98 -51.71
C LEU I 80 9.43 14.75 -50.60
N ARG I 81 8.15 15.05 -50.82
CA ARG I 81 7.36 15.86 -49.88
C ARG I 81 8.02 17.20 -49.57
N PRO I 82 8.09 18.09 -50.57
CA PRO I 82 8.83 19.36 -50.48
C PRO I 82 8.38 20.27 -49.34
N ARG I 83 7.08 20.48 -49.19
CA ARG I 83 6.55 21.38 -48.17
C ARG I 83 7.01 21.03 -46.76
N ASP I 84 6.96 19.75 -46.42
CA ASP I 84 7.35 19.28 -45.10
C ASP I 84 8.87 19.18 -44.98
N LEU I 85 9.52 18.79 -46.08
CA LEU I 85 10.97 18.67 -46.10
C LEU I 85 11.64 20.03 -45.86
N ILE I 86 11.17 21.04 -46.57
CA ILE I 86 11.69 22.40 -46.42
C ILE I 86 11.38 22.92 -45.02
N SER I 87 10.18 22.61 -44.53
CA SER I 87 9.78 22.99 -43.19
C SER I 87 10.75 22.42 -42.15
N ASN I 88 11.18 21.19 -42.38
CA ASN I 88 12.20 20.56 -41.54
C ASN I 88 13.55 21.25 -41.67
N ILE I 89 13.93 21.58 -42.90
CA ILE I 89 15.17 22.30 -43.17
C ILE I 89 15.14 23.71 -42.57
N ASN I 90 13.98 24.36 -42.67
CA ASN I 90 13.83 25.72 -42.17
C ASN I 90 14.03 25.86 -40.66
N VAL I 91 13.38 25.00 -39.90
CA VAL I 91 13.44 25.08 -38.44
C VAL I 91 14.84 24.78 -37.92
N ILE I 92 15.60 23.99 -38.67
CA ILE I 92 16.98 23.71 -38.31
C ILE I 92 17.85 24.93 -38.58
N VAL I 93 17.63 25.55 -39.74
CA VAL I 93 18.33 26.78 -40.10
C VAL I 93 18.11 27.88 -39.06
N LEU I 94 16.86 28.03 -38.64
CA LEU I 94 16.49 29.05 -37.65
C LEU I 94 17.18 28.81 -36.31
N GLU I 95 17.43 27.54 -35.99
CA GLU I 95 18.13 27.18 -34.76
C GLU I 95 19.62 27.49 -34.88
N LEU I 96 20.13 27.50 -36.10
CA LEU I 96 21.54 27.73 -36.36
C LEU I 96 21.90 29.19 -36.55
N LYS I 97 21.08 29.91 -37.32
CA LYS I 97 21.36 31.30 -37.65
C LYS I 97 20.60 32.29 -36.76
N GLY I 98 19.61 31.79 -36.04
CA GLY I 98 18.76 32.63 -35.22
C GLY I 98 19.50 33.49 -34.22
N SER I 99 19.19 34.78 -34.22
CA SER I 99 19.83 35.75 -33.33
C SER I 99 19.08 37.08 -33.36
N THR I 102 20.64 39.72 -36.82
CA THR I 102 19.70 39.95 -37.91
C THR I 102 20.27 40.85 -38.99
N PHE I 103 21.13 40.29 -39.83
CA PHE I 103 21.76 41.07 -40.90
C PHE I 103 20.99 40.89 -42.21
N MET I 104 21.43 41.60 -43.25
CA MET I 104 20.79 41.50 -44.57
C MET I 104 21.65 40.66 -45.52
N CYS I 105 21.07 39.56 -46.01
CA CYS I 105 21.81 38.63 -46.86
C CYS I 105 22.28 39.30 -48.16
N GLU I 106 23.57 39.16 -48.45
CA GLU I 106 24.16 39.63 -49.69
C GLU I 106 24.37 38.48 -50.67
N TYR I 107 23.93 38.68 -51.91
CA TYR I 107 23.97 37.61 -52.92
C TYR I 107 25.02 37.84 -53.99
N ALA I 108 25.55 36.74 -54.53
CA ALA I 108 26.49 36.80 -55.63
C ALA I 108 25.79 37.19 -56.92
N ASP I 109 26.56 37.68 -57.88
CA ASP I 109 26.00 38.10 -59.17
C ASP I 109 25.66 36.90 -60.04
N GLU I 110 26.31 35.77 -59.78
CA GLU I 110 26.10 34.56 -60.54
C GLU I 110 25.03 33.67 -59.91
N THR I 111 24.04 33.27 -60.71
CA THR I 111 23.04 32.31 -60.27
C THR I 111 23.51 30.91 -60.61
N ALA I 112 22.93 29.90 -59.95
CA ALA I 112 23.38 28.52 -60.13
C ALA I 112 22.22 27.55 -60.31
N THR I 113 22.57 26.31 -60.60
CA THR I 113 21.59 25.24 -60.74
C THR I 113 21.32 24.59 -59.40
N ILE I 114 20.29 23.76 -59.34
CA ILE I 114 19.92 23.09 -58.09
C ILE I 114 21.06 22.23 -57.55
N VAL I 115 21.83 21.61 -58.45
CA VAL I 115 22.96 20.79 -58.04
C VAL I 115 24.08 21.63 -57.42
N GLU I 116 24.45 22.71 -58.11
CA GLU I 116 25.47 23.63 -57.61
C GLU I 116 25.02 24.31 -56.32
N PHE I 117 23.73 24.65 -56.26
CA PHE I 117 23.15 25.29 -55.09
C PHE I 117 23.22 24.37 -53.86
N LEU I 118 22.85 23.12 -54.05
CA LEU I 118 22.86 22.14 -52.97
C LEU I 118 24.29 21.82 -52.54
N ASN I 119 25.16 21.58 -53.51
CA ASN I 119 26.57 21.30 -53.24
C ASN I 119 27.23 22.39 -52.42
N ARG I 120 26.89 23.63 -52.71
CA ARG I 120 27.43 24.78 -52.01
C ARG I 120 27.09 24.73 -50.52
N TRP I 121 25.82 24.54 -50.20
CA TRP I 121 25.37 24.51 -48.82
C TRP I 121 25.71 23.18 -48.13
N ILE I 122 25.85 22.12 -48.91
CA ILE I 122 26.33 20.85 -48.39
C ILE I 122 27.79 21.00 -47.97
N THR I 123 28.58 21.61 -48.83
CA THR I 123 29.98 21.92 -48.52
C THR I 123 30.06 22.85 -47.31
N PHE I 124 29.14 23.81 -47.27
CA PHE I 124 29.06 24.78 -46.18
C PHE I 124 28.95 24.07 -44.83
N CYS I 125 27.98 23.17 -44.72
CA CYS I 125 27.78 22.40 -43.49
C CYS I 125 29.02 21.58 -43.14
N GLN I 126 29.56 20.89 -44.14
CA GLN I 126 30.75 20.06 -43.95
C GLN I 126 31.96 20.88 -43.50
N SER I 127 32.09 22.08 -44.05
CA SER I 127 33.19 22.96 -43.71
C SER I 127 33.12 23.40 -42.26
N ILE I 128 31.92 23.70 -41.80
CA ILE I 128 31.71 24.15 -40.42
C ILE I 128 31.85 23.00 -39.42
N ILE I 129 31.30 21.84 -39.79
CA ILE I 129 31.36 20.66 -38.93
C ILE I 129 32.80 20.28 -38.61
N SER I 130 33.66 20.30 -39.62
CA SER I 130 35.07 19.96 -39.45
C SER I 130 35.78 20.93 -38.49
N THR I 131 35.36 22.19 -38.50
CA THR I 131 35.94 23.20 -37.61
C THR I 131 35.54 22.97 -36.16
N LEU I 132 34.32 22.48 -35.95
CA LEU I 132 33.82 22.24 -34.61
C LEU I 132 34.44 21.01 -33.98
N THR I 133 35.15 20.22 -34.79
CA THR I 133 35.81 19.02 -34.30
C THR I 133 37.33 19.18 -34.33
N LEU J 2 -10.20 -12.32 -26.11
CA LEU J 2 -9.03 -12.41 -25.25
C LEU J 2 -7.75 -12.26 -26.04
N GLN J 3 -6.94 -11.28 -25.66
CA GLN J 3 -5.66 -11.04 -26.33
C GLN J 3 -4.54 -10.78 -25.31
N LEU J 4 -3.37 -11.31 -25.60
CA LEU J 4 -2.21 -11.15 -24.74
C LEU J 4 -1.13 -10.36 -25.47
N GLN J 5 -0.45 -9.46 -24.76
CA GLN J 5 0.59 -8.65 -25.38
C GLN J 5 1.85 -8.56 -24.54
N GLU J 6 2.96 -9.04 -25.10
CA GLU J 6 4.26 -8.95 -24.45
C GLU J 6 4.86 -7.55 -24.59
N SER J 7 5.54 -7.10 -23.54
CA SER J 7 6.22 -5.82 -23.57
C SER J 7 7.65 -5.95 -23.06
N GLY J 8 8.61 -5.61 -23.91
CA GLY J 8 10.01 -5.71 -23.56
C GLY J 8 10.84 -4.55 -24.10
N PRO J 9 12.16 -4.58 -23.82
CA PRO J 9 13.06 -3.50 -24.21
C PRO J 9 13.46 -3.58 -25.69
N GLY J 10 13.38 -4.77 -26.27
CA GLY J 10 13.79 -4.97 -27.65
C GLY J 10 15.28 -5.18 -27.75
N LEU J 11 16.04 -4.34 -27.04
CA LEU J 11 17.49 -4.43 -27.02
C LEU J 11 18.02 -4.38 -25.60
N VAL J 12 18.78 -5.39 -25.21
CA VAL J 12 19.33 -5.48 -23.86
C VAL J 12 20.78 -5.96 -23.90
N LYS J 13 21.62 -5.36 -23.06
CA LYS J 13 23.02 -5.73 -22.99
C LYS J 13 23.22 -6.96 -22.11
N PRO J 14 24.24 -7.78 -22.44
CA PRO J 14 24.60 -8.97 -21.66
C PRO J 14 24.80 -8.69 -20.17
N SER J 15 24.57 -9.70 -19.34
CA SER J 15 24.73 -9.65 -17.88
C SER J 15 23.67 -8.81 -17.20
N GLN J 16 22.86 -8.08 -17.97
CA GLN J 16 21.76 -7.31 -17.42
C GLN J 16 20.53 -8.20 -17.20
N THR J 17 19.53 -7.66 -16.53
CA THR J 17 18.32 -8.42 -16.25
C THR J 17 17.18 -8.05 -17.21
N LEU J 18 16.66 -9.05 -17.91
CA LEU J 18 15.56 -8.85 -18.85
C LEU J 18 14.22 -8.76 -18.12
N SER J 19 13.50 -7.66 -18.34
CA SER J 19 12.21 -7.46 -17.71
C SER J 19 11.10 -7.43 -18.76
N LEU J 20 10.22 -8.42 -18.71
CA LEU J 20 9.09 -8.50 -19.62
C LEU J 20 7.77 -8.37 -18.86
N THR J 21 6.72 -7.96 -19.56
CA THR J 21 5.40 -7.84 -18.95
C THR J 21 4.32 -8.18 -19.97
N CYS J 22 3.39 -9.06 -19.58
CA CYS J 22 2.29 -9.44 -20.45
C CYS J 22 1.01 -8.76 -20.01
N THR J 23 0.28 -8.20 -20.98
CA THR J 23 -0.96 -7.51 -20.68
C THR J 23 -2.17 -8.27 -21.24
N VAL J 24 -3.08 -8.65 -20.36
CA VAL J 24 -4.28 -9.37 -20.75
C VAL J 24 -5.40 -8.40 -21.10
N SER J 25 -5.93 -8.51 -22.32
CA SER J 25 -7.01 -7.65 -22.78
C SER J 25 -8.20 -8.49 -23.25
N GLY J 26 -9.41 -7.96 -23.07
CA GLY J 26 -10.61 -8.67 -23.46
C GLY J 26 -10.85 -9.85 -22.54
N GLY J 27 -10.18 -9.84 -21.39
CA GLY J 27 -10.28 -10.91 -20.42
C GLY J 27 -9.57 -10.49 -19.14
N SER J 28 -9.60 -11.35 -18.12
CA SER J 28 -8.95 -11.03 -16.86
C SER J 28 -8.28 -12.23 -16.21
N ILE J 29 -7.36 -11.94 -15.29
CA ILE J 29 -6.74 -12.97 -14.48
C ILE J 29 -7.56 -13.09 -13.19
N SER J 30 -8.82 -13.49 -13.35
CA SER J 30 -9.78 -13.48 -12.26
C SER J 30 -10.28 -14.88 -11.88
N SER J 31 -9.76 -15.90 -12.55
CA SER J 31 -10.18 -17.27 -12.26
C SER J 31 -9.00 -18.22 -12.12
N GLY J 32 -9.22 -19.30 -11.38
CA GLY J 32 -8.19 -20.30 -11.15
C GLY J 32 -8.13 -21.37 -12.22
N GLY J 33 -8.89 -21.17 -13.30
CA GLY J 33 -8.93 -22.13 -14.38
C GLY J 33 -7.69 -22.17 -15.24
N TYR J 34 -6.78 -21.21 -15.05
CA TYR J 34 -5.64 -21.08 -15.95
C TYR J 34 -4.32 -20.76 -15.26
N TYR J 35 -3.24 -21.19 -15.91
CA TYR J 35 -1.90 -20.73 -15.58
C TYR J 35 -1.51 -19.67 -16.60
N TRP J 36 -0.67 -18.73 -16.21
CA TRP J 36 -0.23 -17.68 -17.13
C TRP J 36 1.26 -17.78 -17.39
N SER J 37 1.60 -18.12 -18.63
CA SER J 37 2.92 -18.65 -18.95
C SER J 37 3.83 -17.74 -19.78
N TRP J 38 5.12 -18.06 -19.74
CA TRP J 38 6.11 -17.42 -20.59
C TRP J 38 6.83 -18.48 -21.40
N ILE J 39 6.89 -18.27 -22.72
CA ILE J 39 7.59 -19.18 -23.62
C ILE J 39 8.50 -18.35 -24.52
N ARG J 40 9.66 -18.90 -24.88
CA ARG J 40 10.59 -18.19 -25.73
C ARG J 40 11.04 -19.04 -26.92
N GLN J 41 11.59 -18.38 -27.93
CA GLN J 41 12.04 -19.07 -29.13
C GLN J 41 13.27 -18.37 -29.71
N HIS J 42 14.44 -18.98 -29.53
CA HIS J 42 15.66 -18.47 -30.11
C HIS J 42 15.56 -18.54 -31.64
N PRO J 43 16.00 -17.47 -32.33
CA PRO J 43 15.92 -17.36 -33.78
C PRO J 43 16.49 -18.58 -34.51
N GLY J 44 15.64 -19.26 -35.27
CA GLY J 44 16.03 -20.44 -36.01
C GLY J 44 16.04 -21.72 -35.20
N LYS J 45 15.61 -21.63 -33.94
CA LYS J 45 15.52 -22.80 -33.08
C LYS J 45 14.07 -23.08 -32.69
N GLY J 46 13.86 -24.03 -31.79
CA GLY J 46 12.53 -24.45 -31.41
C GLY J 46 11.95 -23.69 -30.23
N LEU J 47 10.76 -24.10 -29.81
CA LEU J 47 10.07 -23.46 -28.69
C LEU J 47 10.57 -23.99 -27.34
N GLU J 48 10.67 -23.10 -26.36
CA GLU J 48 11.10 -23.48 -25.03
C GLU J 48 10.23 -22.85 -23.94
N TRP J 49 9.64 -23.70 -23.10
CA TRP J 49 8.85 -23.23 -21.97
C TRP J 49 9.75 -22.62 -20.90
N ILE J 50 9.37 -21.46 -20.38
CA ILE J 50 10.15 -20.79 -19.35
C ILE J 50 9.54 -21.03 -17.98
N GLY J 51 8.25 -20.72 -17.86
CA GLY J 51 7.51 -20.96 -16.63
C GLY J 51 6.14 -20.32 -16.65
N TYR J 52 5.29 -20.64 -15.68
CA TYR J 52 4.03 -19.93 -15.52
C TYR J 52 3.65 -19.67 -14.08
N ILE J 53 2.66 -18.81 -13.90
CA ILE J 53 2.22 -18.40 -12.57
C ILE J 53 0.70 -18.55 -12.43
N TYR J 54 0.27 -18.89 -11.22
CA TYR J 54 -1.14 -19.01 -10.88
C TYR J 54 -1.58 -17.67 -10.30
N TYR J 55 -2.87 -17.35 -10.38
CA TYR J 55 -3.32 -16.02 -9.94
C TYR J 55 -3.22 -15.86 -8.42
N SER J 56 -2.91 -16.96 -7.73
CA SER J 56 -2.58 -16.90 -6.32
C SER J 56 -1.20 -16.28 -6.13
N GLY J 57 -0.31 -16.52 -7.10
CA GLY J 57 1.04 -16.01 -7.04
C GLY J 57 2.08 -17.11 -7.12
N SER J 58 1.62 -18.36 -6.94
CA SER J 58 2.51 -19.51 -6.98
C SER J 58 3.11 -19.72 -8.36
N THR J 59 4.41 -19.98 -8.40
CA THR J 59 5.13 -20.08 -9.67
C THR J 59 5.66 -21.48 -9.95
N TYR J 60 5.80 -21.79 -11.24
CA TYR J 60 6.34 -23.08 -11.68
C TYR J 60 7.31 -22.84 -12.83
N TYR J 61 8.55 -23.26 -12.66
CA TYR J 61 9.59 -22.93 -13.63
C TYR J 61 10.19 -24.14 -14.33
N ASN J 62 10.86 -23.88 -15.45
CA ASN J 62 11.66 -24.88 -16.14
C ASN J 62 12.95 -25.09 -15.36
N PRO J 63 13.28 -26.35 -15.02
CA PRO J 63 14.47 -26.70 -14.24
C PRO J 63 15.78 -26.12 -14.79
N SER J 64 15.88 -26.00 -16.11
CA SER J 64 17.09 -25.50 -16.75
C SER J 64 17.19 -23.97 -16.66
N LEU J 65 16.08 -23.33 -16.31
CA LEU J 65 16.03 -21.88 -16.23
C LEU J 65 15.65 -21.42 -14.83
N LYS J 66 15.41 -22.38 -13.95
CA LYS J 66 14.93 -22.14 -12.59
C LYS J 66 15.73 -21.09 -11.81
N SER J 67 17.06 -21.17 -11.92
CA SER J 67 17.93 -20.30 -11.14
C SER J 67 18.00 -18.87 -11.66
N ARG J 68 17.49 -18.63 -12.87
CA ARG J 68 17.61 -17.33 -13.50
C ARG J 68 16.29 -16.59 -13.72
N VAL J 69 15.17 -17.28 -13.55
CA VAL J 69 13.88 -16.67 -13.84
C VAL J 69 13.10 -16.26 -12.59
N THR J 70 12.22 -15.28 -12.76
CA THR J 70 11.32 -14.85 -11.70
C THR J 70 10.02 -14.32 -12.31
N ILE J 71 8.91 -14.93 -11.96
CA ILE J 71 7.62 -14.53 -12.50
C ILE J 71 6.68 -14.00 -11.42
N SER J 72 6.08 -12.85 -11.70
CA SER J 72 5.13 -12.24 -10.77
C SER J 72 3.83 -11.93 -11.50
N VAL J 73 2.76 -11.70 -10.74
CA VAL J 73 1.46 -11.41 -11.33
C VAL J 73 0.80 -10.19 -10.69
N ASP J 74 0.09 -9.41 -11.48
CA ASP J 74 -0.63 -8.24 -10.99
C ASP J 74 -2.08 -8.31 -11.42
N THR J 75 -2.91 -8.95 -10.60
CA THR J 75 -4.31 -9.16 -10.91
C THR J 75 -5.10 -7.85 -11.00
N SER J 76 -4.60 -6.82 -10.33
CA SER J 76 -5.26 -5.52 -10.33
C SER J 76 -5.21 -4.88 -11.72
N LYS J 77 -4.05 -5.00 -12.37
CA LYS J 77 -3.85 -4.45 -13.70
C LYS J 77 -3.99 -5.53 -14.76
N ASN J 78 -4.27 -6.75 -14.30
CA ASN J 78 -4.41 -7.91 -15.17
C ASN J 78 -3.15 -8.15 -16.00
N GLN J 79 -2.00 -8.02 -15.34
CA GLN J 79 -0.71 -8.23 -15.98
C GLN J 79 0.14 -9.21 -15.19
N PHE J 80 1.00 -9.95 -15.87
CA PHE J 80 2.01 -10.75 -15.19
C PHE J 80 3.36 -10.58 -15.88
N SER J 81 4.43 -10.62 -15.09
CA SER J 81 5.74 -10.22 -15.59
C SER J 81 6.81 -11.29 -15.41
N LEU J 82 7.92 -11.11 -16.12
CA LEU J 82 9.05 -12.04 -16.09
C LEU J 82 10.36 -11.30 -15.88
N LYS J 83 11.25 -11.89 -15.08
CA LYS J 83 12.60 -11.34 -14.90
C LYS J 83 13.64 -12.41 -15.22
N LEU J 84 14.50 -12.13 -16.19
CA LEU J 84 15.53 -13.07 -16.58
C LEU J 84 16.92 -12.49 -16.34
N SER J 85 17.60 -12.96 -15.31
CA SER J 85 18.87 -12.38 -14.88
C SER J 85 20.07 -12.89 -15.67
N SER J 86 21.11 -12.04 -15.75
CA SER J 86 22.39 -12.39 -16.37
C SER J 86 22.25 -12.97 -17.77
N VAL J 87 21.68 -12.18 -18.69
CA VAL J 87 21.42 -12.64 -20.03
C VAL J 87 22.69 -12.70 -20.89
N THR J 88 22.66 -13.57 -21.90
CA THR J 88 23.73 -13.66 -22.88
C THR J 88 23.12 -13.68 -24.27
N ALA J 89 23.95 -13.83 -25.29
CA ALA J 89 23.47 -13.90 -26.67
C ALA J 89 22.59 -15.14 -26.88
N ALA J 90 22.74 -16.13 -26.01
CA ALA J 90 21.93 -17.33 -26.07
C ALA J 90 20.50 -17.05 -25.62
N ASP J 91 20.30 -15.92 -24.95
CA ASP J 91 18.99 -15.55 -24.45
C ASP J 91 18.23 -14.67 -25.45
N THR J 92 18.90 -14.29 -26.53
CA THR J 92 18.23 -13.60 -27.63
C THR J 92 17.15 -14.50 -28.20
N ALA J 93 15.91 -14.03 -28.15
CA ALA J 93 14.77 -14.83 -28.60
C ALA J 93 13.52 -14.00 -28.76
N VAL J 94 12.51 -14.58 -29.38
CA VAL J 94 11.17 -14.02 -29.35
C VAL J 94 10.45 -14.59 -28.13
N TYR J 95 10.08 -13.71 -27.21
CA TYR J 95 9.45 -14.16 -25.97
C TYR J 95 7.94 -14.05 -26.07
N TYR J 96 7.27 -15.18 -25.84
CA TYR J 96 5.82 -15.24 -25.88
C TYR J 96 5.23 -15.37 -24.47
N CYS J 97 4.12 -14.69 -24.23
CA CYS J 97 3.30 -14.98 -23.07
C CYS J 97 2.06 -15.72 -23.55
N ALA J 98 1.60 -16.69 -22.77
CA ALA J 98 0.46 -17.50 -23.18
C ALA J 98 -0.36 -17.97 -22.00
N ARG J 99 -1.53 -18.52 -22.28
CA ARG J 99 -2.43 -19.03 -21.25
C ARG J 99 -2.61 -20.54 -21.38
N THR J 100 -2.64 -21.23 -20.25
CA THR J 100 -2.84 -22.68 -20.25
C THR J 100 -3.74 -23.10 -19.10
N PRO J 101 -4.70 -24.00 -19.37
CA PRO J 101 -5.61 -24.53 -18.34
C PRO J 101 -4.87 -25.27 -17.24
N THR J 102 -5.47 -25.31 -16.05
CA THR J 102 -4.93 -26.08 -14.94
C THR J 102 -5.52 -27.48 -14.93
N VAL J 103 -4.86 -28.41 -14.26
CA VAL J 103 -5.37 -29.76 -14.04
C VAL J 103 -5.50 -30.58 -15.33
N THR J 104 -6.29 -30.07 -16.27
CA THR J 104 -6.56 -30.77 -17.53
C THR J 104 -5.29 -31.06 -18.32
N GLY J 105 -4.28 -30.21 -18.15
CA GLY J 105 -3.01 -30.40 -18.84
C GLY J 105 -2.45 -29.10 -19.36
N ASP J 106 -1.19 -29.12 -19.78
CA ASP J 106 -0.54 -27.92 -20.28
C ASP J 106 -0.78 -27.76 -21.77
N TRP J 107 -1.57 -26.75 -22.13
CA TRP J 107 -1.89 -26.46 -23.52
C TRP J 107 -2.05 -24.95 -23.69
N PHE J 108 -1.17 -24.36 -24.49
CA PHE J 108 -1.10 -22.91 -24.59
C PHE J 108 -2.04 -22.34 -25.64
N ASP J 109 -3.09 -21.69 -25.17
CA ASP J 109 -4.05 -21.01 -26.03
C ASP J 109 -4.76 -19.92 -25.24
N PRO J 110 -4.69 -18.66 -25.72
CA PRO J 110 -3.97 -18.27 -26.95
C PRO J 110 -2.53 -17.85 -26.67
N TRP J 111 -1.82 -17.48 -27.73
CA TRP J 111 -0.48 -16.93 -27.60
C TRP J 111 -0.52 -15.43 -27.80
N GLY J 112 0.47 -14.72 -27.27
CA GLY J 112 0.60 -13.30 -27.52
C GLY J 112 1.21 -13.09 -28.90
N ARG J 113 1.41 -11.83 -29.27
CA ARG J 113 2.00 -11.50 -30.56
C ARG J 113 3.49 -11.84 -30.56
N GLY J 114 4.08 -11.89 -29.38
CA GLY J 114 5.50 -12.16 -29.24
C GLY J 114 6.33 -10.91 -29.45
N THR J 115 7.39 -10.78 -28.65
CA THR J 115 8.30 -9.65 -28.80
C THR J 115 9.73 -10.14 -28.98
N LEU J 116 10.43 -9.55 -29.95
CA LEU J 116 11.81 -9.93 -30.21
C LEU J 116 12.75 -9.23 -29.23
N VAL J 117 13.50 -10.03 -28.48
CA VAL J 117 14.50 -9.50 -27.57
C VAL J 117 15.91 -9.78 -28.11
N THR J 118 16.66 -8.71 -28.35
CA THR J 118 18.02 -8.84 -28.88
C THR J 118 19.07 -8.56 -27.83
N VAL J 119 19.89 -9.56 -27.54
CA VAL J 119 20.96 -9.41 -26.55
C VAL J 119 22.32 -9.27 -27.25
N SER J 120 22.88 -8.06 -27.22
CA SER J 120 24.18 -7.81 -27.81
C SER J 120 24.89 -6.61 -27.18
N SER J 121 26.21 -6.67 -27.13
CA SER J 121 27.00 -5.54 -26.65
C SER J 121 28.11 -5.21 -27.65
N ALA J 122 27.74 -5.14 -28.92
CA ALA J 122 28.72 -4.91 -29.98
C ALA J 122 28.65 -3.49 -30.50
N SER J 123 29.77 -2.78 -30.40
CA SER J 123 29.89 -1.45 -31.00
C SER J 123 29.97 -1.60 -32.51
N THR J 124 29.81 -0.50 -33.24
CA THR J 124 29.97 -0.53 -34.67
C THR J 124 31.40 -0.93 -35.03
N LYS J 125 31.54 -2.01 -35.80
CA LYS J 125 32.86 -2.48 -36.20
C LYS J 125 32.88 -2.87 -37.66
N GLY J 126 33.90 -2.42 -38.37
CA GLY J 126 34.07 -2.75 -39.78
C GLY J 126 34.58 -4.17 -39.96
N PRO J 127 34.24 -4.78 -41.12
CA PRO J 127 34.60 -6.16 -41.42
C PRO J 127 36.03 -6.33 -41.93
N SER J 128 36.56 -7.53 -41.76
CA SER J 128 37.80 -7.93 -42.41
C SER J 128 37.48 -8.78 -43.63
N VAL J 129 38.10 -8.48 -44.76
CA VAL J 129 37.81 -9.20 -45.99
C VAL J 129 38.94 -10.14 -46.36
N PHE J 130 38.60 -11.41 -46.52
CA PHE J 130 39.58 -12.43 -46.90
C PHE J 130 39.21 -13.09 -48.22
N PRO J 131 40.20 -13.29 -49.10
CA PRO J 131 39.97 -13.92 -50.40
C PRO J 131 39.77 -15.43 -50.31
N LEU J 132 38.79 -15.95 -51.02
CA LEU J 132 38.55 -17.39 -51.11
C LEU J 132 39.03 -17.92 -52.46
N ALA J 133 40.29 -18.33 -52.51
CA ALA J 133 40.93 -18.77 -53.75
C ALA J 133 40.27 -20.01 -54.34
N PRO J 134 40.23 -20.10 -55.67
CA PRO J 134 39.63 -21.26 -56.35
C PRO J 134 40.48 -22.51 -56.19
N SER J 135 39.84 -23.66 -55.99
CA SER J 135 40.55 -24.91 -55.78
C SER J 135 41.15 -25.44 -57.09
N SER J 136 42.13 -26.34 -56.94
CA SER J 136 42.80 -26.95 -58.06
C SER J 136 43.62 -28.17 -57.63
N GLY J 142 33.32 -28.04 -65.44
CA GLY J 142 34.47 -27.20 -65.71
C GLY J 142 34.36 -25.84 -65.06
N THR J 143 33.45 -25.71 -64.11
CA THR J 143 33.29 -24.45 -63.39
C THR J 143 34.17 -24.41 -62.14
N ALA J 144 34.49 -23.20 -61.70
CA ALA J 144 35.32 -23.01 -60.52
C ALA J 144 34.67 -22.01 -59.57
N ALA J 145 34.77 -22.27 -58.28
CA ALA J 145 34.17 -21.40 -57.28
C ALA J 145 35.21 -20.59 -56.53
N LEU J 146 35.09 -19.26 -56.60
CA LEU J 146 35.94 -18.36 -55.84
C LEU J 146 35.05 -17.40 -55.08
N GLY J 147 35.57 -16.77 -54.02
CA GLY J 147 34.76 -15.87 -53.24
C GLY J 147 35.48 -14.95 -52.29
N CYS J 148 34.70 -14.21 -51.51
CA CYS J 148 35.25 -13.31 -50.50
C CYS J 148 34.60 -13.58 -49.15
N LEU J 149 35.42 -13.66 -48.11
CA LEU J 149 34.90 -13.81 -46.76
C LEU J 149 34.85 -12.47 -46.04
N VAL J 150 33.63 -12.00 -45.77
CA VAL J 150 33.43 -10.76 -45.03
C VAL J 150 33.23 -11.11 -43.56
N LYS J 151 34.28 -10.90 -42.77
CA LYS J 151 34.36 -11.49 -41.44
C LYS J 151 34.27 -10.48 -40.30
N ASP J 152 33.47 -10.82 -39.29
CA ASP J 152 33.37 -10.06 -38.04
C ASP J 152 33.02 -8.58 -38.23
N TYR J 153 31.76 -8.29 -38.54
CA TYR J 153 31.30 -6.92 -38.65
C TYR J 153 30.00 -6.69 -37.88
N PHE J 154 29.72 -5.43 -37.58
CA PHE J 154 28.50 -5.05 -36.89
C PHE J 154 28.20 -3.56 -37.09
N PRO J 155 26.94 -3.23 -37.37
CA PRO J 155 25.85 -4.19 -37.57
C PRO J 155 25.59 -4.48 -39.04
N GLU J 156 24.48 -5.15 -39.32
CA GLU J 156 24.01 -5.33 -40.69
C GLU J 156 23.61 -3.99 -41.27
N PRO J 157 23.61 -3.85 -42.61
CA PRO J 157 23.96 -4.86 -43.61
C PRO J 157 25.36 -4.68 -44.20
N VAL J 158 25.75 -5.61 -45.07
CA VAL J 158 26.96 -5.47 -45.87
C VAL J 158 26.64 -5.76 -47.33
N THR J 159 26.99 -4.83 -48.21
CA THR J 159 26.79 -5.03 -49.63
C THR J 159 28.07 -5.52 -50.28
N VAL J 160 27.93 -6.49 -51.19
CA VAL J 160 29.08 -7.03 -51.91
C VAL J 160 28.82 -7.02 -53.41
N SER J 161 29.73 -6.38 -54.15
CA SER J 161 29.66 -6.38 -55.60
C SER J 161 30.95 -6.96 -56.17
N TRP J 162 30.92 -7.34 -57.43
CA TRP J 162 32.10 -7.90 -58.09
C TRP J 162 32.48 -7.11 -59.33
N ASN J 163 33.75 -6.76 -59.43
CA ASN J 163 34.27 -5.94 -60.52
C ASN J 163 33.50 -4.64 -60.67
N SER J 164 33.24 -3.99 -59.54
CA SER J 164 32.51 -2.71 -59.48
C SER J 164 31.09 -2.84 -60.06
N GLY J 165 30.55 -4.05 -60.08
CA GLY J 165 29.21 -4.28 -60.57
C GLY J 165 29.15 -4.81 -61.99
N ALA J 166 30.32 -4.99 -62.60
CA ALA J 166 30.39 -5.50 -63.97
C ALA J 166 30.15 -7.00 -64.01
N LEU J 167 30.38 -7.67 -62.89
CA LEU J 167 30.18 -9.11 -62.79
C LEU J 167 28.98 -9.45 -61.90
N THR J 168 27.93 -10.01 -62.50
CA THR J 168 26.72 -10.35 -61.77
C THR J 168 26.31 -11.80 -61.97
N SER J 169 26.63 -12.36 -63.14
CA SER J 169 26.30 -13.75 -63.44
C SER J 169 27.12 -14.72 -62.58
N GLY J 170 26.42 -15.63 -61.92
CA GLY J 170 27.07 -16.63 -61.09
C GLY J 170 27.46 -16.11 -59.71
N VAL J 171 27.04 -14.89 -59.41
CA VAL J 171 27.33 -14.28 -58.12
C VAL J 171 26.28 -14.68 -57.09
N HIS J 172 26.73 -15.24 -55.98
CA HIS J 172 25.85 -15.65 -54.89
C HIS J 172 26.38 -15.12 -53.57
N THR J 173 25.70 -14.12 -53.03
CA THR J 173 26.05 -13.58 -51.71
C THR J 173 25.15 -14.18 -50.65
N PHE J 174 25.75 -14.95 -49.74
CA PHE J 174 24.99 -15.68 -48.73
C PHE J 174 24.66 -14.78 -47.54
N PRO J 175 23.47 -14.98 -46.95
CA PRO J 175 23.07 -14.28 -45.72
C PRO J 175 24.09 -14.47 -44.60
N ALA J 176 24.29 -13.44 -43.79
CA ALA J 176 25.31 -13.46 -42.75
C ALA J 176 24.97 -14.43 -41.63
N VAL J 177 25.99 -14.84 -40.88
CA VAL J 177 25.81 -15.66 -39.69
C VAL J 177 26.09 -14.82 -38.44
N LEU J 178 25.29 -15.04 -37.40
CA LEU J 178 25.51 -14.33 -36.14
C LEU J 178 26.32 -15.20 -35.18
N GLN J 179 27.59 -14.87 -35.03
CA GLN J 179 28.47 -15.61 -34.13
C GLN J 179 28.16 -15.25 -32.68
N SER J 180 28.62 -16.09 -31.76
CA SER J 180 28.39 -15.87 -30.34
C SER J 180 29.03 -14.59 -29.83
N SER J 181 30.05 -14.11 -30.54
CA SER J 181 30.72 -12.88 -30.17
C SER J 181 29.84 -11.65 -30.42
N GLY J 182 28.77 -11.84 -31.18
CA GLY J 182 27.85 -10.76 -31.51
C GLY J 182 28.13 -10.12 -32.86
N LEU J 183 29.17 -10.59 -33.53
CA LEU J 183 29.55 -10.05 -34.82
C LEU J 183 29.02 -10.90 -35.97
N TYR J 184 28.81 -10.26 -37.13
CA TYR J 184 28.29 -10.95 -38.29
C TYR J 184 29.39 -11.38 -39.25
N SER J 185 29.11 -12.41 -40.04
CA SER J 185 30.02 -12.83 -41.10
C SER J 185 29.23 -13.44 -42.26
N LEU J 186 29.52 -13.00 -43.47
CA LEU J 186 28.89 -13.58 -44.65
C LEU J 186 29.93 -13.95 -45.69
N SER J 187 29.47 -14.58 -46.77
CA SER J 187 30.35 -14.94 -47.86
C SER J 187 29.68 -14.69 -49.20
N SER J 188 30.46 -14.22 -50.16
CA SER J 188 29.98 -14.02 -51.52
C SER J 188 30.87 -14.83 -52.46
N VAL J 189 30.25 -15.67 -53.28
CA VAL J 189 31.00 -16.48 -54.23
C VAL J 189 30.55 -16.29 -55.67
N VAL J 190 31.49 -16.51 -56.58
CA VAL J 190 31.20 -16.47 -58.01
C VAL J 190 31.54 -17.81 -58.65
N THR J 191 30.64 -18.31 -59.48
CA THR J 191 30.91 -19.51 -60.25
C THR J 191 31.41 -19.11 -61.63
N VAL J 192 32.69 -19.40 -61.88
CA VAL J 192 33.33 -18.96 -63.12
C VAL J 192 33.88 -20.14 -63.94
N PRO J 193 34.09 -19.91 -65.24
CA PRO J 193 34.77 -20.90 -66.09
C PRO J 193 36.20 -21.13 -65.63
N SER J 194 36.66 -22.39 -65.65
CA SER J 194 38.01 -22.71 -65.21
C SER J 194 39.05 -22.17 -66.18
N SER J 195 38.64 -21.98 -67.43
CA SER J 195 39.52 -21.42 -68.45
C SER J 195 39.84 -19.96 -68.16
N SER J 196 39.01 -19.32 -67.34
CA SER J 196 39.17 -17.90 -67.04
C SER J 196 40.03 -17.60 -65.81
N LEU J 197 40.54 -18.64 -65.16
CA LEU J 197 41.41 -18.42 -64.00
C LEU J 197 42.80 -17.97 -64.45
N GLY J 198 43.32 -16.95 -63.77
CA GLY J 198 44.63 -16.41 -64.07
C GLY J 198 44.60 -15.31 -65.13
N THR J 199 43.70 -15.45 -66.09
CA THR J 199 43.57 -14.45 -67.16
C THR J 199 42.55 -13.39 -66.79
N GLN J 200 41.57 -13.78 -65.97
CA GLN J 200 40.54 -12.85 -65.53
C GLN J 200 40.79 -12.34 -64.12
N THR J 201 40.58 -11.04 -63.92
CA THR J 201 40.73 -10.42 -62.61
C THR J 201 39.40 -10.41 -61.87
N TYR J 202 39.41 -10.96 -60.65
CA TYR J 202 38.21 -10.97 -59.83
C TYR J 202 38.41 -10.17 -58.56
N ILE J 203 37.58 -9.16 -58.38
CA ILE J 203 37.67 -8.28 -57.21
C ILE J 203 36.30 -8.11 -56.59
N CYS J 204 36.18 -8.42 -55.30
CA CYS J 204 34.94 -8.20 -54.58
C CYS J 204 34.98 -6.84 -53.89
N ASN J 205 33.88 -6.11 -53.99
CA ASN J 205 33.81 -4.79 -53.39
C ASN J 205 32.89 -4.80 -52.18
N VAL J 206 33.48 -4.78 -50.99
CA VAL J 206 32.71 -4.85 -49.76
C VAL J 206 32.46 -3.45 -49.20
N ASN J 207 31.19 -3.15 -48.95
CA ASN J 207 30.79 -1.86 -48.40
C ASN J 207 29.98 -2.01 -47.12
N HIS J 208 30.48 -1.42 -46.05
CA HIS J 208 29.79 -1.44 -44.77
C HIS J 208 29.59 -0.01 -44.27
N LYS J 209 28.46 0.58 -44.67
CA LYS J 209 28.14 1.97 -44.37
C LYS J 209 28.19 2.39 -42.88
N PRO J 210 27.72 1.53 -41.95
CA PRO J 210 27.77 1.94 -40.55
C PRO J 210 29.16 2.34 -40.05
N SER J 211 30.21 1.73 -40.61
CA SER J 211 31.57 2.02 -40.18
C SER J 211 32.35 2.77 -41.27
N ASN J 212 31.65 3.19 -42.32
CA ASN J 212 32.25 3.86 -43.46
C ASN J 212 33.39 3.05 -44.05
N THR J 213 33.21 1.73 -44.10
CA THR J 213 34.24 0.83 -44.59
C THR J 213 34.05 0.41 -46.04
N LYS J 214 35.06 0.68 -46.87
CA LYS J 214 35.05 0.25 -48.26
C LYS J 214 36.33 -0.53 -48.57
N VAL J 215 36.18 -1.81 -48.89
CA VAL J 215 37.33 -2.68 -49.13
C VAL J 215 37.23 -3.43 -50.45
N ASP J 216 38.26 -3.30 -51.28
CA ASP J 216 38.34 -4.07 -52.52
C ASP J 216 39.42 -5.14 -52.41
N LYS J 217 39.00 -6.40 -52.40
CA LYS J 217 39.95 -7.51 -52.28
C LYS J 217 40.00 -8.35 -53.54
N LYS J 218 41.18 -8.42 -54.15
CA LYS J 218 41.39 -9.22 -55.36
C LYS J 218 41.54 -10.69 -55.01
N VAL J 219 40.78 -11.55 -55.69
CA VAL J 219 40.83 -12.98 -55.42
C VAL J 219 41.63 -13.72 -56.49
N GLU J 220 42.86 -14.07 -56.14
CA GLU J 220 43.76 -14.78 -57.03
C GLU J 220 43.84 -16.27 -56.69
N PRO J 221 44.17 -17.12 -57.68
CA PRO J 221 44.37 -18.55 -57.44
C PRO J 221 45.50 -18.81 -56.44
N LYS J 222 45.50 -19.98 -55.82
CA LYS J 222 46.50 -20.31 -54.81
C LYS J 222 47.92 -20.29 -55.39
N SER J 223 48.90 -20.09 -54.51
CA SER J 223 50.29 -19.96 -54.92
C SER J 223 51.16 -20.97 -54.21
N CYS J 224 50.88 -22.25 -54.44
CA CYS J 224 51.63 -23.33 -53.82
C CYS J 224 51.65 -24.57 -54.71
N ASN K 1 11.48 -35.19 -16.19
CA ASN K 1 11.78 -34.45 -17.41
C ASN K 1 12.15 -35.39 -18.56
N PHE K 2 11.80 -35.00 -19.78
CA PHE K 2 12.05 -35.84 -20.94
C PHE K 2 12.22 -35.00 -22.21
N MET K 3 12.44 -35.69 -23.32
CA MET K 3 12.55 -35.02 -24.61
C MET K 3 11.50 -35.54 -25.60
N LEU K 4 11.08 -34.66 -26.50
CA LEU K 4 10.20 -35.05 -27.58
C LEU K 4 10.94 -34.91 -28.91
N THR K 5 11.17 -36.04 -29.57
CA THR K 5 11.96 -36.06 -30.79
C THR K 5 11.11 -36.08 -32.05
N GLN K 6 11.24 -35.02 -32.85
CA GLN K 6 10.56 -34.94 -34.14
C GLN K 6 11.59 -35.04 -35.27
N PRO K 7 11.14 -35.53 -36.45
CA PRO K 7 11.99 -35.44 -37.64
C PRO K 7 12.25 -33.97 -37.97
N HIS K 8 13.43 -33.66 -38.48
N HIS K 8 13.43 -33.67 -38.49
CA HIS K 8 13.78 -32.28 -38.79
CA HIS K 8 13.81 -32.30 -38.82
C HIS K 8 12.86 -31.71 -39.87
C HIS K 8 12.91 -31.71 -39.90
N SER K 9 12.51 -32.55 -40.84
CA SER K 9 11.63 -32.11 -41.92
C SER K 9 10.82 -33.26 -42.51
N VAL K 10 9.62 -32.94 -42.98
CA VAL K 10 8.80 -33.86 -43.74
C VAL K 10 8.26 -33.11 -44.96
N SER K 11 7.94 -33.84 -46.03
CA SER K 11 7.47 -33.18 -47.24
C SER K 11 6.64 -34.10 -48.12
N GLU K 12 5.59 -33.54 -48.71
CA GLU K 12 4.75 -34.25 -49.67
C GLU K 12 4.11 -33.29 -50.66
N SER K 13 3.67 -33.83 -51.80
CA SER K 13 2.99 -33.05 -52.81
C SER K 13 1.57 -32.74 -52.36
N PRO K 14 0.97 -31.64 -52.87
CA PRO K 14 -0.40 -31.30 -52.52
C PRO K 14 -1.38 -32.46 -52.78
N GLY K 15 -2.33 -32.65 -51.87
CA GLY K 15 -3.30 -33.72 -52.03
C GLY K 15 -2.86 -35.02 -51.39
N LYS K 16 -1.58 -35.13 -51.08
CA LYS K 16 -1.04 -36.34 -50.46
C LYS K 16 -1.18 -36.31 -48.94
N THR K 17 -0.66 -37.34 -48.28
CA THR K 17 -0.74 -37.46 -46.83
C THR K 17 0.65 -37.55 -46.21
N VAL K 18 0.89 -36.74 -45.19
CA VAL K 18 2.18 -36.73 -44.50
C VAL K 18 1.97 -36.99 -43.00
N THR K 19 2.96 -37.59 -42.36
CA THR K 19 2.87 -37.90 -40.94
C THR K 19 4.10 -37.43 -40.17
N ILE K 20 3.87 -36.71 -39.07
CA ILE K 20 4.94 -36.23 -38.22
C ILE K 20 4.93 -36.92 -36.87
N SER K 21 5.98 -37.68 -36.58
CA SER K 21 6.05 -38.43 -35.33
C SER K 21 6.65 -37.60 -34.22
N CYS K 22 6.27 -37.91 -32.98
CA CYS K 22 6.80 -37.23 -31.81
C CYS K 22 7.12 -38.24 -30.72
N THR K 23 8.39 -38.62 -30.63
CA THR K 23 8.81 -39.69 -29.73
C THR K 23 9.25 -39.17 -28.37
N ARG K 24 8.66 -39.73 -27.32
CA ARG K 24 9.01 -39.36 -25.95
C ARG K 24 10.16 -40.22 -25.46
N SER K 25 11.19 -39.57 -24.93
CA SER K 25 12.41 -40.26 -24.52
C SER K 25 12.28 -40.97 -23.17
N SER K 26 11.53 -40.38 -22.26
CA SER K 26 11.38 -40.93 -20.92
C SER K 26 9.94 -40.87 -20.45
N GLY K 27 9.47 -41.95 -19.84
CA GLY K 27 8.10 -42.03 -19.38
C GLY K 27 7.15 -42.42 -20.49
N SER K 28 5.96 -42.88 -20.11
CA SER K 28 4.94 -43.28 -21.09
C SER K 28 4.29 -42.05 -21.72
N ILE K 29 4.17 -42.04 -23.03
CA ILE K 29 3.60 -40.90 -23.75
C ILE K 29 2.09 -40.87 -23.63
N ALA K 30 1.50 -42.00 -23.24
CA ALA K 30 0.06 -42.08 -23.04
C ALA K 30 -0.33 -41.58 -21.65
N SER K 31 0.66 -41.19 -20.86
CA SER K 31 0.41 -40.71 -19.51
C SER K 31 0.09 -39.22 -19.49
N ASN K 32 0.49 -38.51 -20.55
CA ASN K 32 0.27 -37.07 -20.63
C ASN K 32 -0.27 -36.65 -22.00
N TYR K 33 -1.21 -35.71 -22.00
CA TYR K 33 -1.78 -35.20 -23.24
C TYR K 33 -0.72 -34.59 -24.14
N VAL K 34 -0.85 -34.81 -25.45
CA VAL K 34 0.08 -34.25 -26.42
C VAL K 34 -0.61 -33.20 -27.28
N GLN K 35 0.01 -32.02 -27.38
CA GLN K 35 -0.54 -30.94 -28.20
C GLN K 35 0.30 -30.75 -29.45
N TRP K 36 -0.34 -30.26 -30.51
CA TRP K 36 0.36 -29.94 -31.74
C TRP K 36 0.14 -28.49 -32.14
N TYR K 37 1.25 -27.76 -32.28
CA TYR K 37 1.18 -26.34 -32.65
C TYR K 37 1.69 -26.12 -34.06
N GLN K 38 0.99 -25.27 -34.81
CA GLN K 38 1.46 -24.84 -36.11
C GLN K 38 2.03 -23.43 -36.02
N GLN K 39 3.21 -23.23 -36.59
CA GLN K 39 3.81 -21.90 -36.57
C GLN K 39 4.25 -21.48 -37.96
N ARG K 40 3.62 -20.42 -38.48
CA ARG K 40 4.02 -19.82 -39.74
C ARG K 40 5.16 -18.83 -39.50
N PRO K 41 6.03 -18.65 -40.50
CA PRO K 41 7.20 -17.77 -40.36
C PRO K 41 6.82 -16.34 -39.95
N GLY K 42 7.45 -15.84 -38.90
CA GLY K 42 7.21 -14.50 -38.42
C GLY K 42 5.92 -14.35 -37.64
N SER K 43 5.27 -15.49 -37.36
CA SER K 43 4.00 -15.47 -36.66
C SER K 43 4.03 -16.27 -35.36
N SER K 44 3.03 -16.05 -34.52
CA SER K 44 2.88 -16.78 -33.27
C SER K 44 2.32 -18.17 -33.54
N PRO K 45 2.64 -19.13 -32.66
CA PRO K 45 2.10 -20.49 -32.83
C PRO K 45 0.61 -20.58 -32.57
N THR K 46 -0.09 -21.43 -33.31
CA THR K 46 -1.50 -21.71 -33.07
C THR K 46 -1.71 -23.20 -32.92
N THR K 47 -2.83 -23.59 -32.32
CA THR K 47 -3.10 -25.00 -32.07
C THR K 47 -3.82 -25.66 -33.24
N VAL K 48 -3.35 -26.82 -33.65
CA VAL K 48 -4.05 -27.62 -34.65
C VAL K 48 -4.63 -28.88 -34.00
N ILE K 49 -3.94 -29.39 -32.99
CA ILE K 49 -4.40 -30.54 -32.22
C ILE K 49 -4.05 -30.38 -30.74
N TYR K 50 -5.06 -30.50 -29.88
CA TYR K 50 -4.83 -30.52 -28.44
C TYR K 50 -5.40 -31.80 -27.85
N GLU K 51 -4.89 -32.20 -26.68
CA GLU K 51 -5.35 -33.41 -26.01
C GLU K 51 -5.37 -34.63 -26.93
N ASP K 52 -4.20 -35.01 -27.41
CA ASP K 52 -4.01 -36.18 -28.27
C ASP K 52 -4.65 -36.05 -29.65
N ASN K 53 -5.97 -35.85 -29.70
CA ASN K 53 -6.67 -35.86 -30.98
C ASN K 53 -7.76 -34.81 -31.13
N GLN K 54 -7.95 -33.97 -30.12
CA GLN K 54 -8.99 -32.95 -30.19
C GLN K 54 -8.59 -31.85 -31.16
N ARG K 55 -9.58 -31.31 -31.87
CA ARG K 55 -9.33 -30.33 -32.90
C ARG K 55 -10.12 -29.06 -32.66
N PRO K 56 -9.44 -27.92 -32.54
CA PRO K 56 -10.08 -26.62 -32.33
C PRO K 56 -11.03 -26.27 -33.48
N SER K 57 -12.14 -25.60 -33.16
CA SER K 57 -13.09 -25.18 -34.18
C SER K 57 -12.42 -24.20 -35.15
N GLY K 58 -12.49 -24.52 -36.44
CA GLY K 58 -11.83 -23.72 -37.46
C GLY K 58 -10.72 -24.48 -38.14
N VAL K 59 -10.19 -25.49 -37.44
CA VAL K 59 -9.14 -26.34 -38.01
C VAL K 59 -9.77 -27.45 -38.85
N PRO K 60 -9.35 -27.56 -40.12
CA PRO K 60 -9.86 -28.53 -41.10
C PRO K 60 -9.78 -29.98 -40.63
N ASP K 61 -10.63 -30.84 -41.17
CA ASP K 61 -10.67 -32.25 -40.81
C ASP K 61 -9.41 -32.97 -41.27
N ARG K 62 -8.64 -32.29 -42.10
CA ARG K 62 -7.39 -32.83 -42.63
C ARG K 62 -6.36 -33.14 -41.55
N PHE K 63 -6.45 -32.42 -40.43
CA PHE K 63 -5.55 -32.62 -39.30
C PHE K 63 -6.09 -33.67 -38.32
N SER K 64 -5.26 -34.64 -37.93
CA SER K 64 -5.66 -35.63 -36.94
C SER K 64 -4.47 -36.09 -36.12
N GLY K 65 -4.69 -36.36 -34.84
CA GLY K 65 -3.63 -36.80 -33.95
C GLY K 65 -3.87 -38.18 -33.35
N SER K 66 -2.78 -38.89 -33.08
CA SER K 66 -2.85 -40.21 -32.46
C SER K 66 -1.62 -40.44 -31.59
N ILE K 67 -1.70 -41.42 -30.70
CA ILE K 67 -0.56 -41.76 -29.85
C ILE K 67 -0.24 -43.25 -29.95
N ASP K 68 1.03 -43.57 -30.09
CA ASP K 68 1.47 -44.96 -30.22
C ASP K 68 2.31 -45.38 -29.01
N SER K 69 1.70 -46.19 -28.14
CA SER K 69 2.35 -46.64 -26.92
C SER K 69 3.52 -47.58 -27.22
N SER K 70 3.40 -48.34 -28.31
CA SER K 70 4.43 -49.29 -28.70
C SER K 70 5.77 -48.60 -28.97
N SER K 71 5.73 -47.54 -29.78
CA SER K 71 6.92 -46.80 -30.13
C SER K 71 7.08 -45.57 -29.24
N ASN K 72 6.19 -45.45 -28.25
CA ASN K 72 6.18 -44.32 -27.32
C ASN K 72 6.16 -42.99 -28.06
N SER K 73 5.32 -42.90 -29.09
CA SER K 73 5.27 -41.70 -29.91
C SER K 73 3.85 -41.19 -30.14
N ALA K 74 3.76 -39.93 -30.55
CA ALA K 74 2.50 -39.33 -30.95
C ALA K 74 2.65 -38.81 -32.36
N SER K 75 1.63 -38.96 -33.19
CA SER K 75 1.75 -38.60 -34.60
C SER K 75 0.70 -37.60 -35.06
N LEU K 76 1.15 -36.61 -35.83
CA LEU K 76 0.25 -35.67 -36.48
C LEU K 76 0.18 -35.98 -37.96
N THR K 77 -1.03 -36.27 -38.45
CA THR K 77 -1.22 -36.66 -39.84
C THR K 77 -2.07 -35.64 -40.58
N ILE K 78 -1.61 -35.24 -41.77
CA ILE K 78 -2.34 -34.29 -42.58
C ILE K 78 -2.67 -34.89 -43.95
N SER K 79 -3.96 -35.06 -44.22
CA SER K 79 -4.42 -35.61 -45.49
C SER K 79 -4.94 -34.50 -46.39
N GLY K 80 -4.91 -34.72 -47.70
CA GLY K 80 -5.32 -33.72 -48.66
C GLY K 80 -4.50 -32.45 -48.45
N LEU K 81 -3.18 -32.61 -48.53
CA LEU K 81 -2.23 -31.54 -48.24
C LEU K 81 -2.48 -30.27 -49.05
N LYS K 82 -2.43 -29.12 -48.37
CA LYS K 82 -2.59 -27.83 -49.02
C LYS K 82 -1.36 -26.96 -48.80
N THR K 83 -1.17 -25.99 -49.69
CA THR K 83 -0.02 -25.10 -49.65
C THR K 83 0.05 -24.28 -48.35
N GLU K 84 -1.11 -24.00 -47.77
CA GLU K 84 -1.18 -23.24 -46.53
C GLU K 84 -0.67 -24.05 -45.34
N ASP K 85 -0.61 -25.37 -45.49
CA ASP K 85 -0.14 -26.24 -44.41
C ASP K 85 1.38 -26.19 -44.26
N GLU K 86 2.05 -25.60 -45.24
CA GLU K 86 3.50 -25.46 -45.17
C GLU K 86 3.88 -24.54 -44.01
N ALA K 87 4.47 -25.13 -42.98
CA ALA K 87 4.85 -24.40 -41.78
C ALA K 87 5.71 -25.28 -40.89
N ASP K 88 6.07 -24.75 -39.72
CA ASP K 88 6.75 -25.55 -38.71
C ASP K 88 5.72 -26.13 -37.74
N TYR K 89 5.92 -27.37 -37.34
CA TYR K 89 4.98 -28.02 -36.43
C TYR K 89 5.68 -28.54 -35.18
N TYR K 90 5.14 -28.18 -34.02
CA TYR K 90 5.71 -28.58 -32.75
C TYR K 90 4.74 -29.46 -31.96
N CYS K 91 5.22 -30.63 -31.56
CA CYS K 91 4.48 -31.44 -30.60
C CYS K 91 4.83 -30.97 -29.21
N GLN K 92 3.89 -31.04 -28.28
CA GLN K 92 4.14 -30.58 -26.93
C GLN K 92 3.36 -31.40 -25.91
N SER K 93 4.07 -31.83 -24.87
CA SER K 93 3.45 -32.55 -23.77
C SER K 93 3.96 -31.97 -22.46
N TYR K 94 3.70 -32.65 -21.36
CA TYR K 94 4.08 -32.14 -20.06
C TYR K 94 4.43 -33.25 -19.08
N ASP K 95 4.96 -32.84 -17.93
CA ASP K 95 5.45 -33.77 -16.92
C ASP K 95 5.20 -33.19 -15.54
N SER K 96 5.54 -33.93 -14.50
CA SER K 96 5.48 -33.40 -13.15
C SER K 96 6.61 -32.39 -12.96
N SER K 97 7.66 -32.54 -13.77
CA SER K 97 8.84 -31.70 -13.70
C SER K 97 8.71 -30.40 -14.50
N ASN K 98 8.33 -30.51 -15.77
CA ASN K 98 8.19 -29.33 -16.62
C ASN K 98 7.41 -29.57 -17.90
N VAL K 99 7.32 -28.54 -18.73
CA VAL K 99 6.67 -28.61 -20.04
C VAL K 99 7.70 -28.89 -21.12
N VAL K 100 7.42 -29.87 -21.98
CA VAL K 100 8.39 -30.27 -23.00
C VAL K 100 7.87 -30.06 -24.42
N PHE K 101 8.62 -29.26 -25.19
CA PHE K 101 8.33 -29.07 -26.61
C PHE K 101 9.20 -30.00 -27.46
N GLY K 102 8.70 -30.36 -28.64
CA GLY K 102 9.49 -31.11 -29.59
C GLY K 102 10.50 -30.20 -30.27
N GLY K 103 11.41 -30.80 -31.03
CA GLY K 103 12.43 -30.03 -31.71
C GLY K 103 11.88 -29.24 -32.87
N GLY K 104 10.67 -29.58 -33.30
CA GLY K 104 10.02 -28.90 -34.41
C GLY K 104 10.25 -29.60 -35.73
N THR K 105 9.25 -29.55 -36.59
CA THR K 105 9.35 -30.15 -37.92
C THR K 105 8.87 -29.18 -38.98
N LYS K 106 9.71 -28.92 -39.98
CA LYS K 106 9.30 -28.05 -41.08
C LYS K 106 8.60 -28.87 -42.16
N LEU K 107 7.30 -28.63 -42.30
CA LEU K 107 6.53 -29.28 -43.34
C LEU K 107 6.62 -28.48 -44.64
N THR K 108 7.03 -29.15 -45.70
CA THR K 108 7.13 -28.51 -47.01
C THR K 108 6.12 -29.11 -47.98
N VAL K 109 5.31 -28.25 -48.58
CA VAL K 109 4.40 -28.68 -49.63
C VAL K 109 5.06 -28.47 -50.99
N LEU K 110 5.46 -29.56 -51.61
CA LEU K 110 6.28 -29.53 -52.82
C LEU K 110 5.63 -28.77 -53.98
N GLY K 111 6.28 -27.69 -54.40
CA GLY K 111 5.83 -26.92 -55.55
C GLY K 111 6.77 -27.13 -56.71
N GLN K 112 7.94 -27.69 -56.41
CA GLN K 112 8.94 -28.01 -57.42
C GLN K 112 9.63 -29.33 -57.06
N PRO K 113 10.22 -30.01 -58.05
CA PRO K 113 10.93 -31.27 -57.76
C PRO K 113 12.08 -31.07 -56.77
N LYS K 114 12.32 -32.07 -55.92
CA LYS K 114 13.39 -32.00 -54.93
C LYS K 114 14.75 -31.83 -55.59
N ALA K 115 15.58 -30.99 -55.00
CA ALA K 115 16.91 -30.71 -55.54
C ALA K 115 18.00 -30.96 -54.51
N ALA K 116 19.02 -31.70 -54.91
CA ALA K 116 20.17 -31.95 -54.04
C ALA K 116 20.99 -30.68 -53.88
N PRO K 117 21.54 -30.44 -52.68
CA PRO K 117 22.30 -29.22 -52.41
C PRO K 117 23.65 -29.19 -53.11
N SER K 118 24.08 -27.99 -53.51
CA SER K 118 25.41 -27.79 -54.02
C SER K 118 26.31 -27.31 -52.89
N VAL K 119 27.37 -28.06 -52.61
CA VAL K 119 28.22 -27.75 -51.47
C VAL K 119 29.62 -27.35 -51.90
N THR K 120 30.09 -26.22 -51.39
CA THR K 120 31.43 -25.75 -51.67
C THR K 120 32.14 -25.41 -50.36
N LEU K 121 33.29 -26.03 -50.13
CA LEU K 121 34.02 -25.84 -48.88
C LEU K 121 35.33 -25.12 -49.10
N PHE K 122 35.50 -24.00 -48.41
CA PHE K 122 36.73 -23.22 -48.50
C PHE K 122 37.59 -23.36 -47.26
N PRO K 123 38.90 -23.60 -47.45
CA PRO K 123 39.87 -23.65 -46.37
C PRO K 123 40.22 -22.24 -45.90
N PRO K 124 40.85 -22.10 -44.72
CA PRO K 124 41.28 -20.78 -44.25
C PRO K 124 42.19 -20.08 -45.25
N SER K 125 41.94 -18.80 -45.49
CA SER K 125 42.76 -18.03 -46.42
C SER K 125 44.15 -17.80 -45.84
N SER K 126 45.13 -17.60 -46.71
CA SER K 126 46.49 -17.33 -46.28
C SER K 126 46.57 -16.06 -45.43
N GLU K 127 45.77 -15.07 -45.80
CA GLU K 127 45.73 -13.80 -45.08
C GLU K 127 45.17 -13.98 -43.67
N GLU K 128 44.18 -14.86 -43.54
CA GLU K 128 43.56 -15.11 -42.24
C GLU K 128 44.49 -15.89 -41.32
N LEU K 129 45.21 -16.85 -41.89
CA LEU K 129 46.15 -17.66 -41.12
C LEU K 129 47.29 -16.81 -40.56
N GLN K 130 47.74 -15.83 -41.34
CA GLN K 130 48.76 -14.90 -40.88
C GLN K 130 48.20 -13.95 -39.81
N ALA K 131 46.87 -13.86 -39.74
CA ALA K 131 46.21 -13.05 -38.72
C ALA K 131 45.91 -13.89 -37.50
N ASN K 132 46.56 -15.05 -37.42
CA ASN K 132 46.42 -15.98 -36.30
C ASN K 132 44.98 -16.41 -36.06
N LYS K 133 44.24 -16.62 -37.15
CA LYS K 133 42.87 -17.12 -37.09
C LYS K 133 42.62 -18.09 -38.23
N ALA K 134 41.52 -18.83 -38.16
CA ALA K 134 41.18 -19.79 -39.20
C ALA K 134 39.67 -20.05 -39.24
N THR K 135 39.08 -19.89 -40.43
CA THR K 135 37.66 -20.15 -40.62
C THR K 135 37.42 -20.97 -41.87
N LEU K 136 36.76 -22.12 -41.71
CA LEU K 136 36.36 -22.94 -42.84
C LEU K 136 34.93 -22.60 -43.25
N VAL K 137 34.74 -22.28 -44.53
CA VAL K 137 33.45 -21.82 -45.02
C VAL K 137 32.76 -22.84 -45.90
N CYS K 138 31.68 -23.42 -45.38
CA CYS K 138 30.90 -24.39 -46.13
C CYS K 138 29.63 -23.75 -46.68
N LEU K 139 29.56 -23.61 -47.99
CA LEU K 139 28.43 -22.94 -48.63
C LEU K 139 27.48 -23.94 -49.28
N ILE K 140 26.21 -23.85 -48.90
CA ILE K 140 25.18 -24.78 -49.36
C ILE K 140 24.09 -24.02 -50.11
N SER K 141 23.80 -24.44 -51.33
CA SER K 141 22.84 -23.72 -52.16
C SER K 141 22.03 -24.62 -53.09
N ASP K 142 20.95 -24.06 -53.62
CA ASP K 142 20.12 -24.71 -54.63
C ASP K 142 19.53 -26.04 -54.18
N PHE K 143 19.10 -26.11 -52.91
CA PHE K 143 18.45 -27.33 -52.42
C PHE K 143 16.98 -27.09 -52.07
N TYR K 144 16.17 -28.13 -52.23
CA TYR K 144 14.75 -28.08 -51.93
C TYR K 144 14.24 -29.47 -51.56
N PRO K 145 13.47 -29.58 -50.46
CA PRO K 145 13.02 -28.52 -49.55
C PRO K 145 14.12 -27.87 -48.73
N GLY K 146 13.80 -26.75 -48.10
CA GLY K 146 14.78 -25.97 -47.37
C GLY K 146 15.07 -26.47 -45.97
N ALA K 147 15.63 -27.68 -45.89
CA ALA K 147 15.99 -28.25 -44.60
C ALA K 147 17.17 -29.20 -44.74
N VAL K 148 18.28 -28.84 -44.10
CA VAL K 148 19.47 -29.68 -44.09
C VAL K 148 20.08 -29.73 -42.69
N THR K 149 20.87 -30.76 -42.43
CA THR K 149 21.64 -30.84 -41.20
C THR K 149 23.12 -30.84 -41.56
N VAL K 150 23.91 -30.06 -40.83
CA VAL K 150 25.32 -29.92 -41.13
C VAL K 150 26.18 -30.53 -40.03
N ALA K 151 27.07 -31.44 -40.44
CA ALA K 151 28.00 -32.06 -39.50
C ALA K 151 29.42 -31.91 -40.00
N TRP K 152 30.31 -31.48 -39.11
CA TRP K 152 31.71 -31.30 -39.45
C TRP K 152 32.53 -32.47 -38.93
N LYS K 153 33.59 -32.82 -39.66
CA LYS K 153 34.45 -33.92 -39.26
C LYS K 153 35.91 -33.50 -39.20
N ALA K 154 36.52 -33.68 -38.04
CA ALA K 154 37.96 -33.54 -37.90
C ALA K 154 38.59 -34.90 -38.20
N ASP K 155 39.34 -34.96 -39.31
CA ASP K 155 39.80 -36.22 -39.89
C ASP K 155 38.58 -37.09 -40.19
N SER K 156 38.27 -38.00 -39.28
CA SER K 156 37.07 -38.82 -39.41
C SER K 156 36.23 -38.72 -38.14
N SER K 157 36.73 -37.98 -37.17
CA SER K 157 36.03 -37.79 -35.90
C SER K 157 35.15 -36.55 -35.96
N PRO K 158 33.92 -36.65 -35.43
CA PRO K 158 33.01 -35.52 -35.43
C PRO K 158 33.48 -34.35 -34.57
N VAL K 159 33.25 -33.13 -35.05
CA VAL K 159 33.57 -31.93 -34.29
C VAL K 159 32.32 -31.06 -34.21
N LYS K 160 31.93 -30.69 -32.99
CA LYS K 160 30.70 -29.95 -32.78
C LYS K 160 30.97 -28.52 -32.32
N ALA K 161 32.13 -28.31 -31.69
CA ALA K 161 32.49 -26.99 -31.16
C ALA K 161 33.01 -26.05 -32.24
N GLY K 162 32.61 -24.79 -32.15
CA GLY K 162 33.09 -23.77 -33.06
C GLY K 162 32.32 -23.71 -34.37
N VAL K 163 31.17 -24.37 -34.40
CA VAL K 163 30.36 -24.42 -35.60
C VAL K 163 29.17 -23.46 -35.50
N GLU K 164 29.06 -22.58 -36.50
CA GLU K 164 27.90 -21.70 -36.61
C GLU K 164 27.25 -21.88 -37.97
N THR K 165 25.97 -22.26 -37.96
CA THR K 165 25.25 -22.53 -39.19
C THR K 165 24.00 -21.67 -39.30
N THR K 166 23.80 -21.08 -40.47
CA THR K 166 22.64 -20.24 -40.72
C THR K 166 21.40 -21.08 -40.98
N THR K 167 20.23 -20.48 -40.77
CA THR K 167 18.97 -21.11 -41.13
C THR K 167 18.71 -20.88 -42.61
N PRO K 168 18.26 -21.94 -43.31
CA PRO K 168 18.05 -21.86 -44.77
C PRO K 168 17.09 -20.74 -45.16
N SER K 169 17.42 -20.04 -46.24
CA SER K 169 16.61 -18.93 -46.72
C SER K 169 16.34 -19.07 -48.21
N LYS K 170 15.17 -18.60 -48.63
CA LYS K 170 14.77 -18.69 -50.04
C LYS K 170 15.71 -17.91 -50.96
N GLN K 171 16.02 -18.51 -52.12
CA GLN K 171 16.81 -17.84 -53.14
C GLN K 171 15.89 -17.17 -54.16
N SER K 172 16.47 -16.74 -55.27
CA SER K 172 15.69 -16.14 -56.36
C SER K 172 14.84 -17.19 -57.05
N ASN K 173 15.40 -18.39 -57.22
CA ASN K 173 14.70 -19.50 -57.86
C ASN K 173 13.82 -20.30 -56.91
N ASN K 174 13.49 -19.68 -55.76
CA ASN K 174 12.62 -20.28 -54.75
C ASN K 174 13.19 -21.55 -54.11
N LYS K 175 14.46 -21.83 -54.38
CA LYS K 175 15.17 -22.87 -53.64
C LYS K 175 15.78 -22.24 -52.40
N TYR K 176 16.57 -22.99 -51.65
CA TYR K 176 17.08 -22.48 -50.39
C TYR K 176 18.61 -22.48 -50.34
N ALA K 177 19.15 -21.57 -49.51
CA ALA K 177 20.60 -21.48 -49.33
C ALA K 177 20.96 -21.39 -47.85
N ALA K 178 22.13 -21.92 -47.50
CA ALA K 178 22.62 -21.88 -46.13
C ALA K 178 24.14 -21.97 -46.11
N SER K 179 24.73 -21.59 -44.98
CA SER K 179 26.18 -21.64 -44.84
C SER K 179 26.60 -22.04 -43.44
N SER K 180 27.72 -22.75 -43.34
CA SER K 180 28.25 -23.18 -42.05
C SER K 180 29.70 -22.77 -41.92
N TYR K 181 30.05 -22.20 -40.77
CA TYR K 181 31.41 -21.73 -40.53
C TYR K 181 32.04 -22.48 -39.36
N LEU K 182 33.21 -23.06 -39.60
CA LEU K 182 33.94 -23.74 -38.53
C LEU K 182 35.14 -22.91 -38.09
N SER K 183 35.04 -22.31 -36.90
CA SER K 183 36.12 -21.50 -36.37
C SER K 183 37.23 -22.36 -35.79
N LEU K 184 38.46 -22.09 -36.22
CA LEU K 184 39.62 -22.88 -35.81
C LEU K 184 40.82 -22.00 -35.51
N THR K 185 41.73 -22.52 -34.69
CA THR K 185 43.05 -21.92 -34.53
C THR K 185 43.95 -22.45 -35.65
N PRO K 186 44.93 -21.65 -36.08
CA PRO K 186 45.86 -22.09 -37.12
C PRO K 186 46.55 -23.41 -36.77
N GLU K 187 46.82 -23.63 -35.49
CA GLU K 187 47.45 -24.86 -35.03
C GLU K 187 46.54 -26.06 -35.23
N GLN K 188 45.26 -25.92 -34.90
CA GLN K 188 44.29 -26.98 -35.11
C GLN K 188 44.14 -27.31 -36.60
N TRP K 189 44.16 -26.27 -37.42
CA TRP K 189 44.02 -26.43 -38.87
C TRP K 189 45.18 -27.19 -39.51
N LYS K 190 46.41 -26.82 -39.16
CA LYS K 190 47.58 -27.41 -39.77
C LYS K 190 47.91 -28.80 -39.24
N SER K 191 47.43 -29.11 -38.04
CA SER K 191 47.80 -30.37 -37.41
C SER K 191 46.94 -31.53 -37.88
N HIS K 192 45.89 -31.23 -38.63
CA HIS K 192 44.97 -32.27 -39.08
C HIS K 192 45.21 -32.66 -40.53
N ARG K 193 44.94 -33.92 -40.87
CA ARG K 193 45.12 -34.38 -42.23
C ARG K 193 44.06 -33.81 -43.15
N SER K 194 42.85 -33.66 -42.62
CA SER K 194 41.74 -33.09 -43.38
C SER K 194 40.56 -32.70 -42.50
N TYR K 195 39.75 -31.78 -43.00
CA TYR K 195 38.49 -31.42 -42.37
C TYR K 195 37.37 -31.63 -43.39
N SER K 196 36.19 -32.03 -42.92
CA SER K 196 35.09 -32.33 -43.82
C SER K 196 33.80 -31.62 -43.45
N CYS K 197 33.05 -31.23 -44.47
CA CYS K 197 31.71 -30.67 -44.27
C CYS K 197 30.65 -31.61 -44.85
N GLN K 198 29.83 -32.18 -43.98
CA GLN K 198 28.82 -33.13 -44.41
C GLN K 198 27.43 -32.53 -44.35
N VAL K 199 26.82 -32.35 -45.52
CA VAL K 199 25.48 -31.79 -45.61
C VAL K 199 24.47 -32.89 -45.94
N THR K 200 23.55 -33.12 -45.02
CA THR K 200 22.54 -34.15 -45.20
C THR K 200 21.21 -33.53 -45.64
N HIS K 201 20.69 -34.01 -46.75
CA HIS K 201 19.44 -33.48 -47.30
C HIS K 201 18.56 -34.62 -47.82
N GLU K 202 17.37 -34.73 -47.26
CA GLU K 202 16.41 -35.77 -47.63
C GLU K 202 17.00 -37.18 -47.50
N GLY K 203 17.83 -37.38 -46.47
CA GLY K 203 18.42 -38.68 -46.22
C GLY K 203 19.76 -38.88 -46.92
N SER K 204 20.05 -38.04 -47.90
CA SER K 204 21.30 -38.15 -48.65
C SER K 204 22.33 -37.16 -48.14
N THR K 205 23.59 -37.58 -48.07
CA THR K 205 24.65 -36.75 -47.55
C THR K 205 25.67 -36.36 -48.63
N VAL K 206 25.89 -35.06 -48.77
CA VAL K 206 26.90 -34.55 -49.68
C VAL K 206 28.09 -34.05 -48.87
N GLU K 207 29.29 -34.55 -49.18
CA GLU K 207 30.46 -34.23 -48.38
C GLU K 207 31.57 -33.56 -49.20
N LYS K 208 32.15 -32.51 -48.64
CA LYS K 208 33.33 -31.87 -49.21
C LYS K 208 34.45 -31.86 -48.18
N THR K 209 35.70 -31.97 -48.65
CA THR K 209 36.84 -32.09 -47.77
C THR K 209 38.00 -31.21 -48.20
N VAL K 210 38.61 -30.51 -47.24
CA VAL K 210 39.78 -29.69 -47.52
C VAL K 210 40.95 -30.07 -46.61
N ALA K 211 42.17 -29.83 -47.09
CA ALA K 211 43.38 -30.17 -46.36
C ALA K 211 44.35 -28.98 -46.37
N PRO K 212 45.14 -28.84 -45.29
CA PRO K 212 46.10 -27.73 -45.22
C PRO K 212 47.34 -27.94 -46.08
N THR K 213 47.37 -29.01 -46.86
CA THR K 213 48.50 -29.31 -47.72
C THR K 213 48.19 -29.16 -49.20
N GLU K 214 46.92 -29.30 -49.56
CA GLU K 214 46.51 -29.21 -50.95
C GLU K 214 46.75 -27.83 -51.54
N CYS K 215 47.28 -27.80 -52.76
CA CYS K 215 47.58 -26.55 -53.45
C CYS K 215 47.07 -26.58 -54.89
N SER L 4 -3.65 -1.53 8.81
CA SER L 4 -2.38 -0.99 8.34
C SER L 4 -1.81 -1.86 7.22
N SER L 5 -0.56 -1.62 6.86
CA SER L 5 0.08 -2.34 5.76
C SER L 5 0.44 -3.76 6.19
N SER L 6 0.75 -3.92 7.47
CA SER L 6 1.10 -5.23 8.02
C SER L 6 -0.12 -6.13 7.93
N THR L 7 -1.28 -5.60 8.29
CA THR L 7 -2.55 -6.32 8.21
C THR L 7 -2.88 -6.70 6.77
N LYS L 8 -2.44 -5.88 5.82
CA LYS L 8 -2.70 -6.13 4.41
C LYS L 8 -1.80 -7.21 3.83
N LYS L 9 -0.54 -7.22 4.25
CA LYS L 9 0.44 -8.18 3.74
C LYS L 9 0.12 -9.60 4.16
N THR L 10 -0.25 -9.79 5.43
CA THR L 10 -0.63 -11.09 5.94
C THR L 10 -1.88 -11.60 5.23
N GLN L 11 -2.85 -10.71 5.04
CA GLN L 11 -4.10 -11.05 4.36
C GLN L 11 -3.87 -11.51 2.93
N LEU L 12 -2.92 -10.88 2.24
CA LEU L 12 -2.58 -11.26 0.88
C LEU L 12 -1.92 -12.64 0.86
N GLN L 13 -1.07 -12.89 1.86
CA GLN L 13 -0.39 -14.17 1.97
C GLN L 13 -1.38 -15.28 2.30
N LEU L 14 -2.42 -14.94 3.07
CA LEU L 14 -3.43 -15.92 3.46
C LEU L 14 -4.28 -16.32 2.26
N GLU L 15 -4.67 -15.33 1.45
CA GLU L 15 -5.48 -15.60 0.28
C GLU L 15 -4.63 -16.32 -0.77
N HIS L 16 -3.33 -16.04 -0.77
CA HIS L 16 -2.39 -16.77 -1.61
C HIS L 16 -2.44 -18.24 -1.23
N LEU L 17 -2.36 -18.50 0.07
CA LEU L 17 -2.49 -19.86 0.61
C LEU L 17 -3.86 -20.44 0.28
N LEU L 18 -4.90 -19.64 0.54
CA LEU L 18 -6.28 -20.04 0.30
C LEU L 18 -6.54 -20.50 -1.13
N LEU L 19 -6.13 -19.68 -2.09
CA LEU L 19 -6.37 -19.97 -3.51
C LEU L 19 -5.67 -21.24 -3.97
N ASP L 20 -4.46 -21.47 -3.47
CA ASP L 20 -3.71 -22.68 -3.82
C ASP L 20 -4.40 -23.92 -3.28
N LEU L 21 -4.94 -23.82 -2.06
CA LEU L 21 -5.69 -24.91 -1.46
C LEU L 21 -6.96 -25.20 -2.25
N GLN L 22 -7.59 -24.13 -2.74
CA GLN L 22 -8.83 -24.27 -3.51
C GLN L 22 -8.55 -24.88 -4.89
N MET L 23 -7.37 -24.61 -5.43
CA MET L 23 -6.98 -25.20 -6.71
C MET L 23 -6.91 -26.71 -6.59
N ILE L 24 -6.32 -27.16 -5.48
CA ILE L 24 -6.22 -28.58 -5.19
C ILE L 24 -7.61 -29.19 -4.98
N LEU L 25 -8.43 -28.51 -4.16
CA LEU L 25 -9.78 -28.97 -3.86
C LEU L 25 -10.64 -29.06 -5.12
N ASN L 26 -10.65 -27.99 -5.90
CA ASN L 26 -11.43 -27.95 -7.14
C ASN L 26 -10.94 -28.99 -8.14
N GLY L 27 -9.63 -29.23 -8.12
CA GLY L 27 -9.03 -30.24 -8.97
C GLY L 27 -9.50 -31.64 -8.63
N ILE L 28 -9.60 -31.92 -7.33
CA ILE L 28 -10.02 -33.24 -6.86
C ILE L 28 -11.52 -33.47 -7.11
N ASN L 29 -12.32 -32.45 -6.82
CA ASN L 29 -13.77 -32.55 -7.00
C ASN L 29 -14.19 -32.77 -8.45
N ASN L 30 -13.52 -32.08 -9.36
CA ASN L 30 -13.85 -32.19 -10.79
C ASN L 30 -13.19 -33.40 -11.44
N TYR L 31 -12.29 -34.04 -10.69
CA TYR L 31 -11.61 -35.25 -11.15
C TYR L 31 -12.59 -36.42 -11.15
N LYS L 32 -12.67 -37.16 -12.26
CA LYS L 32 -13.59 -38.30 -12.38
C LYS L 32 -12.95 -39.57 -12.91
N ASN L 33 -12.72 -40.53 -12.01
CA ASN L 33 -12.09 -41.81 -12.37
C ASN L 33 -12.52 -42.92 -11.41
N PRO L 34 -12.65 -44.16 -11.92
CA PRO L 34 -13.01 -45.29 -11.03
C PRO L 34 -11.95 -45.62 -9.98
N LYS L 35 -10.70 -45.75 -10.40
CA LYS L 35 -9.62 -46.11 -9.46
C LYS L 35 -8.96 -44.83 -8.95
N LEU L 36 -9.71 -43.75 -9.02
CA LEU L 36 -9.29 -42.44 -8.54
C LEU L 36 -9.07 -42.41 -7.04
N THR L 37 -10.17 -42.65 -6.34
CA THR L 37 -10.23 -42.48 -4.90
C THR L 37 -9.27 -43.36 -4.12
N ARG L 38 -8.88 -44.49 -4.73
CA ARG L 38 -7.95 -45.41 -4.07
C ARG L 38 -6.66 -44.71 -3.69
N MET L 39 -6.17 -43.85 -4.57
CA MET L 39 -4.96 -43.08 -4.27
C MET L 39 -5.26 -41.91 -3.34
N LEU L 40 -6.45 -41.36 -3.44
CA LEU L 40 -6.84 -40.23 -2.62
C LEU L 40 -7.54 -40.68 -1.33
N THR L 41 -7.61 -41.98 -1.11
CA THR L 41 -8.30 -42.51 0.07
C THR L 41 -7.47 -42.32 1.34
N PHE L 42 -6.19 -41.99 1.16
CA PHE L 42 -5.29 -41.79 2.30
C PHE L 42 -5.82 -40.71 3.24
N LYS L 43 -5.73 -40.99 4.54
CA LYS L 43 -6.28 -40.10 5.56
C LYS L 43 -5.27 -39.06 6.02
N PHE L 44 -5.77 -37.84 6.24
CA PHE L 44 -4.94 -36.72 6.68
C PHE L 44 -5.29 -36.28 8.10
N TYR L 45 -4.26 -35.88 8.85
CA TYR L 45 -4.41 -35.47 10.24
C TYR L 45 -4.94 -34.05 10.37
N MET L 46 -5.84 -33.85 11.32
CA MET L 46 -6.52 -32.57 11.51
C MET L 46 -6.08 -31.88 12.79
N PRO L 47 -6.06 -30.54 12.79
CA PRO L 47 -5.72 -29.77 13.98
C PRO L 47 -6.84 -29.75 15.01
N LYS L 48 -6.49 -29.83 16.29
CA LYS L 48 -7.49 -29.74 17.35
C LYS L 48 -8.11 -28.34 17.37
N LYS L 49 -7.26 -27.33 17.41
CA LYS L 49 -7.70 -25.94 17.35
C LYS L 49 -6.89 -25.16 16.32
N ALA L 50 -7.59 -24.47 15.43
CA ALA L 50 -6.95 -23.63 14.42
C ALA L 50 -7.38 -22.19 14.59
N THR L 51 -6.71 -21.47 15.50
CA THR L 51 -7.13 -20.13 15.86
C THR L 51 -6.15 -19.05 15.41
N GLU L 52 -4.85 -19.35 15.47
CA GLU L 52 -3.84 -18.39 15.05
C GLU L 52 -2.86 -18.99 14.06
N LEU L 53 -2.01 -18.14 13.49
CA LEU L 53 -1.06 -18.51 12.44
C LEU L 53 -0.08 -19.62 12.82
N LYS L 54 0.30 -19.69 14.10
CA LYS L 54 1.27 -20.70 14.53
C LYS L 54 0.73 -22.12 14.38
N HIS L 55 -0.60 -22.24 14.31
CA HIS L 55 -1.24 -23.54 14.16
C HIS L 55 -1.10 -24.09 12.74
N LEU L 56 -0.48 -23.32 11.85
CA LEU L 56 -0.22 -23.78 10.48
C LEU L 56 0.85 -24.87 10.47
N GLN L 57 1.45 -25.12 11.62
CA GLN L 57 2.38 -26.23 11.79
C GLN L 57 1.68 -27.55 11.47
N CYS L 58 0.40 -27.62 11.81
CA CYS L 58 -0.42 -28.80 11.53
C CYS L 58 -0.51 -29.04 10.03
N LEU L 59 -0.53 -27.96 9.26
CA LEU L 59 -0.56 -28.04 7.81
C LEU L 59 0.82 -28.38 7.26
N GLU L 60 1.86 -27.74 7.79
CA GLU L 60 3.22 -27.92 7.32
C GLU L 60 3.70 -29.36 7.44
N GLU L 61 3.41 -29.98 8.57
CA GLU L 61 3.84 -31.37 8.80
C GLU L 61 3.06 -32.34 7.93
N GLU L 62 1.91 -31.89 7.45
CA GLU L 62 1.06 -32.73 6.59
C GLU L 62 1.31 -32.43 5.12
N LEU L 63 2.24 -31.52 4.84
CA LEU L 63 2.54 -31.12 3.47
C LEU L 63 3.25 -32.21 2.68
N LYS L 64 4.20 -32.88 3.32
CA LYS L 64 4.98 -33.93 2.65
C LYS L 64 4.11 -35.14 2.28
N PRO L 65 3.26 -35.63 3.21
CA PRO L 65 2.37 -36.70 2.76
C PRO L 65 1.36 -36.20 1.71
N LEU L 66 0.95 -34.94 1.83
CA LEU L 66 0.06 -34.33 0.85
C LEU L 66 0.67 -34.35 -0.54
N GLU L 67 1.95 -34.02 -0.61
CA GLU L 67 2.68 -34.04 -1.88
C GLU L 67 2.69 -35.42 -2.51
N GLU L 68 3.03 -36.44 -1.72
CA GLU L 68 3.15 -37.80 -2.24
C GLU L 68 1.78 -38.39 -2.62
N VAL L 69 0.74 -38.03 -1.86
CA VAL L 69 -0.61 -38.49 -2.19
C VAL L 69 -1.07 -37.88 -3.52
N LEU L 70 -0.84 -36.58 -3.69
CA LEU L 70 -1.18 -35.92 -4.95
C LEU L 70 -0.34 -36.49 -6.09
N ASN L 71 0.93 -36.78 -5.78
CA ASN L 71 1.84 -37.37 -6.75
C ASN L 71 1.38 -38.76 -7.17
N LEU L 72 0.81 -39.50 -6.22
CA LEU L 72 0.35 -40.86 -6.46
C LEU L 72 -0.82 -40.91 -7.44
N ALA L 73 -1.74 -39.96 -7.31
CA ALA L 73 -2.88 -39.88 -8.20
C ALA L 73 -2.62 -38.89 -9.33
N GLN L 74 -1.85 -39.32 -10.33
CA GLN L 74 -1.53 -38.44 -11.46
C GLN L 74 -1.82 -39.10 -12.80
N SER L 75 -3.05 -38.92 -13.29
CA SER L 75 -3.43 -39.41 -14.62
C SER L 75 -3.39 -38.28 -15.63
N LYS L 76 -3.87 -38.54 -16.85
CA LYS L 76 -3.97 -37.51 -17.88
C LYS L 76 -4.79 -36.32 -17.41
N ASN L 77 -5.96 -36.62 -16.87
CA ASN L 77 -6.91 -35.59 -16.46
C ASN L 77 -6.48 -34.82 -15.22
N PHE L 78 -5.66 -35.44 -14.38
CA PHE L 78 -5.23 -34.82 -13.13
C PHE L 78 -3.75 -34.46 -13.15
N HIS L 79 -3.46 -33.20 -13.47
CA HIS L 79 -2.09 -32.72 -13.56
C HIS L 79 -1.91 -31.47 -12.71
N LEU L 80 -1.22 -31.60 -11.57
CA LEU L 80 -1.15 -30.52 -10.59
C LEU L 80 0.26 -30.06 -10.24
N ARG L 81 1.27 -30.83 -10.65
CA ARG L 81 2.66 -30.54 -10.29
C ARG L 81 2.83 -30.43 -8.77
N PRO L 82 2.64 -31.54 -8.05
CA PRO L 82 2.60 -31.55 -6.59
C PRO L 82 3.88 -31.01 -5.93
N ARG L 83 5.04 -31.45 -6.39
CA ARG L 83 6.31 -31.06 -5.78
C ARG L 83 6.49 -29.54 -5.73
N ASP L 84 6.17 -28.87 -6.83
CA ASP L 84 6.30 -27.41 -6.89
C ASP L 84 5.14 -26.72 -6.21
N LEU L 85 3.94 -27.29 -6.34
CA LEU L 85 2.74 -26.73 -5.72
C LEU L 85 2.84 -26.70 -4.20
N ILE L 86 3.25 -27.83 -3.62
CA ILE L 86 3.41 -27.92 -2.17
C ILE L 86 4.54 -27.01 -1.72
N SER L 87 5.60 -26.95 -2.51
CA SER L 87 6.73 -26.06 -2.23
C SER L 87 6.29 -24.60 -2.19
N ASN L 88 5.38 -24.23 -3.09
CA ASN L 88 4.80 -22.90 -3.09
C ASN L 88 3.93 -22.67 -1.87
N ILE L 89 3.14 -23.68 -1.50
CA ILE L 89 2.33 -23.62 -0.29
C ILE L 89 3.24 -23.55 0.93
N ASN L 90 4.34 -24.29 0.88
CA ASN L 90 5.28 -24.38 2.00
C ASN L 90 5.93 -23.03 2.36
N VAL L 91 6.43 -22.33 1.36
CA VAL L 91 7.13 -21.07 1.61
C VAL L 91 6.18 -20.00 2.16
N ILE L 92 4.91 -20.11 1.80
CA ILE L 92 3.89 -19.20 2.30
C ILE L 92 3.57 -19.51 3.76
N VAL L 93 3.45 -20.80 4.06
CA VAL L 93 3.19 -21.24 5.43
C VAL L 93 4.28 -20.76 6.38
N LEU L 94 5.53 -20.90 5.96
CA LEU L 94 6.67 -20.48 6.77
C LEU L 94 6.67 -18.98 7.02
N GLU L 95 6.14 -18.20 6.07
CA GLU L 95 6.04 -16.76 6.23
C GLU L 95 4.93 -16.40 7.20
N LEU L 96 3.93 -17.27 7.31
CA LEU L 96 2.78 -17.03 8.18
C LEU L 96 3.05 -17.58 9.57
N LYS L 97 3.63 -18.78 9.62
CA LYS L 97 3.89 -19.47 10.87
C LYS L 97 5.17 -18.95 11.54
N GLY L 98 6.06 -18.38 10.73
CA GLY L 98 7.33 -17.89 11.23
C GLY L 98 8.48 -18.80 10.86
N PHE L 103 7.49 -24.88 17.37
CA PHE L 103 6.22 -25.39 17.85
C PHE L 103 5.88 -26.70 17.16
N MET L 104 5.50 -27.71 17.95
CA MET L 104 5.11 -29.00 17.39
C MET L 104 3.60 -29.16 17.40
N CYS L 105 3.03 -29.37 16.21
CA CYS L 105 1.59 -29.44 16.00
C CYS L 105 0.83 -30.35 16.97
N GLU L 106 -0.35 -29.89 17.35
CA GLU L 106 -1.29 -30.66 18.14
C GLU L 106 -2.33 -31.28 17.21
N TYR L 107 -2.53 -32.58 17.31
CA TYR L 107 -3.42 -33.26 16.37
C TYR L 107 -4.70 -33.78 17.04
N ALA L 108 -5.78 -33.75 16.27
CA ALA L 108 -7.05 -34.32 16.71
C ALA L 108 -6.97 -35.84 16.64
N ASP L 109 -7.85 -36.51 17.38
CA ASP L 109 -7.88 -37.96 17.38
C ASP L 109 -8.54 -38.49 16.12
N GLU L 110 -9.34 -37.64 15.47
CA GLU L 110 -10.05 -38.02 14.25
C GLU L 110 -9.25 -37.71 13.00
N THR L 111 -9.08 -38.72 12.14
CA THR L 111 -8.45 -38.50 10.84
C THR L 111 -9.53 -38.17 9.82
N ALA L 112 -9.14 -37.53 8.72
CA ALA L 112 -10.10 -37.11 7.70
C ALA L 112 -9.61 -37.40 6.29
N THR L 113 -10.48 -37.14 5.31
CA THR L 113 -10.14 -37.30 3.90
C THR L 113 -9.51 -35.99 3.40
N ILE L 114 -8.94 -36.04 2.21
CA ILE L 114 -8.28 -34.86 1.64
C ILE L 114 -9.24 -33.70 1.48
N VAL L 115 -10.49 -34.02 1.16
CA VAL L 115 -11.54 -33.01 0.99
C VAL L 115 -11.84 -32.34 2.32
N GLU L 116 -12.02 -33.15 3.36
CA GLU L 116 -12.27 -32.63 4.70
C GLU L 116 -11.04 -31.86 5.18
N PHE L 117 -9.87 -32.38 4.84
CA PHE L 117 -8.60 -31.74 5.18
C PHE L 117 -8.44 -30.38 4.53
N LEU L 118 -8.74 -30.31 3.24
CA LEU L 118 -8.61 -29.06 2.49
C LEU L 118 -9.65 -28.03 2.91
N ASN L 119 -10.91 -28.45 3.03
CA ASN L 119 -11.98 -27.57 3.48
C ASN L 119 -11.69 -26.94 4.83
N ARG L 120 -11.08 -27.72 5.73
CA ARG L 120 -10.73 -27.24 7.05
C ARG L 120 -9.79 -26.04 6.98
N TRP L 121 -8.72 -26.18 6.22
CA TRP L 121 -7.73 -25.12 6.09
C TRP L 121 -8.21 -23.98 5.19
N ILE L 122 -9.11 -24.32 4.26
CA ILE L 122 -9.75 -23.29 3.43
C ILE L 122 -10.65 -22.42 4.29
N THR L 123 -11.46 -23.06 5.12
CA THR L 123 -12.31 -22.36 6.08
C THR L 123 -11.45 -21.54 7.04
N PHE L 124 -10.32 -22.13 7.44
CA PHE L 124 -9.37 -21.48 8.33
C PHE L 124 -8.89 -20.14 7.79
N CYS L 125 -8.40 -20.16 6.55
CA CYS L 125 -7.91 -18.95 5.89
C CYS L 125 -9.00 -17.88 5.79
N GLN L 126 -10.19 -18.31 5.38
CA GLN L 126 -11.33 -17.40 5.25
C GLN L 126 -11.71 -16.75 6.58
N SER L 127 -11.60 -17.52 7.66
CA SER L 127 -11.96 -17.02 8.99
C SER L 127 -11.02 -15.90 9.45
N ILE L 128 -9.73 -16.06 9.17
CA ILE L 128 -8.74 -15.06 9.58
C ILE L 128 -8.83 -13.81 8.71
N ILE L 129 -8.99 -14.01 7.41
CA ILE L 129 -9.10 -12.92 6.45
C ILE L 129 -10.28 -11.99 6.75
N SER L 130 -11.42 -12.58 7.05
CA SER L 130 -12.63 -11.80 7.35
C SER L 130 -12.45 -10.93 8.60
N THR L 131 -11.67 -11.41 9.55
CA THR L 131 -11.43 -10.68 10.79
C THR L 131 -10.55 -9.45 10.54
N LEU L 132 -9.60 -9.58 9.63
CA LEU L 132 -8.69 -8.49 9.31
C LEU L 132 -9.37 -7.42 8.46
N THR L 133 -10.56 -7.71 7.95
CA THR L 133 -11.30 -6.75 7.14
C THR L 133 -12.54 -6.26 7.88
#